data_6BBK
# 
_entry.id   6BBK 
# 
_audit_conform.dict_name       mmcif_pdbx.dic 
_audit_conform.dict_version    5.397 
_audit_conform.dict_location   http://mmcif.pdb.org/dictionaries/ascii/mmcif_pdbx.dic 
# 
loop_
_database_2.database_id 
_database_2.database_code 
_database_2.pdbx_database_accession 
_database_2.pdbx_DOI 
PDB   6BBK         pdb_00006bbk 10.2210/pdb6bbk/pdb 
WWPDB D_1000230371 ?            ?                   
# 
loop_
_pdbx_audit_revision_history.ordinal 
_pdbx_audit_revision_history.data_content_type 
_pdbx_audit_revision_history.major_revision 
_pdbx_audit_revision_history.minor_revision 
_pdbx_audit_revision_history.revision_date 
1 'Structure model' 1 0 2018-11-21 
2 'Structure model' 1 1 2024-10-23 
# 
_pdbx_audit_revision_details.ordinal             1 
_pdbx_audit_revision_details.revision_ordinal    1 
_pdbx_audit_revision_details.data_content_type   'Structure model' 
_pdbx_audit_revision_details.provider            repository 
_pdbx_audit_revision_details.type                'Initial release' 
_pdbx_audit_revision_details.description         ? 
_pdbx_audit_revision_details.details             ? 
# 
loop_
_pdbx_audit_revision_group.ordinal 
_pdbx_audit_revision_group.revision_ordinal 
_pdbx_audit_revision_group.data_content_type 
_pdbx_audit_revision_group.group 
1 2 'Structure model' 'Data collection'     
2 2 'Structure model' 'Database references' 
3 2 'Structure model' 'Structure summary'   
# 
loop_
_pdbx_audit_revision_category.ordinal 
_pdbx_audit_revision_category.revision_ordinal 
_pdbx_audit_revision_category.data_content_type 
_pdbx_audit_revision_category.category 
1 2 'Structure model' chem_comp_atom            
2 2 'Structure model' chem_comp_bond            
3 2 'Structure model' database_2                
4 2 'Structure model' pdbx_entry_details        
5 2 'Structure model' pdbx_modification_feature 
# 
loop_
_pdbx_audit_revision_item.ordinal 
_pdbx_audit_revision_item.revision_ordinal 
_pdbx_audit_revision_item.data_content_type 
_pdbx_audit_revision_item.item 
1 2 'Structure model' '_database_2.pdbx_DOI'                
2 2 'Structure model' '_database_2.pdbx_database_accession' 
# 
_pdbx_database_status.status_code                     REL 
_pdbx_database_status.status_code_sf                  REL 
_pdbx_database_status.status_code_mr                  ? 
_pdbx_database_status.entry_id                        6BBK 
_pdbx_database_status.recvd_initial_deposition_date   2017-10-18 
_pdbx_database_status.SG_entry                        N 
_pdbx_database_status.deposit_site                    RCSB 
_pdbx_database_status.process_site                    RCSB 
_pdbx_database_status.status_code_cs                  ? 
_pdbx_database_status.methods_development_category    ? 
_pdbx_database_status.pdb_format_compatible           Y 
_pdbx_database_status.status_code_nmr_data            ? 
# 
loop_
_audit_author.name 
_audit_author.pdbx_ordinal 
_audit_author.identifier_ORCID 
'Shen, Y.'      1 ?                   
'Guarne, A.'    2 0000-0003-4906-9132 
'Nguyen, Y.'    3 ?                   
'Burrows, L.L.' 4 0000-0003-0838-5040 
# 
_citation.abstract                  ? 
_citation.abstract_id_CAS           ? 
_citation.book_id_ISBN              ? 
_citation.book_publisher            ? 
_citation.book_publisher_city       ? 
_citation.book_title                ? 
_citation.coordinate_linkage        ? 
_citation.country                   ? 
_citation.database_id_Medline       ? 
_citation.details                   ? 
_citation.id                        primary 
_citation.journal_abbrev            'To Be Published' 
_citation.journal_id_ASTM           ? 
_citation.journal_id_CSD            0353 
_citation.journal_id_ISSN           ? 
_citation.journal_full              ? 
_citation.journal_issue             ? 
_citation.journal_volume            ? 
_citation.language                  ? 
_citation.page_first                ? 
_citation.page_last                 ? 
_citation.title                     'N-terminally truncated group I PilA from Pseudomonas aeruginosa strain 1244' 
_citation.year                      ? 
_citation.database_id_CSD           ? 
_citation.pdbx_database_id_DOI      ? 
_citation.pdbx_database_id_PubMed   ? 
_citation.unpublished_flag          ? 
# 
loop_
_citation_author.citation_id 
_citation_author.name 
_citation_author.ordinal 
_citation_author.identifier_ORCID 
primary 'Shen, Y.'      1 ? 
primary 'Nguyen, Y.'    2 ? 
primary 'Guarne, A.'    3 ? 
primary 'Burrows, L.L.' 4 ? 
# 
loop_
_entity.id 
_entity.type 
_entity.src_method 
_entity.pdbx_description 
_entity.formula_weight 
_entity.pdbx_number_of_molecules 
_entity.pdbx_ec 
_entity.pdbx_mutation 
_entity.pdbx_fragment 
_entity.details 
1 polymer man 'Fimbrial protein' 13202.734 1   ? ? ? ? 
2 water   nat water              18.015    119 ? ? ? ? 
# 
_entity_name_com.entity_id   1 
_entity_name_com.name        Pilin 
# 
_entity_poly.entity_id                      1 
_entity_poly.type                           'polypeptide(L)' 
_entity_poly.nstd_linkage                   no 
_entity_poly.nstd_monomer                   no 
_entity_poly.pdbx_seq_one_letter_code       
;GIDPFTARTQVTRAVSEVSALKTAAESAILEGKEIVSSATPKDTQYDIGFTESTLLDGSGKSQIQVTDNQDGTVELVATL
GKSSGSAIKGAVITVSRKNDGVWNCKITKTPTAWKPNYAPANCPKS
;
_entity_poly.pdbx_seq_one_letter_code_can   
;GIDPFTARTQVTRAVSEVSALKTAAESAILEGKEIVSSATPKDTQYDIGFTESTLLDGSGKSQIQVTDNQDGTVELVATL
GKSSGSAIKGAVITVSRKNDGVWNCKITKTPTAWKPNYAPANCPKS
;
_entity_poly.pdbx_strand_id                 A 
_entity_poly.pdbx_target_identifier         ? 
# 
_pdbx_entity_nonpoly.entity_id   2 
_pdbx_entity_nonpoly.name        water 
_pdbx_entity_nonpoly.comp_id     HOH 
# 
loop_
_entity_poly_seq.entity_id 
_entity_poly_seq.num 
_entity_poly_seq.mon_id 
_entity_poly_seq.hetero 
1 1   GLY n 
1 2   ILE n 
1 3   ASP n 
1 4   PRO n 
1 5   PHE n 
1 6   THR n 
1 7   ALA n 
1 8   ARG n 
1 9   THR n 
1 10  GLN n 
1 11  VAL n 
1 12  THR n 
1 13  ARG n 
1 14  ALA n 
1 15  VAL n 
1 16  SER n 
1 17  GLU n 
1 18  VAL n 
1 19  SER n 
1 20  ALA n 
1 21  LEU n 
1 22  LYS n 
1 23  THR n 
1 24  ALA n 
1 25  ALA n 
1 26  GLU n 
1 27  SER n 
1 28  ALA n 
1 29  ILE n 
1 30  LEU n 
1 31  GLU n 
1 32  GLY n 
1 33  LYS n 
1 34  GLU n 
1 35  ILE n 
1 36  VAL n 
1 37  SER n 
1 38  SER n 
1 39  ALA n 
1 40  THR n 
1 41  PRO n 
1 42  LYS n 
1 43  ASP n 
1 44  THR n 
1 45  GLN n 
1 46  TYR n 
1 47  ASP n 
1 48  ILE n 
1 49  GLY n 
1 50  PHE n 
1 51  THR n 
1 52  GLU n 
1 53  SER n 
1 54  THR n 
1 55  LEU n 
1 56  LEU n 
1 57  ASP n 
1 58  GLY n 
1 59  SER n 
1 60  GLY n 
1 61  LYS n 
1 62  SER n 
1 63  GLN n 
1 64  ILE n 
1 65  GLN n 
1 66  VAL n 
1 67  THR n 
1 68  ASP n 
1 69  ASN n 
1 70  GLN n 
1 71  ASP n 
1 72  GLY n 
1 73  THR n 
1 74  VAL n 
1 75  GLU n 
1 76  LEU n 
1 77  VAL n 
1 78  ALA n 
1 79  THR n 
1 80  LEU n 
1 81  GLY n 
1 82  LYS n 
1 83  SER n 
1 84  SER n 
1 85  GLY n 
1 86  SER n 
1 87  ALA n 
1 88  ILE n 
1 89  LYS n 
1 90  GLY n 
1 91  ALA n 
1 92  VAL n 
1 93  ILE n 
1 94  THR n 
1 95  VAL n 
1 96  SER n 
1 97  ARG n 
1 98  LYS n 
1 99  ASN n 
1 100 ASP n 
1 101 GLY n 
1 102 VAL n 
1 103 TRP n 
1 104 ASN n 
1 105 CYS n 
1 106 LYS n 
1 107 ILE n 
1 108 THR n 
1 109 LYS n 
1 110 THR n 
1 111 PRO n 
1 112 THR n 
1 113 ALA n 
1 114 TRP n 
1 115 LYS n 
1 116 PRO n 
1 117 ASN n 
1 118 TYR n 
1 119 ALA n 
1 120 PRO n 
1 121 ALA n 
1 122 ASN n 
1 123 CYS n 
1 124 PRO n 
1 125 LYS n 
1 126 SER n 
# 
_entity_src_gen.entity_id                          1 
_entity_src_gen.pdbx_src_id                        1 
_entity_src_gen.pdbx_alt_source_flag               sample 
_entity_src_gen.pdbx_seq_type                      'Biological sequence' 
_entity_src_gen.pdbx_beg_seq_num                   1 
_entity_src_gen.pdbx_end_seq_num                   126 
_entity_src_gen.gene_src_common_name               ? 
_entity_src_gen.gene_src_genus                     ? 
_entity_src_gen.pdbx_gene_src_gene                 'pilA, fimA' 
_entity_src_gen.gene_src_species                   ? 
_entity_src_gen.gene_src_strain                    ? 
_entity_src_gen.gene_src_tissue                    ? 
_entity_src_gen.gene_src_tissue_fraction           ? 
_entity_src_gen.gene_src_details                   ? 
_entity_src_gen.pdbx_gene_src_fragment             ? 
_entity_src_gen.pdbx_gene_src_scientific_name      'Pseudomonas aeruginosa' 
_entity_src_gen.pdbx_gene_src_ncbi_taxonomy_id     287 
_entity_src_gen.pdbx_gene_src_variant              ? 
_entity_src_gen.pdbx_gene_src_cell_line            ? 
_entity_src_gen.pdbx_gene_src_atcc                 ? 
_entity_src_gen.pdbx_gene_src_organ                ? 
_entity_src_gen.pdbx_gene_src_organelle            ? 
_entity_src_gen.pdbx_gene_src_cell                 ? 
_entity_src_gen.pdbx_gene_src_cellular_location    ? 
_entity_src_gen.host_org_common_name               ? 
_entity_src_gen.pdbx_host_org_scientific_name      'Escherichia coli' 
_entity_src_gen.pdbx_host_org_ncbi_taxonomy_id     562 
_entity_src_gen.host_org_genus                     ? 
_entity_src_gen.pdbx_host_org_gene                 ? 
_entity_src_gen.pdbx_host_org_organ                ? 
_entity_src_gen.host_org_species                   ? 
_entity_src_gen.pdbx_host_org_tissue               ? 
_entity_src_gen.pdbx_host_org_tissue_fraction      ? 
_entity_src_gen.pdbx_host_org_strain               Origami2 
_entity_src_gen.pdbx_host_org_variant              'non-reducing cytoplasm' 
_entity_src_gen.pdbx_host_org_cell_line            ? 
_entity_src_gen.pdbx_host_org_atcc                 ? 
_entity_src_gen.pdbx_host_org_culture_collection   ? 
_entity_src_gen.pdbx_host_org_cell                 ? 
_entity_src_gen.pdbx_host_org_organelle            ? 
_entity_src_gen.pdbx_host_org_cellular_location    ? 
_entity_src_gen.pdbx_host_org_vector_type          ? 
_entity_src_gen.pdbx_host_org_vector               ? 
_entity_src_gen.host_org_details                   ? 
_entity_src_gen.expression_system_id               ? 
_entity_src_gen.plasmid_name                       ? 
_entity_src_gen.plasmid_details                    ? 
_entity_src_gen.pdbx_description                   ? 
# 
loop_
_chem_comp.id 
_chem_comp.type 
_chem_comp.mon_nstd_flag 
_chem_comp.name 
_chem_comp.pdbx_synonyms 
_chem_comp.formula 
_chem_comp.formula_weight 
ALA 'L-peptide linking' y ALANINE         ? 'C3 H7 N O2'     89.093  
ARG 'L-peptide linking' y ARGININE        ? 'C6 H15 N4 O2 1' 175.209 
ASN 'L-peptide linking' y ASPARAGINE      ? 'C4 H8 N2 O3'    132.118 
ASP 'L-peptide linking' y 'ASPARTIC ACID' ? 'C4 H7 N O4'     133.103 
CYS 'L-peptide linking' y CYSTEINE        ? 'C3 H7 N O2 S'   121.158 
GLN 'L-peptide linking' y GLUTAMINE       ? 'C5 H10 N2 O3'   146.144 
GLU 'L-peptide linking' y 'GLUTAMIC ACID' ? 'C5 H9 N O4'     147.129 
GLY 'peptide linking'   y GLYCINE         ? 'C2 H5 N O2'     75.067  
HOH non-polymer         . WATER           ? 'H2 O'           18.015  
ILE 'L-peptide linking' y ISOLEUCINE      ? 'C6 H13 N O2'    131.173 
LEU 'L-peptide linking' y LEUCINE         ? 'C6 H13 N O2'    131.173 
LYS 'L-peptide linking' y LYSINE          ? 'C6 H15 N2 O2 1' 147.195 
PHE 'L-peptide linking' y PHENYLALANINE   ? 'C9 H11 N O2'    165.189 
PRO 'L-peptide linking' y PROLINE         ? 'C5 H9 N O2'     115.130 
SER 'L-peptide linking' y SERINE          ? 'C3 H7 N O3'     105.093 
THR 'L-peptide linking' y THREONINE       ? 'C4 H9 N O3'     119.119 
TRP 'L-peptide linking' y TRYPTOPHAN      ? 'C11 H12 N2 O2'  204.225 
TYR 'L-peptide linking' y TYROSINE        ? 'C9 H11 N O3'    181.189 
VAL 'L-peptide linking' y VALINE          ? 'C5 H11 N O2'    117.146 
# 
loop_
_pdbx_poly_seq_scheme.asym_id 
_pdbx_poly_seq_scheme.entity_id 
_pdbx_poly_seq_scheme.seq_id 
_pdbx_poly_seq_scheme.mon_id 
_pdbx_poly_seq_scheme.ndb_seq_num 
_pdbx_poly_seq_scheme.pdb_seq_num 
_pdbx_poly_seq_scheme.auth_seq_num 
_pdbx_poly_seq_scheme.pdb_mon_id 
_pdbx_poly_seq_scheme.auth_mon_id 
_pdbx_poly_seq_scheme.pdb_strand_id 
_pdbx_poly_seq_scheme.pdb_ins_code 
_pdbx_poly_seq_scheme.hetero 
A 1 1   GLY 1   1   ?   ?   ?   A . n 
A 1 2   ILE 2   2   ?   ?   ?   A . n 
A 1 3   ASP 3   3   3   ASP ASP A . n 
A 1 4   PRO 4   4   4   PRO PRO A . n 
A 1 5   PHE 5   5   5   PHE PHE A . n 
A 1 6   THR 6   6   6   THR THR A . n 
A 1 7   ALA 7   7   7   ALA ALA A . n 
A 1 8   ARG 8   8   8   ARG ARG A . n 
A 1 9   THR 9   9   9   THR THR A . n 
A 1 10  GLN 10  10  10  GLN GLN A . n 
A 1 11  VAL 11  11  11  VAL VAL A . n 
A 1 12  THR 12  12  12  THR THR A . n 
A 1 13  ARG 13  13  13  ARG ARG A . n 
A 1 14  ALA 14  14  14  ALA ALA A . n 
A 1 15  VAL 15  15  15  VAL VAL A . n 
A 1 16  SER 16  16  16  SER SER A . n 
A 1 17  GLU 17  17  17  GLU GLU A . n 
A 1 18  VAL 18  18  18  VAL VAL A . n 
A 1 19  SER 19  19  19  SER SER A . n 
A 1 20  ALA 20  20  20  ALA ALA A . n 
A 1 21  LEU 21  21  21  LEU LEU A . n 
A 1 22  LYS 22  22  22  LYS LYS A . n 
A 1 23  THR 23  23  23  THR THR A . n 
A 1 24  ALA 24  24  24  ALA ALA A . n 
A 1 25  ALA 25  25  25  ALA ALA A . n 
A 1 26  GLU 26  26  26  GLU GLU A . n 
A 1 27  SER 27  27  27  SER SER A . n 
A 1 28  ALA 28  28  28  ALA ALA A . n 
A 1 29  ILE 29  29  29  ILE ILE A . n 
A 1 30  LEU 30  30  30  LEU LEU A . n 
A 1 31  GLU 31  31  31  GLU GLU A . n 
A 1 32  GLY 32  32  32  GLY GLY A . n 
A 1 33  LYS 33  33  33  LYS LYS A . n 
A 1 34  GLU 34  34  34  GLU GLU A . n 
A 1 35  ILE 35  35  35  ILE ILE A . n 
A 1 36  VAL 36  36  36  VAL VAL A . n 
A 1 37  SER 37  37  37  SER SER A . n 
A 1 38  SER 38  38  38  SER SER A . n 
A 1 39  ALA 39  39  39  ALA ALA A . n 
A 1 40  THR 40  40  40  THR THR A . n 
A 1 41  PRO 41  41  41  PRO PRO A . n 
A 1 42  LYS 42  42  42  LYS LYS A . n 
A 1 43  ASP 43  43  43  ASP ASP A . n 
A 1 44  THR 44  44  44  THR THR A . n 
A 1 45  GLN 45  45  45  GLN GLN A . n 
A 1 46  TYR 46  46  46  TYR TYR A . n 
A 1 47  ASP 47  47  47  ASP ASP A . n 
A 1 48  ILE 48  48  48  ILE ILE A . n 
A 1 49  GLY 49  49  49  GLY GLY A . n 
A 1 50  PHE 50  50  50  PHE PHE A . n 
A 1 51  THR 51  51  51  THR THR A . n 
A 1 52  GLU 52  52  52  GLU GLU A . n 
A 1 53  SER 53  53  53  SER SER A . n 
A 1 54  THR 54  54  54  THR THR A . n 
A 1 55  LEU 55  55  55  LEU LEU A . n 
A 1 56  LEU 56  56  56  LEU LEU A . n 
A 1 57  ASP 57  57  57  ASP ASP A . n 
A 1 58  GLY 58  58  58  GLY GLY A . n 
A 1 59  SER 59  59  59  SER SER A . n 
A 1 60  GLY 60  60  60  GLY GLY A . n 
A 1 61  LYS 61  61  61  LYS LYS A . n 
A 1 62  SER 62  62  62  SER SER A . n 
A 1 63  GLN 63  63  63  GLN GLN A . n 
A 1 64  ILE 64  64  64  ILE ILE A . n 
A 1 65  GLN 65  65  65  GLN GLN A . n 
A 1 66  VAL 66  66  66  VAL VAL A . n 
A 1 67  THR 67  67  67  THR THR A . n 
A 1 68  ASP 68  68  68  ASP ASP A . n 
A 1 69  ASN 69  69  69  ASN ASN A . n 
A 1 70  GLN 70  70  70  GLN GLN A . n 
A 1 71  ASP 71  71  71  ASP ASP A . n 
A 1 72  GLY 72  72  72  GLY GLY A . n 
A 1 73  THR 73  73  73  THR THR A . n 
A 1 74  VAL 74  74  74  VAL VAL A . n 
A 1 75  GLU 75  75  75  GLU GLU A . n 
A 1 76  LEU 76  76  76  LEU LEU A . n 
A 1 77  VAL 77  77  77  VAL VAL A . n 
A 1 78  ALA 78  78  78  ALA ALA A . n 
A 1 79  THR 79  79  79  THR THR A . n 
A 1 80  LEU 80  80  80  LEU LEU A . n 
A 1 81  GLY 81  81  81  GLY GLY A . n 
A 1 82  LYS 82  82  82  LYS LYS A . n 
A 1 83  SER 83  83  83  SER SER A . n 
A 1 84  SER 84  84  84  SER SER A . n 
A 1 85  GLY 85  85  85  GLY GLY A . n 
A 1 86  SER 86  86  86  SER SER A . n 
A 1 87  ALA 87  87  87  ALA ALA A . n 
A 1 88  ILE 88  88  88  ILE ILE A . n 
A 1 89  LYS 89  89  89  LYS LYS A . n 
A 1 90  GLY 90  90  90  GLY GLY A . n 
A 1 91  ALA 91  91  91  ALA ALA A . n 
A 1 92  VAL 92  92  92  VAL VAL A . n 
A 1 93  ILE 93  93  93  ILE ILE A . n 
A 1 94  THR 94  94  94  THR THR A . n 
A 1 95  VAL 95  95  95  VAL VAL A . n 
A 1 96  SER 96  96  96  SER SER A . n 
A 1 97  ARG 97  97  97  ARG ARG A . n 
A 1 98  LYS 98  98  98  LYS LYS A . n 
A 1 99  ASN 99  99  99  ASN ASN A . n 
A 1 100 ASP 100 100 100 ASP ASP A . n 
A 1 101 GLY 101 101 101 GLY GLY A . n 
A 1 102 VAL 102 102 102 VAL VAL A . n 
A 1 103 TRP 103 103 103 TRP TRP A . n 
A 1 104 ASN 104 104 104 ASN ASN A . n 
A 1 105 CYS 105 105 105 CYS CYS A . n 
A 1 106 LYS 106 106 106 LYS LYS A . n 
A 1 107 ILE 107 107 107 ILE ILE A . n 
A 1 108 THR 108 108 108 THR THR A . n 
A 1 109 LYS 109 109 109 LYS LYS A . n 
A 1 110 THR 110 110 110 THR THR A . n 
A 1 111 PRO 111 111 111 PRO PRO A . n 
A 1 112 THR 112 112 112 THR THR A . n 
A 1 113 ALA 113 113 113 ALA ALA A . n 
A 1 114 TRP 114 114 114 TRP TRP A . n 
A 1 115 LYS 115 115 115 LYS LYS A . n 
A 1 116 PRO 116 116 116 PRO PRO A . n 
A 1 117 ASN 117 117 117 ASN ASN A . n 
A 1 118 TYR 118 118 118 TYR TYR A . n 
A 1 119 ALA 119 119 119 ALA ALA A . n 
A 1 120 PRO 120 120 120 PRO PRO A . n 
A 1 121 ALA 121 121 121 ALA ALA A . n 
A 1 122 ASN 122 122 122 ASN ASN A . n 
A 1 123 CYS 123 123 123 CYS CYS A . n 
A 1 124 PRO 124 124 124 PRO PRO A . n 
A 1 125 LYS 125 125 125 LYS LYS A . n 
A 1 126 SER 126 126 126 SER SER A . n 
# 
loop_
_pdbx_nonpoly_scheme.asym_id 
_pdbx_nonpoly_scheme.entity_id 
_pdbx_nonpoly_scheme.mon_id 
_pdbx_nonpoly_scheme.ndb_seq_num 
_pdbx_nonpoly_scheme.pdb_seq_num 
_pdbx_nonpoly_scheme.auth_seq_num 
_pdbx_nonpoly_scheme.pdb_mon_id 
_pdbx_nonpoly_scheme.auth_mon_id 
_pdbx_nonpoly_scheme.pdb_strand_id 
_pdbx_nonpoly_scheme.pdb_ins_code 
B 2 HOH 1   201 156 HOH HOH A . 
B 2 HOH 2   202 162 HOH HOH A . 
B 2 HOH 3   203 86  HOH HOH A . 
B 2 HOH 4   204 46  HOH HOH A . 
B 2 HOH 5   205 89  HOH HOH A . 
B 2 HOH 6   206 1   HOH HOH A . 
B 2 HOH 7   207 14  HOH HOH A . 
B 2 HOH 8   208 32  HOH HOH A . 
B 2 HOH 9   209 66  HOH HOH A . 
B 2 HOH 10  210 71  HOH HOH A . 
B 2 HOH 11  211 47  HOH HOH A . 
B 2 HOH 12  212 18  HOH HOH A . 
B 2 HOH 13  213 61  HOH HOH A . 
B 2 HOH 14  214 63  HOH HOH A . 
B 2 HOH 15  215 23  HOH HOH A . 
B 2 HOH 16  216 60  HOH HOH A . 
B 2 HOH 17  217 124 HOH HOH A . 
B 2 HOH 18  218 93  HOH HOH A . 
B 2 HOH 19  219 11  HOH HOH A . 
B 2 HOH 20  220 12  HOH HOH A . 
B 2 HOH 21  221 34  HOH HOH A . 
B 2 HOH 22  222 26  HOH HOH A . 
B 2 HOH 23  223 119 HOH HOH A . 
B 2 HOH 24  224 129 HOH HOH A . 
B 2 HOH 25  225 165 HOH HOH A . 
B 2 HOH 26  226 56  HOH HOH A . 
B 2 HOH 27  227 125 HOH HOH A . 
B 2 HOH 28  228 52  HOH HOH A . 
B 2 HOH 29  229 22  HOH HOH A . 
B 2 HOH 30  230 114 HOH HOH A . 
B 2 HOH 31  231 87  HOH HOH A . 
B 2 HOH 32  232 78  HOH HOH A . 
B 2 HOH 33  233 4   HOH HOH A . 
B 2 HOH 34  234 13  HOH HOH A . 
B 2 HOH 35  235 164 HOH HOH A . 
B 2 HOH 36  236 108 HOH HOH A . 
B 2 HOH 37  237 48  HOH HOH A . 
B 2 HOH 38  238 91  HOH HOH A . 
B 2 HOH 39  239 30  HOH HOH A . 
B 2 HOH 40  240 121 HOH HOH A . 
B 2 HOH 41  241 77  HOH HOH A . 
B 2 HOH 42  242 7   HOH HOH A . 
B 2 HOH 43  243 58  HOH HOH A . 
B 2 HOH 44  244 29  HOH HOH A . 
B 2 HOH 45  245 5   HOH HOH A . 
B 2 HOH 46  246 123 HOH HOH A . 
B 2 HOH 47  247 38  HOH HOH A . 
B 2 HOH 48  248 59  HOH HOH A . 
B 2 HOH 49  249 15  HOH HOH A . 
B 2 HOH 50  250 122 HOH HOH A . 
B 2 HOH 51  251 100 HOH HOH A . 
B 2 HOH 52  252 20  HOH HOH A . 
B 2 HOH 53  253 17  HOH HOH A . 
B 2 HOH 54  254 10  HOH HOH A . 
B 2 HOH 55  255 49  HOH HOH A . 
B 2 HOH 56  256 84  HOH HOH A . 
B 2 HOH 57  257 2   HOH HOH A . 
B 2 HOH 58  258 65  HOH HOH A . 
B 2 HOH 59  259 28  HOH HOH A . 
B 2 HOH 60  260 53  HOH HOH A . 
B 2 HOH 61  261 36  HOH HOH A . 
B 2 HOH 62  262 104 HOH HOH A . 
B 2 HOH 63  263 8   HOH HOH A . 
B 2 HOH 64  264 76  HOH HOH A . 
B 2 HOH 65  265 107 HOH HOH A . 
B 2 HOH 66  266 101 HOH HOH A . 
B 2 HOH 67  267 131 HOH HOH A . 
B 2 HOH 68  268 116 HOH HOH A . 
B 2 HOH 69  269 102 HOH HOH A . 
B 2 HOH 70  270 27  HOH HOH A . 
B 2 HOH 71  271 54  HOH HOH A . 
B 2 HOH 72  272 19  HOH HOH A . 
B 2 HOH 73  273 96  HOH HOH A . 
B 2 HOH 74  274 171 HOH HOH A . 
B 2 HOH 75  275 24  HOH HOH A . 
B 2 HOH 76  276 79  HOH HOH A . 
B 2 HOH 77  277 73  HOH HOH A . 
B 2 HOH 78  278 31  HOH HOH A . 
B 2 HOH 79  279 33  HOH HOH A . 
B 2 HOH 80  280 50  HOH HOH A . 
B 2 HOH 81  281 88  HOH HOH A . 
B 2 HOH 82  282 16  HOH HOH A . 
B 2 HOH 83  283 42  HOH HOH A . 
B 2 HOH 84  284 45  HOH HOH A . 
B 2 HOH 85  285 40  HOH HOH A . 
B 2 HOH 86  286 112 HOH HOH A . 
B 2 HOH 87  287 37  HOH HOH A . 
B 2 HOH 88  288 9   HOH HOH A . 
B 2 HOH 89  289 168 HOH HOH A . 
B 2 HOH 90  290 152 HOH HOH A . 
B 2 HOH 91  291 128 HOH HOH A . 
B 2 HOH 92  292 67  HOH HOH A . 
B 2 HOH 93  293 55  HOH HOH A . 
B 2 HOH 94  294 83  HOH HOH A . 
B 2 HOH 95  295 80  HOH HOH A . 
B 2 HOH 96  296 90  HOH HOH A . 
B 2 HOH 97  297 82  HOH HOH A . 
B 2 HOH 98  298 117 HOH HOH A . 
B 2 HOH 99  299 136 HOH HOH A . 
B 2 HOH 100 300 95  HOH HOH A . 
B 2 HOH 101 301 158 HOH HOH A . 
B 2 HOH 102 302 57  HOH HOH A . 
B 2 HOH 103 303 110 HOH HOH A . 
B 2 HOH 104 304 43  HOH HOH A . 
B 2 HOH 105 305 115 HOH HOH A . 
B 2 HOH 106 306 170 HOH HOH A . 
B 2 HOH 107 307 3   HOH HOH A . 
B 2 HOH 108 308 35  HOH HOH A . 
B 2 HOH 109 309 74  HOH HOH A . 
B 2 HOH 110 310 41  HOH HOH A . 
B 2 HOH 111 311 75  HOH HOH A . 
B 2 HOH 112 312 39  HOH HOH A . 
B 2 HOH 113 313 166 HOH HOH A . 
B 2 HOH 114 314 69  HOH HOH A . 
B 2 HOH 115 315 25  HOH HOH A . 
B 2 HOH 116 316 106 HOH HOH A . 
B 2 HOH 117 317 64  HOH HOH A . 
B 2 HOH 118 318 6   HOH HOH A . 
B 2 HOH 119 319 155 HOH HOH A . 
# 
loop_
_software.citation_id 
_software.classification 
_software.compiler_name 
_software.compiler_version 
_software.contact_author 
_software.contact_author_email 
_software.date 
_software.description 
_software.dependencies 
_software.hardware 
_software.language 
_software.location 
_software.mods 
_software.name 
_software.os 
_software.os_version 
_software.type 
_software.version 
_software.pdbx_ordinal 
? refinement        ? ? ? ? ? ? ? ? ? ? ? PHENIX      ? ? ? 1.11.1_2575 1 
? 'data scaling'    ? ? ? ? ? ? ? ? ? ? ? HKL-3000    ? ? ? .           2 
? 'data extraction' ? ? ? ? ? ? ? ? ? ? ? PDB_EXTRACT ? ? ? 3.22        3 
? 'data reduction'  ? ? ? ? ? ? ? ? ? ? ? HKL-3000    ? ? ? .           4 
? phasing           ? ? ? ? ? ? ? ? ? ? ? PHENIX      ? ? ? .           5 
# 
_cell.length_a           30.494 
_cell.length_b           42.394 
_cell.length_c           82.442 
_cell.angle_alpha        90.000 
_cell.angle_beta         90.000 
_cell.angle_gamma        90.000 
_cell.entry_id           6BBK 
_cell.Z_PDB              4 
_cell.pdbx_unique_axis   ? 
# 
_symmetry.space_group_name_H-M             'P 21 21 21' 
_symmetry.entry_id                         6BBK 
_symmetry.Int_Tables_number                19 
_symmetry.pdbx_full_space_group_name_H-M   ? 
_symmetry.cell_setting                     ? 
# 
_exptl.absorpt_coefficient_mu     ? 
_exptl.absorpt_correction_T_max   ? 
_exptl.absorpt_correction_T_min   ? 
_exptl.absorpt_correction_type    ? 
_exptl.absorpt_process_details    ? 
_exptl.entry_id                   6BBK 
_exptl.crystals_number            1 
_exptl.details                    ? 
_exptl.method                     'X-RAY DIFFRACTION' 
_exptl.method_details             ? 
# 
_exptl_crystal.colour                      ? 
_exptl_crystal.density_diffrn              ? 
_exptl_crystal.density_Matthews            2.04 
_exptl_crystal.density_method              ? 
_exptl_crystal.density_percent_sol         39.84 
_exptl_crystal.description                 ? 
_exptl_crystal.F_000                       ? 
_exptl_crystal.id                          1 
_exptl_crystal.preparation                 ? 
_exptl_crystal.size_max                    ? 
_exptl_crystal.size_mid                    ? 
_exptl_crystal.size_min                    ? 
_exptl_crystal.size_rad                    ? 
_exptl_crystal.colour_lustre               ? 
_exptl_crystal.colour_modifier             ? 
_exptl_crystal.colour_primary              ? 
_exptl_crystal.density_meas                ? 
_exptl_crystal.density_meas_esd            ? 
_exptl_crystal.density_meas_gt             ? 
_exptl_crystal.density_meas_lt             ? 
_exptl_crystal.density_meas_temp           ? 
_exptl_crystal.density_meas_temp_esd       ? 
_exptl_crystal.density_meas_temp_gt        ? 
_exptl_crystal.density_meas_temp_lt        ? 
_exptl_crystal.pdbx_crystal_image_url      ? 
_exptl_crystal.pdbx_crystal_image_format   ? 
_exptl_crystal.pdbx_mosaicity              ? 
_exptl_crystal.pdbx_mosaicity_esd          ? 
# 
_exptl_crystal_grow.apparatus       ? 
_exptl_crystal_grow.atmosphere      ? 
_exptl_crystal_grow.crystal_id      1 
_exptl_crystal_grow.details         ? 
_exptl_crystal_grow.method          'VAPOR DIFFUSION, HANGING DROP' 
_exptl_crystal_grow.method_ref      ? 
_exptl_crystal_grow.pH              7.5 
_exptl_crystal_grow.pressure        ? 
_exptl_crystal_grow.pressure_esd    ? 
_exptl_crystal_grow.seeding         ? 
_exptl_crystal_grow.seeding_ref     ? 
_exptl_crystal_grow.temp            295 
_exptl_crystal_grow.temp_details    ? 
_exptl_crystal_grow.temp_esd        ? 
_exptl_crystal_grow.time            ? 
_exptl_crystal_grow.pdbx_details    '0.1M HEPES:NaOH, 20% (w/v) PEG 4000, 10% (v/v) 2-Propanol' 
_exptl_crystal_grow.pdbx_pH_range   ? 
# 
_diffrn.ambient_environment    ? 
_diffrn.ambient_temp           100 
_diffrn.ambient_temp_details   ? 
_diffrn.ambient_temp_esd       ? 
_diffrn.crystal_id             1 
_diffrn.crystal_support        ? 
_diffrn.crystal_treatment      ? 
_diffrn.details                ? 
_diffrn.id                     1 
_diffrn.ambient_pressure       ? 
_diffrn.ambient_pressure_esd   ? 
_diffrn.ambient_pressure_gt    ? 
_diffrn.ambient_pressure_lt    ? 
_diffrn.ambient_temp_gt        ? 
_diffrn.ambient_temp_lt        ? 
# 
_diffrn_detector.details                      ? 
_diffrn_detector.detector                     'IMAGE PLATE' 
_diffrn_detector.diffrn_id                    1 
_diffrn_detector.type                         'RIGAKU RAXIS IV++' 
_diffrn_detector.area_resol_mean              ? 
_diffrn_detector.dtime                        ? 
_diffrn_detector.pdbx_frames_total            ? 
_diffrn_detector.pdbx_collection_time_total   ? 
_diffrn_detector.pdbx_collection_date         2016-09-19 
# 
_diffrn_radiation.collimation                      ? 
_diffrn_radiation.diffrn_id                        1 
_diffrn_radiation.filter_edge                      ? 
_diffrn_radiation.inhomogeneity                    ? 
_diffrn_radiation.monochromator                    ? 
_diffrn_radiation.polarisn_norm                    ? 
_diffrn_radiation.polarisn_ratio                   ? 
_diffrn_radiation.probe                            ? 
_diffrn_radiation.type                             ? 
_diffrn_radiation.xray_symbol                      ? 
_diffrn_radiation.wavelength_id                    1 
_diffrn_radiation.pdbx_monochromatic_or_laue_m_l   M 
_diffrn_radiation.pdbx_wavelength_list             ? 
_diffrn_radiation.pdbx_wavelength                  ? 
_diffrn_radiation.pdbx_diffrn_protocol             'SINGLE WAVELENGTH' 
_diffrn_radiation.pdbx_analyzer                    ? 
_diffrn_radiation.pdbx_scattering_type             x-ray 
# 
_diffrn_radiation_wavelength.id           1 
_diffrn_radiation_wavelength.wavelength   1.5418 
_diffrn_radiation_wavelength.wt           1.0 
# 
_diffrn_source.current                     ? 
_diffrn_source.details                     ? 
_diffrn_source.diffrn_id                   1 
_diffrn_source.power                       ? 
_diffrn_source.size                        ? 
_diffrn_source.source                      'ROTATING ANODE' 
_diffrn_source.target                      ? 
_diffrn_source.type                        'RIGAKU MICROMAX-007 HF' 
_diffrn_source.voltage                     ? 
_diffrn_source.take-off_angle              ? 
_diffrn_source.pdbx_wavelength_list        1.5418 
_diffrn_source.pdbx_wavelength             ? 
_diffrn_source.pdbx_synchrotron_beamline   ? 
_diffrn_source.pdbx_synchrotron_site       ? 
# 
_reflns.entry_id                     6BBK 
_reflns.pdbx_diffrn_id               1 
_reflns.pdbx_ordinal                 1 
_reflns.observed_criterion_sigma_I   ? 
_reflns.observed_criterion_sigma_F   ? 
_reflns.d_resolution_low             35.000 
_reflns.d_resolution_high            1.700 
_reflns.number_obs                   12215 
_reflns.number_all                   ? 
_reflns.percent_possible_obs         98.800 
_reflns.pdbx_Rmerge_I_obs            0.051 
_reflns.pdbx_Rsym_value              ? 
_reflns.pdbx_netI_over_sigmaI        19.000 
_reflns.B_iso_Wilson_estimate        21.210 
_reflns.pdbx_redundancy              35.600 
_reflns.pdbx_Rrim_I_all              ? 
_reflns.pdbx_Rpim_I_all              ? 
_reflns.pdbx_CC_half                 ? 
_reflns.pdbx_netI_over_av_sigmaI     ? 
_reflns.pdbx_number_measured_all     434970 
_reflns.pdbx_scaling_rejects         ? 
_reflns.pdbx_chi_squared             0.982 
_reflns.Rmerge_F_all                 ? 
_reflns.Rmerge_F_obs                 ? 
_reflns.observed_criterion_F_max     ? 
_reflns.observed_criterion_F_min     ? 
_reflns.observed_criterion_I_max     ? 
_reflns.observed_criterion_I_min     ? 
_reflns.pdbx_d_res_high_opt          ? 
_reflns.pdbx_d_res_low_opt           ? 
_reflns.details                      ? 
# 
loop_
_reflns_shell.pdbx_diffrn_id 
_reflns_shell.pdbx_ordinal 
_reflns_shell.d_res_high 
_reflns_shell.d_res_low 
_reflns_shell.number_measured_obs 
_reflns_shell.number_measured_all 
_reflns_shell.number_unique_obs 
_reflns_shell.pdbx_rejects 
_reflns_shell.Rmerge_I_obs 
_reflns_shell.meanI_over_sigI_obs 
_reflns_shell.pdbx_Rsym_value 
_reflns_shell.pdbx_chi_squared 
_reflns_shell.pdbx_redundancy 
_reflns_shell.percent_possible_obs 
_reflns_shell.pdbx_netI_over_sigmaI_obs 
_reflns_shell.number_possible 
_reflns_shell.number_unique_all 
_reflns_shell.Rmerge_F_all 
_reflns_shell.Rmerge_F_obs 
_reflns_shell.Rmerge_I_all 
_reflns_shell.meanI_over_sigI_all 
_reflns_shell.percent_possible_all 
_reflns_shell.pdbx_Rrim_I_all 
_reflns_shell.pdbx_Rpim_I_all 
_reflns_shell.pdbx_CC_half 
1 1  1.700 1.730  ? ? 453 ? 0.218 ? ? 0.669 11.000 ? ? ? ? ? ? ? ? 78.200  ? ? ? 
1 2  1.730 1.760  ? ? 604 ? 0.215 ? ? 0.739 17.000 ? ? ? ? ? ? ? ? 97.600  ? ? ? 
1 3  1.760 1.790  ? ? 611 ? 0.199 ? ? 0.774 25.300 ? ? ? ? ? ? ? ? 99.300  ? ? ? 
1 4  1.790 1.830  ? ? 583 ? 0.186 ? ? 0.844 32.300 ? ? ? ? ? ? ? ? 99.500  ? ? ? 
1 5  1.830 1.870  ? ? 609 ? 0.162 ? ? 0.871 35.900 ? ? ? ? ? ? ? ? 100.000 ? ? ? 
1 6  1.870 1.910  ? ? 620 ? 0.152 ? ? 0.938 38.000 ? ? ? ? ? ? ? ? 99.800  ? ? ? 
1 7  1.910 1.960  ? ? 583 ? 0.126 ? ? 1.084 38.500 ? ? ? ? ? ? ? ? 100.000 ? ? ? 
1 8  1.960 2.020  ? ? 631 ? 0.111 ? ? 0.854 39.600 ? ? ? ? ? ? ? ? 99.800  ? ? ? 
1 9  2.020 2.070  ? ? 590 ? 0.103 ? ? 1.059 38.900 ? ? ? ? ? ? ? ? 100.000 ? ? ? 
1 10 2.070 2.140  ? ? 610 ? 0.094 ? ? 1.207 39.400 ? ? ? ? ? ? ? ? 100.000 ? ? ? 
1 11 2.140 2.220  ? ? 611 ? 0.083 ? ? 0.749 39.700 ? ? ? ? ? ? ? ? 100.000 ? ? ? 
1 12 2.220 2.310  ? ? 610 ? 0.081 ? ? 1.119 38.900 ? ? ? ? ? ? ? ? 100.000 ? ? ? 
1 13 2.310 2.410  ? ? 617 ? 0.072 ? ? 0.899 39.800 ? ? ? ? ? ? ? ? 100.000 ? ? ? 
1 14 2.410 2.540  ? ? 616 ? 0.066 ? ? 0.869 39.900 ? ? ? ? ? ? ? ? 100.000 ? ? ? 
1 15 2.540 2.700  ? ? 616 ? 0.061 ? ? 0.865 39.700 ? ? ? ? ? ? ? ? 100.000 ? ? ? 
1 16 2.700 2.910  ? ? 632 ? 0.053 ? ? 1.130 39.600 ? ? ? ? ? ? ? ? 100.000 ? ? ? 
1 17 2.910 3.200  ? ? 624 ? 0.047 ? ? 1.045 39.400 ? ? ? ? ? ? ? ? 100.000 ? ? ? 
1 18 3.200 3.660  ? ? 626 ? 0.042 ? ? 1.043 39.100 ? ? ? ? ? ? ? ? 100.000 ? ? ? 
1 19 3.660 4.610  ? ? 660 ? 0.036 ? ? 0.922 38.200 ? ? ? ? ? ? ? ? 100.000 ? ? ? 
1 20 4.610 35.000 ? ? 709 ? 0.031 ? ? 1.456 34.900 ? ? ? ? ? ? ? ? 100.000 ? ? ? 
# 
_refine.entry_id                                 6BBK 
_refine.pdbx_refine_id                           'X-RAY DIFFRACTION' 
_refine.ls_d_res_high                            1.7300 
_refine.ls_d_res_low                             29.5540 
_refine.pdbx_ls_sigma_F                          1.350 
_refine.pdbx_data_cutoff_high_absF               ? 
_refine.pdbx_data_cutoff_low_absF                ? 
_refine.ls_percent_reflns_obs                    99.7700 
_refine.ls_number_reflns_obs                     11695 
_refine.ls_number_reflns_all                     ? 
_refine.pdbx_ls_cross_valid_method               'FREE R-VALUE' 
_refine.ls_matrix_type                           ? 
_refine.pdbx_R_Free_selection_details            ? 
_refine.details                                  ? 
_refine.ls_R_factor_all                          ? 
_refine.ls_R_factor_obs                          0.1882 
_refine.ls_R_factor_R_work                       0.1861 
_refine.ls_wR_factor_R_work                      ? 
_refine.ls_R_factor_R_free                       0.2259 
_refine.ls_wR_factor_R_free                      ? 
_refine.ls_percent_reflns_R_free                 4.7600 
_refine.ls_number_reflns_R_free                  557 
_refine.ls_number_reflns_R_work                  11138 
_refine.ls_R_factor_R_free_error                 ? 
_refine.B_iso_mean                               22.5606 
_refine.solvent_model_param_bsol                 ? 
_refine.solvent_model_param_ksol                 ? 
_refine.pdbx_isotropic_thermal_model             ? 
_refine.aniso_B[1][1]                            ? 
_refine.aniso_B[2][2]                            ? 
_refine.aniso_B[3][3]                            ? 
_refine.aniso_B[1][2]                            ? 
_refine.aniso_B[1][3]                            ? 
_refine.aniso_B[2][3]                            ? 
_refine.correlation_coeff_Fo_to_Fc               ? 
_refine.correlation_coeff_Fo_to_Fc_free          ? 
_refine.overall_SU_R_Cruickshank_DPI             ? 
_refine.pdbx_overall_SU_R_free_Cruickshank_DPI   ? 
_refine.pdbx_overall_SU_R_Blow_DPI               ? 
_refine.pdbx_overall_SU_R_free_Blow_DPI          ? 
_refine.overall_SU_R_free                        ? 
_refine.pdbx_overall_ESU_R                       ? 
_refine.pdbx_overall_ESU_R_Free                  ? 
_refine.overall_SU_ML                            0.2000 
_refine.overall_SU_B                             ? 
_refine.solvent_model_details                    'FLAT BULK SOLVENT MODEL' 
_refine.pdbx_solvent_vdw_probe_radii             1.1100 
_refine.pdbx_solvent_ion_probe_radii             ? 
_refine.pdbx_solvent_shrinkage_radii             0.9000 
_refine.ls_number_parameters                     ? 
_refine.ls_number_restraints                     ? 
_refine.pdbx_starting_model                      ? 
_refine.pdbx_method_to_determine_struct          SAD 
_refine.pdbx_stereochemistry_target_values       ML 
_refine.pdbx_stereochem_target_val_spec_case     ? 
_refine.overall_FOM_work_R_set                   ? 
_refine.B_iso_max                                63.730 
_refine.B_iso_min                                11.540 
_refine.pdbx_overall_phase_error                 24.4400 
_refine.occupancy_max                            ? 
_refine.occupancy_min                            ? 
_refine.pdbx_diffrn_id                           1 
_refine.pdbx_TLS_residual_ADP_flag               ? 
_refine.pdbx_ls_sigma_I                          ? 
_refine.pdbx_data_cutoff_high_rms_absF           ? 
_refine.ls_R_factor_R_free_error_details         ? 
# 
_refine_hist.cycle_id                         final 
_refine_hist.pdbx_refine_id                   'X-RAY DIFFRACTION' 
_refine_hist.d_res_high                       1.7300 
_refine_hist.d_res_low                        29.5540 
_refine_hist.pdbx_number_atoms_ligand         0 
_refine_hist.number_atoms_solvent             119 
_refine_hist.number_atoms_total               1032 
_refine_hist.pdbx_number_residues_total       124 
_refine_hist.pdbx_B_iso_mean_solvent          28.85 
_refine_hist.pdbx_number_atoms_protein        913 
_refine_hist.pdbx_number_atoms_nucleic_acid   0 
# 
loop_
_refine_ls_restr.pdbx_refine_id 
_refine_ls_restr.type 
_refine_ls_restr.number 
_refine_ls_restr.dev_ideal 
_refine_ls_restr.dev_ideal_target 
_refine_ls_restr.weight 
_refine_ls_restr.pdbx_restraint_function 
'X-RAY DIFFRACTION' f_bond_d           975  0.005 ? ? ? 
'X-RAY DIFFRACTION' f_angle_d          1339 0.736 ? ? ? 
'X-RAY DIFFRACTION' f_chiral_restr     163  0.054 ? ? ? 
'X-RAY DIFFRACTION' f_plane_restr      173  0.005 ? ? ? 
'X-RAY DIFFRACTION' f_dihedral_angle_d 811  2.308 ? ? ? 
# 
loop_
_refine_ls_shell.d_res_high 
_refine_ls_shell.d_res_low 
_refine_ls_shell.pdbx_total_number_of_bins_used 
_refine_ls_shell.percent_reflns_obs 
_refine_ls_shell.number_reflns_R_work 
_refine_ls_shell.R_factor_all 
_refine_ls_shell.R_factor_R_work 
_refine_ls_shell.R_factor_R_free 
_refine_ls_shell.percent_reflns_R_free 
_refine_ls_shell.number_reflns_R_free 
_refine_ls_shell.R_factor_R_free_error 
_refine_ls_shell.number_reflns_all 
_refine_ls_shell.number_reflns_obs 
_refine_ls_shell.pdbx_refine_id 
1.7300 1.9041  4 99.0000  2730 . 0.2091 0.2948 . 124 0.0000 2854 . 'X-RAY DIFFRACTION' 
1.9041 2.1795  4 100.0000 2744 . 0.1891 0.2444 . 145 0.0000 2889 . 'X-RAY DIFFRACTION' 
2.1795 2.7457  4 100.0000 2768 . 0.2012 0.2639 . 132 0.0000 2900 . 'X-RAY DIFFRACTION' 
2.7457 29.5579 4 100.0000 2896 . 0.1743 0.1979 . 156 0.0000 3052 . 'X-RAY DIFFRACTION' 
# 
_struct.entry_id                     6BBK 
_struct.title                        'N-terminally truncated group I PilA from Pseudomonas aeruginosa strain 1244' 
_struct.pdbx_model_details           ? 
_struct.pdbx_formula_weight          ? 
_struct.pdbx_formula_weight_method   ? 
_struct.pdbx_model_type_details      ? 
_struct.pdbx_CASP_flag               N 
# 
_struct_keywords.entry_id        6BBK 
_struct_keywords.text            
;Pseudomonas aeruginosa, type IV pili, major pilin, pilin, pilus, twitching motility, adhesion, biofilm, virulence, filament, subunit, MEMBRANE PROTEIN
;
_struct_keywords.pdbx_keywords   'MEMBRANE PROTEIN' 
# 
loop_
_struct_asym.id 
_struct_asym.pdbx_blank_PDB_chainid_flag 
_struct_asym.pdbx_modified 
_struct_asym.entity_id 
_struct_asym.details 
A N N 1 ? 
B N N 2 ? 
# 
_struct_ref.id                         1 
_struct_ref.db_name                    UNP 
_struct_ref.db_code                    FM12_PSEAI 
_struct_ref.pdbx_db_accession          P18774 
_struct_ref.pdbx_db_isoform            ? 
_struct_ref.entity_id                  1 
_struct_ref.pdbx_seq_one_letter_code   
;TARTQVTRAVSEVSALKTAAESAILEGKEIVSSATPKDTQYDIGFTESTLLDGSGKSQIQVTDNQDGTVELVATLGKSSG
SAIKGAVITVSRKNDGVWNCKITKTPTAWKPNYAPANCPKS
;
_struct_ref.pdbx_align_begin           34 
# 
_struct_ref_seq.align_id                      1 
_struct_ref_seq.ref_id                        1 
_struct_ref_seq.pdbx_PDB_id_code              6BBK 
_struct_ref_seq.pdbx_strand_id                A 
_struct_ref_seq.seq_align_beg                 6 
_struct_ref_seq.pdbx_seq_align_beg_ins_code   ? 
_struct_ref_seq.seq_align_end                 126 
_struct_ref_seq.pdbx_seq_align_end_ins_code   ? 
_struct_ref_seq.pdbx_db_accession             P18774 
_struct_ref_seq.db_align_beg                  34 
_struct_ref_seq.pdbx_db_align_beg_ins_code    ? 
_struct_ref_seq.db_align_end                  154 
_struct_ref_seq.pdbx_db_align_end_ins_code    ? 
_struct_ref_seq.pdbx_auth_seq_align_beg       6 
_struct_ref_seq.pdbx_auth_seq_align_end       126 
# 
loop_
_struct_ref_seq_dif.align_id 
_struct_ref_seq_dif.pdbx_pdb_id_code 
_struct_ref_seq_dif.mon_id 
_struct_ref_seq_dif.pdbx_pdb_strand_id 
_struct_ref_seq_dif.seq_num 
_struct_ref_seq_dif.pdbx_pdb_ins_code 
_struct_ref_seq_dif.pdbx_seq_db_name 
_struct_ref_seq_dif.pdbx_seq_db_accession_code 
_struct_ref_seq_dif.db_mon_id 
_struct_ref_seq_dif.pdbx_seq_db_seq_num 
_struct_ref_seq_dif.details 
_struct_ref_seq_dif.pdbx_auth_seq_num 
_struct_ref_seq_dif.pdbx_ordinal 
1 6BBK GLY A 1 ? UNP P18774 ? ? 'expression tag' 1 1 
1 6BBK ILE A 2 ? UNP P18774 ? ? 'expression tag' 2 2 
1 6BBK ASP A 3 ? UNP P18774 ? ? 'expression tag' 3 3 
1 6BBK PRO A 4 ? UNP P18774 ? ? 'expression tag' 4 4 
1 6BBK PHE A 5 ? UNP P18774 ? ? 'expression tag' 5 5 
# 
_pdbx_struct_assembly.id                   1 
_pdbx_struct_assembly.details              author_and_software_defined_assembly 
_pdbx_struct_assembly.method_details       PISA 
_pdbx_struct_assembly.oligomeric_details   monomeric 
_pdbx_struct_assembly.oligomeric_count     1 
# 
_pdbx_struct_assembly_gen.assembly_id       1 
_pdbx_struct_assembly_gen.oper_expression   1 
_pdbx_struct_assembly_gen.asym_id_list      A,B 
# 
_pdbx_struct_assembly_auth_evidence.id                     1 
_pdbx_struct_assembly_auth_evidence.assembly_id            1 
_pdbx_struct_assembly_auth_evidence.experimental_support   homology 
_pdbx_struct_assembly_auth_evidence.details                'Truncated type IV pilins are monomeric in the buffer conditions used.' 
# 
_pdbx_struct_oper_list.id                   1 
_pdbx_struct_oper_list.type                 'identity operation' 
_pdbx_struct_oper_list.name                 1_555 
_pdbx_struct_oper_list.symmetry_operation   x,y,z 
_pdbx_struct_oper_list.matrix[1][1]         1.0000000000 
_pdbx_struct_oper_list.matrix[1][2]         0.0000000000 
_pdbx_struct_oper_list.matrix[1][3]         0.0000000000 
_pdbx_struct_oper_list.vector[1]            0.0000000000 
_pdbx_struct_oper_list.matrix[2][1]         0.0000000000 
_pdbx_struct_oper_list.matrix[2][2]         1.0000000000 
_pdbx_struct_oper_list.matrix[2][3]         0.0000000000 
_pdbx_struct_oper_list.vector[2]            0.0000000000 
_pdbx_struct_oper_list.matrix[3][1]         0.0000000000 
_pdbx_struct_oper_list.matrix[3][2]         0.0000000000 
_pdbx_struct_oper_list.matrix[3][3]         1.0000000000 
_pdbx_struct_oper_list.vector[3]            0.0000000000 
# 
loop_
_struct_conf.conf_type_id 
_struct_conf.id 
_struct_conf.pdbx_PDB_helix_id 
_struct_conf.beg_label_comp_id 
_struct_conf.beg_label_asym_id 
_struct_conf.beg_label_seq_id 
_struct_conf.pdbx_beg_PDB_ins_code 
_struct_conf.end_label_comp_id 
_struct_conf.end_label_asym_id 
_struct_conf.end_label_seq_id 
_struct_conf.pdbx_end_PDB_ins_code 
_struct_conf.beg_auth_comp_id 
_struct_conf.beg_auth_asym_id 
_struct_conf.beg_auth_seq_id 
_struct_conf.end_auth_comp_id 
_struct_conf.end_auth_asym_id 
_struct_conf.end_auth_seq_id 
_struct_conf.pdbx_PDB_helix_class 
_struct_conf.details 
_struct_conf.pdbx_PDB_helix_length 
HELX_P HELX_P1 AA1 ASP A 3   ? ALA A 20  ? ASP A 3   ALA A 20  1 ? 18 
HELX_P HELX_P2 AA2 LEU A 21  ? GLY A 32  ? LEU A 21  GLY A 32  1 ? 12 
HELX_P HELX_P3 AA3 SER A 59  ? ILE A 64  ? SER A 59  ILE A 64  5 ? 6  
HELX_P HELX_P4 AA4 LYS A 115 ? ALA A 119 ? LYS A 115 ALA A 119 5 ? 5  
# 
_struct_conf_type.id          HELX_P 
_struct_conf_type.criteria    ? 
_struct_conf_type.reference   ? 
# 
_struct_conn.id                            disulf1 
_struct_conn.conn_type_id                  disulf 
_struct_conn.pdbx_leaving_atom_flag        ? 
_struct_conn.pdbx_PDB_id                   ? 
_struct_conn.ptnr1_label_asym_id           A 
_struct_conn.ptnr1_label_comp_id           CYS 
_struct_conn.ptnr1_label_seq_id            105 
_struct_conn.ptnr1_label_atom_id           SG 
_struct_conn.pdbx_ptnr1_label_alt_id       ? 
_struct_conn.pdbx_ptnr1_PDB_ins_code       ? 
_struct_conn.pdbx_ptnr1_standard_comp_id   ? 
_struct_conn.ptnr1_symmetry                1_555 
_struct_conn.ptnr2_label_asym_id           A 
_struct_conn.ptnr2_label_comp_id           CYS 
_struct_conn.ptnr2_label_seq_id            123 
_struct_conn.ptnr2_label_atom_id           SG 
_struct_conn.pdbx_ptnr2_label_alt_id       ? 
_struct_conn.pdbx_ptnr2_PDB_ins_code       ? 
_struct_conn.ptnr1_auth_asym_id            A 
_struct_conn.ptnr1_auth_comp_id            CYS 
_struct_conn.ptnr1_auth_seq_id             105 
_struct_conn.ptnr2_auth_asym_id            A 
_struct_conn.ptnr2_auth_comp_id            CYS 
_struct_conn.ptnr2_auth_seq_id             123 
_struct_conn.ptnr2_symmetry                1_555 
_struct_conn.pdbx_ptnr3_label_atom_id      ? 
_struct_conn.pdbx_ptnr3_label_seq_id       ? 
_struct_conn.pdbx_ptnr3_label_comp_id      ? 
_struct_conn.pdbx_ptnr3_label_asym_id      ? 
_struct_conn.pdbx_ptnr3_label_alt_id       ? 
_struct_conn.pdbx_ptnr3_PDB_ins_code       ? 
_struct_conn.details                       ? 
_struct_conn.pdbx_dist_value               2.023 
_struct_conn.pdbx_value_order              ? 
_struct_conn.pdbx_role                     ? 
# 
_struct_conn_type.id          disulf 
_struct_conn_type.criteria    ? 
_struct_conn_type.reference   ? 
# 
_pdbx_modification_feature.ordinal                            1 
_pdbx_modification_feature.label_comp_id                      CYS 
_pdbx_modification_feature.label_asym_id                      A 
_pdbx_modification_feature.label_seq_id                       105 
_pdbx_modification_feature.label_alt_id                       ? 
_pdbx_modification_feature.modified_residue_label_comp_id     CYS 
_pdbx_modification_feature.modified_residue_label_asym_id     A 
_pdbx_modification_feature.modified_residue_label_seq_id      123 
_pdbx_modification_feature.modified_residue_label_alt_id      ? 
_pdbx_modification_feature.auth_comp_id                       CYS 
_pdbx_modification_feature.auth_asym_id                       A 
_pdbx_modification_feature.auth_seq_id                        105 
_pdbx_modification_feature.PDB_ins_code                       ? 
_pdbx_modification_feature.symmetry                           1_555 
_pdbx_modification_feature.modified_residue_auth_comp_id      CYS 
_pdbx_modification_feature.modified_residue_auth_asym_id      A 
_pdbx_modification_feature.modified_residue_auth_seq_id       123 
_pdbx_modification_feature.modified_residue_PDB_ins_code      ? 
_pdbx_modification_feature.modified_residue_symmetry          1_555 
_pdbx_modification_feature.comp_id_linking_atom               SG 
_pdbx_modification_feature.modified_residue_id_linking_atom   SG 
_pdbx_modification_feature.modified_residue_id                . 
_pdbx_modification_feature.ref_pcm_id                         . 
_pdbx_modification_feature.ref_comp_id                        . 
_pdbx_modification_feature.type                               None 
_pdbx_modification_feature.category                           'Disulfide bridge' 
# 
loop_
_struct_sheet.id 
_struct_sheet.type 
_struct_sheet.number_strands 
_struct_sheet.details 
AA1 ? 2 ? 
AA2 ? 4 ? 
# 
loop_
_struct_sheet_order.sheet_id 
_struct_sheet_order.range_id_1 
_struct_sheet_order.range_id_2 
_struct_sheet_order.offset 
_struct_sheet_order.sense 
AA1 1 2 ? parallel      
AA2 1 2 ? anti-parallel 
AA2 2 3 ? anti-parallel 
AA2 3 4 ? anti-parallel 
# 
loop_
_struct_sheet_range.sheet_id 
_struct_sheet_range.id 
_struct_sheet_range.beg_label_comp_id 
_struct_sheet_range.beg_label_asym_id 
_struct_sheet_range.beg_label_seq_id 
_struct_sheet_range.pdbx_beg_PDB_ins_code 
_struct_sheet_range.end_label_comp_id 
_struct_sheet_range.end_label_asym_id 
_struct_sheet_range.end_label_seq_id 
_struct_sheet_range.pdbx_end_PDB_ins_code 
_struct_sheet_range.beg_auth_comp_id 
_struct_sheet_range.beg_auth_asym_id 
_struct_sheet_range.beg_auth_seq_id 
_struct_sheet_range.end_auth_comp_id 
_struct_sheet_range.end_auth_asym_id 
_struct_sheet_range.end_auth_seq_id 
AA1 1 GLU A 34  ? VAL A 36  ? GLU A 34  VAL A 36  
AA1 2 GLN A 45  ? ASP A 47  ? GLN A 45  ASP A 47  
AA2 1 GLN A 65  ? ASP A 68  ? GLN A 65  ASP A 68  
AA2 2 VAL A 74  ? THR A 79  ? VAL A 74  THR A 79  
AA2 3 VAL A 92  ? ARG A 97  ? VAL A 92  ARG A 97  
AA2 4 TRP A 103 ? THR A 108 ? TRP A 103 THR A 108 
# 
loop_
_pdbx_struct_sheet_hbond.sheet_id 
_pdbx_struct_sheet_hbond.range_id_1 
_pdbx_struct_sheet_hbond.range_id_2 
_pdbx_struct_sheet_hbond.range_1_label_atom_id 
_pdbx_struct_sheet_hbond.range_1_label_comp_id 
_pdbx_struct_sheet_hbond.range_1_label_asym_id 
_pdbx_struct_sheet_hbond.range_1_label_seq_id 
_pdbx_struct_sheet_hbond.range_1_PDB_ins_code 
_pdbx_struct_sheet_hbond.range_1_auth_atom_id 
_pdbx_struct_sheet_hbond.range_1_auth_comp_id 
_pdbx_struct_sheet_hbond.range_1_auth_asym_id 
_pdbx_struct_sheet_hbond.range_1_auth_seq_id 
_pdbx_struct_sheet_hbond.range_2_label_atom_id 
_pdbx_struct_sheet_hbond.range_2_label_comp_id 
_pdbx_struct_sheet_hbond.range_2_label_asym_id 
_pdbx_struct_sheet_hbond.range_2_label_seq_id 
_pdbx_struct_sheet_hbond.range_2_PDB_ins_code 
_pdbx_struct_sheet_hbond.range_2_auth_atom_id 
_pdbx_struct_sheet_hbond.range_2_auth_comp_id 
_pdbx_struct_sheet_hbond.range_2_auth_asym_id 
_pdbx_struct_sheet_hbond.range_2_auth_seq_id 
AA1 1 2 N GLU A 34 ? N GLU A 34 O TYR A 46  ? O TYR A 46  
AA2 1 2 N GLN A 65 ? N GLN A 65 O VAL A 77  ? O VAL A 77  
AA2 2 3 N VAL A 74 ? N VAL A 74 O ARG A 97  ? O ARG A 97  
AA2 3 4 N VAL A 92 ? N VAL A 92 O THR A 108 ? O THR A 108 
# 
_pdbx_entry_details.entry_id                   6BBK 
_pdbx_entry_details.compound_details           ? 
_pdbx_entry_details.source_details             ? 
_pdbx_entry_details.nonpolymer_details         ? 
_pdbx_entry_details.sequence_details           ? 
_pdbx_entry_details.has_ligand_of_interest     ? 
_pdbx_entry_details.has_protein_modification   Y 
# 
loop_
_pdbx_validate_torsion.id 
_pdbx_validate_torsion.PDB_model_num 
_pdbx_validate_torsion.auth_comp_id 
_pdbx_validate_torsion.auth_asym_id 
_pdbx_validate_torsion.auth_seq_id 
_pdbx_validate_torsion.PDB_ins_code 
_pdbx_validate_torsion.label_alt_id 
_pdbx_validate_torsion.phi 
_pdbx_validate_torsion.psi 
1 1 LYS A 82  ? ? 48.16   -110.64 
2 1 CYS A 123 ? ? -151.25 71.51   
# 
loop_
_pdbx_unobs_or_zero_occ_residues.id 
_pdbx_unobs_or_zero_occ_residues.PDB_model_num 
_pdbx_unobs_or_zero_occ_residues.polymer_flag 
_pdbx_unobs_or_zero_occ_residues.occupancy_flag 
_pdbx_unobs_or_zero_occ_residues.auth_asym_id 
_pdbx_unobs_or_zero_occ_residues.auth_comp_id 
_pdbx_unobs_or_zero_occ_residues.auth_seq_id 
_pdbx_unobs_or_zero_occ_residues.PDB_ins_code 
_pdbx_unobs_or_zero_occ_residues.label_asym_id 
_pdbx_unobs_or_zero_occ_residues.label_comp_id 
_pdbx_unobs_or_zero_occ_residues.label_seq_id 
1 1 Y 1 A GLY 1 ? A GLY 1 
2 1 Y 1 A ILE 2 ? A ILE 2 
# 
loop_
_chem_comp_atom.comp_id 
_chem_comp_atom.atom_id 
_chem_comp_atom.type_symbol 
_chem_comp_atom.pdbx_aromatic_flag 
_chem_comp_atom.pdbx_stereo_config 
_chem_comp_atom.pdbx_ordinal 
ALA N    N N N 1   
ALA CA   C N S 2   
ALA C    C N N 3   
ALA O    O N N 4   
ALA CB   C N N 5   
ALA OXT  O N N 6   
ALA H    H N N 7   
ALA H2   H N N 8   
ALA HA   H N N 9   
ALA HB1  H N N 10  
ALA HB2  H N N 11  
ALA HB3  H N N 12  
ALA HXT  H N N 13  
ARG N    N N N 14  
ARG CA   C N S 15  
ARG C    C N N 16  
ARG O    O N N 17  
ARG CB   C N N 18  
ARG CG   C N N 19  
ARG CD   C N N 20  
ARG NE   N N N 21  
ARG CZ   C N N 22  
ARG NH1  N N N 23  
ARG NH2  N N N 24  
ARG OXT  O N N 25  
ARG H    H N N 26  
ARG H2   H N N 27  
ARG HA   H N N 28  
ARG HB2  H N N 29  
ARG HB3  H N N 30  
ARG HG2  H N N 31  
ARG HG3  H N N 32  
ARG HD2  H N N 33  
ARG HD3  H N N 34  
ARG HE   H N N 35  
ARG HH11 H N N 36  
ARG HH12 H N N 37  
ARG HH21 H N N 38  
ARG HH22 H N N 39  
ARG HXT  H N N 40  
ASN N    N N N 41  
ASN CA   C N S 42  
ASN C    C N N 43  
ASN O    O N N 44  
ASN CB   C N N 45  
ASN CG   C N N 46  
ASN OD1  O N N 47  
ASN ND2  N N N 48  
ASN OXT  O N N 49  
ASN H    H N N 50  
ASN H2   H N N 51  
ASN HA   H N N 52  
ASN HB2  H N N 53  
ASN HB3  H N N 54  
ASN HD21 H N N 55  
ASN HD22 H N N 56  
ASN HXT  H N N 57  
ASP N    N N N 58  
ASP CA   C N S 59  
ASP C    C N N 60  
ASP O    O N N 61  
ASP CB   C N N 62  
ASP CG   C N N 63  
ASP OD1  O N N 64  
ASP OD2  O N N 65  
ASP OXT  O N N 66  
ASP H    H N N 67  
ASP H2   H N N 68  
ASP HA   H N N 69  
ASP HB2  H N N 70  
ASP HB3  H N N 71  
ASP HD2  H N N 72  
ASP HXT  H N N 73  
CYS N    N N N 74  
CYS CA   C N R 75  
CYS C    C N N 76  
CYS O    O N N 77  
CYS CB   C N N 78  
CYS SG   S N N 79  
CYS OXT  O N N 80  
CYS H    H N N 81  
CYS H2   H N N 82  
CYS HA   H N N 83  
CYS HB2  H N N 84  
CYS HB3  H N N 85  
CYS HG   H N N 86  
CYS HXT  H N N 87  
GLN N    N N N 88  
GLN CA   C N S 89  
GLN C    C N N 90  
GLN O    O N N 91  
GLN CB   C N N 92  
GLN CG   C N N 93  
GLN CD   C N N 94  
GLN OE1  O N N 95  
GLN NE2  N N N 96  
GLN OXT  O N N 97  
GLN H    H N N 98  
GLN H2   H N N 99  
GLN HA   H N N 100 
GLN HB2  H N N 101 
GLN HB3  H N N 102 
GLN HG2  H N N 103 
GLN HG3  H N N 104 
GLN HE21 H N N 105 
GLN HE22 H N N 106 
GLN HXT  H N N 107 
GLU N    N N N 108 
GLU CA   C N S 109 
GLU C    C N N 110 
GLU O    O N N 111 
GLU CB   C N N 112 
GLU CG   C N N 113 
GLU CD   C N N 114 
GLU OE1  O N N 115 
GLU OE2  O N N 116 
GLU OXT  O N N 117 
GLU H    H N N 118 
GLU H2   H N N 119 
GLU HA   H N N 120 
GLU HB2  H N N 121 
GLU HB3  H N N 122 
GLU HG2  H N N 123 
GLU HG3  H N N 124 
GLU HE2  H N N 125 
GLU HXT  H N N 126 
GLY N    N N N 127 
GLY CA   C N N 128 
GLY C    C N N 129 
GLY O    O N N 130 
GLY OXT  O N N 131 
GLY H    H N N 132 
GLY H2   H N N 133 
GLY HA2  H N N 134 
GLY HA3  H N N 135 
GLY HXT  H N N 136 
HOH O    O N N 137 
HOH H1   H N N 138 
HOH H2   H N N 139 
ILE N    N N N 140 
ILE CA   C N S 141 
ILE C    C N N 142 
ILE O    O N N 143 
ILE CB   C N S 144 
ILE CG1  C N N 145 
ILE CG2  C N N 146 
ILE CD1  C N N 147 
ILE OXT  O N N 148 
ILE H    H N N 149 
ILE H2   H N N 150 
ILE HA   H N N 151 
ILE HB   H N N 152 
ILE HG12 H N N 153 
ILE HG13 H N N 154 
ILE HG21 H N N 155 
ILE HG22 H N N 156 
ILE HG23 H N N 157 
ILE HD11 H N N 158 
ILE HD12 H N N 159 
ILE HD13 H N N 160 
ILE HXT  H N N 161 
LEU N    N N N 162 
LEU CA   C N S 163 
LEU C    C N N 164 
LEU O    O N N 165 
LEU CB   C N N 166 
LEU CG   C N N 167 
LEU CD1  C N N 168 
LEU CD2  C N N 169 
LEU OXT  O N N 170 
LEU H    H N N 171 
LEU H2   H N N 172 
LEU HA   H N N 173 
LEU HB2  H N N 174 
LEU HB3  H N N 175 
LEU HG   H N N 176 
LEU HD11 H N N 177 
LEU HD12 H N N 178 
LEU HD13 H N N 179 
LEU HD21 H N N 180 
LEU HD22 H N N 181 
LEU HD23 H N N 182 
LEU HXT  H N N 183 
LYS N    N N N 184 
LYS CA   C N S 185 
LYS C    C N N 186 
LYS O    O N N 187 
LYS CB   C N N 188 
LYS CG   C N N 189 
LYS CD   C N N 190 
LYS CE   C N N 191 
LYS NZ   N N N 192 
LYS OXT  O N N 193 
LYS H    H N N 194 
LYS H2   H N N 195 
LYS HA   H N N 196 
LYS HB2  H N N 197 
LYS HB3  H N N 198 
LYS HG2  H N N 199 
LYS HG3  H N N 200 
LYS HD2  H N N 201 
LYS HD3  H N N 202 
LYS HE2  H N N 203 
LYS HE3  H N N 204 
LYS HZ1  H N N 205 
LYS HZ2  H N N 206 
LYS HZ3  H N N 207 
LYS HXT  H N N 208 
PHE N    N N N 209 
PHE CA   C N S 210 
PHE C    C N N 211 
PHE O    O N N 212 
PHE CB   C N N 213 
PHE CG   C Y N 214 
PHE CD1  C Y N 215 
PHE CD2  C Y N 216 
PHE CE1  C Y N 217 
PHE CE2  C Y N 218 
PHE CZ   C Y N 219 
PHE OXT  O N N 220 
PHE H    H N N 221 
PHE H2   H N N 222 
PHE HA   H N N 223 
PHE HB2  H N N 224 
PHE HB3  H N N 225 
PHE HD1  H N N 226 
PHE HD2  H N N 227 
PHE HE1  H N N 228 
PHE HE2  H N N 229 
PHE HZ   H N N 230 
PHE HXT  H N N 231 
PRO N    N N N 232 
PRO CA   C N S 233 
PRO C    C N N 234 
PRO O    O N N 235 
PRO CB   C N N 236 
PRO CG   C N N 237 
PRO CD   C N N 238 
PRO OXT  O N N 239 
PRO H    H N N 240 
PRO HA   H N N 241 
PRO HB2  H N N 242 
PRO HB3  H N N 243 
PRO HG2  H N N 244 
PRO HG3  H N N 245 
PRO HD2  H N N 246 
PRO HD3  H N N 247 
PRO HXT  H N N 248 
SER N    N N N 249 
SER CA   C N S 250 
SER C    C N N 251 
SER O    O N N 252 
SER CB   C N N 253 
SER OG   O N N 254 
SER OXT  O N N 255 
SER H    H N N 256 
SER H2   H N N 257 
SER HA   H N N 258 
SER HB2  H N N 259 
SER HB3  H N N 260 
SER HG   H N N 261 
SER HXT  H N N 262 
THR N    N N N 263 
THR CA   C N S 264 
THR C    C N N 265 
THR O    O N N 266 
THR CB   C N R 267 
THR OG1  O N N 268 
THR CG2  C N N 269 
THR OXT  O N N 270 
THR H    H N N 271 
THR H2   H N N 272 
THR HA   H N N 273 
THR HB   H N N 274 
THR HG1  H N N 275 
THR HG21 H N N 276 
THR HG22 H N N 277 
THR HG23 H N N 278 
THR HXT  H N N 279 
TRP N    N N N 280 
TRP CA   C N S 281 
TRP C    C N N 282 
TRP O    O N N 283 
TRP CB   C N N 284 
TRP CG   C Y N 285 
TRP CD1  C Y N 286 
TRP CD2  C Y N 287 
TRP NE1  N Y N 288 
TRP CE2  C Y N 289 
TRP CE3  C Y N 290 
TRP CZ2  C Y N 291 
TRP CZ3  C Y N 292 
TRP CH2  C Y N 293 
TRP OXT  O N N 294 
TRP H    H N N 295 
TRP H2   H N N 296 
TRP HA   H N N 297 
TRP HB2  H N N 298 
TRP HB3  H N N 299 
TRP HD1  H N N 300 
TRP HE1  H N N 301 
TRP HE3  H N N 302 
TRP HZ2  H N N 303 
TRP HZ3  H N N 304 
TRP HH2  H N N 305 
TRP HXT  H N N 306 
TYR N    N N N 307 
TYR CA   C N S 308 
TYR C    C N N 309 
TYR O    O N N 310 
TYR CB   C N N 311 
TYR CG   C Y N 312 
TYR CD1  C Y N 313 
TYR CD2  C Y N 314 
TYR CE1  C Y N 315 
TYR CE2  C Y N 316 
TYR CZ   C Y N 317 
TYR OH   O N N 318 
TYR OXT  O N N 319 
TYR H    H N N 320 
TYR H2   H N N 321 
TYR HA   H N N 322 
TYR HB2  H N N 323 
TYR HB3  H N N 324 
TYR HD1  H N N 325 
TYR HD2  H N N 326 
TYR HE1  H N N 327 
TYR HE2  H N N 328 
TYR HH   H N N 329 
TYR HXT  H N N 330 
VAL N    N N N 331 
VAL CA   C N S 332 
VAL C    C N N 333 
VAL O    O N N 334 
VAL CB   C N N 335 
VAL CG1  C N N 336 
VAL CG2  C N N 337 
VAL OXT  O N N 338 
VAL H    H N N 339 
VAL H2   H N N 340 
VAL HA   H N N 341 
VAL HB   H N N 342 
VAL HG11 H N N 343 
VAL HG12 H N N 344 
VAL HG13 H N N 345 
VAL HG21 H N N 346 
VAL HG22 H N N 347 
VAL HG23 H N N 348 
VAL HXT  H N N 349 
# 
loop_
_chem_comp_bond.comp_id 
_chem_comp_bond.atom_id_1 
_chem_comp_bond.atom_id_2 
_chem_comp_bond.value_order 
_chem_comp_bond.pdbx_aromatic_flag 
_chem_comp_bond.pdbx_stereo_config 
_chem_comp_bond.pdbx_ordinal 
ALA N   CA   sing N N 1   
ALA N   H    sing N N 2   
ALA N   H2   sing N N 3   
ALA CA  C    sing N N 4   
ALA CA  CB   sing N N 5   
ALA CA  HA   sing N N 6   
ALA C   O    doub N N 7   
ALA C   OXT  sing N N 8   
ALA CB  HB1  sing N N 9   
ALA CB  HB2  sing N N 10  
ALA CB  HB3  sing N N 11  
ALA OXT HXT  sing N N 12  
ARG N   CA   sing N N 13  
ARG N   H    sing N N 14  
ARG N   H2   sing N N 15  
ARG CA  C    sing N N 16  
ARG CA  CB   sing N N 17  
ARG CA  HA   sing N N 18  
ARG C   O    doub N N 19  
ARG C   OXT  sing N N 20  
ARG CB  CG   sing N N 21  
ARG CB  HB2  sing N N 22  
ARG CB  HB3  sing N N 23  
ARG CG  CD   sing N N 24  
ARG CG  HG2  sing N N 25  
ARG CG  HG3  sing N N 26  
ARG CD  NE   sing N N 27  
ARG CD  HD2  sing N N 28  
ARG CD  HD3  sing N N 29  
ARG NE  CZ   sing N N 30  
ARG NE  HE   sing N N 31  
ARG CZ  NH1  sing N N 32  
ARG CZ  NH2  doub N N 33  
ARG NH1 HH11 sing N N 34  
ARG NH1 HH12 sing N N 35  
ARG NH2 HH21 sing N N 36  
ARG NH2 HH22 sing N N 37  
ARG OXT HXT  sing N N 38  
ASN N   CA   sing N N 39  
ASN N   H    sing N N 40  
ASN N   H2   sing N N 41  
ASN CA  C    sing N N 42  
ASN CA  CB   sing N N 43  
ASN CA  HA   sing N N 44  
ASN C   O    doub N N 45  
ASN C   OXT  sing N N 46  
ASN CB  CG   sing N N 47  
ASN CB  HB2  sing N N 48  
ASN CB  HB3  sing N N 49  
ASN CG  OD1  doub N N 50  
ASN CG  ND2  sing N N 51  
ASN ND2 HD21 sing N N 52  
ASN ND2 HD22 sing N N 53  
ASN OXT HXT  sing N N 54  
ASP N   CA   sing N N 55  
ASP N   H    sing N N 56  
ASP N   H2   sing N N 57  
ASP CA  C    sing N N 58  
ASP CA  CB   sing N N 59  
ASP CA  HA   sing N N 60  
ASP C   O    doub N N 61  
ASP C   OXT  sing N N 62  
ASP CB  CG   sing N N 63  
ASP CB  HB2  sing N N 64  
ASP CB  HB3  sing N N 65  
ASP CG  OD1  doub N N 66  
ASP CG  OD2  sing N N 67  
ASP OD2 HD2  sing N N 68  
ASP OXT HXT  sing N N 69  
CYS N   CA   sing N N 70  
CYS N   H    sing N N 71  
CYS N   H2   sing N N 72  
CYS CA  C    sing N N 73  
CYS CA  CB   sing N N 74  
CYS CA  HA   sing N N 75  
CYS C   O    doub N N 76  
CYS C   OXT  sing N N 77  
CYS CB  SG   sing N N 78  
CYS CB  HB2  sing N N 79  
CYS CB  HB3  sing N N 80  
CYS SG  HG   sing N N 81  
CYS OXT HXT  sing N N 82  
GLN N   CA   sing N N 83  
GLN N   H    sing N N 84  
GLN N   H2   sing N N 85  
GLN CA  C    sing N N 86  
GLN CA  CB   sing N N 87  
GLN CA  HA   sing N N 88  
GLN C   O    doub N N 89  
GLN C   OXT  sing N N 90  
GLN CB  CG   sing N N 91  
GLN CB  HB2  sing N N 92  
GLN CB  HB3  sing N N 93  
GLN CG  CD   sing N N 94  
GLN CG  HG2  sing N N 95  
GLN CG  HG3  sing N N 96  
GLN CD  OE1  doub N N 97  
GLN CD  NE2  sing N N 98  
GLN NE2 HE21 sing N N 99  
GLN NE2 HE22 sing N N 100 
GLN OXT HXT  sing N N 101 
GLU N   CA   sing N N 102 
GLU N   H    sing N N 103 
GLU N   H2   sing N N 104 
GLU CA  C    sing N N 105 
GLU CA  CB   sing N N 106 
GLU CA  HA   sing N N 107 
GLU C   O    doub N N 108 
GLU C   OXT  sing N N 109 
GLU CB  CG   sing N N 110 
GLU CB  HB2  sing N N 111 
GLU CB  HB3  sing N N 112 
GLU CG  CD   sing N N 113 
GLU CG  HG2  sing N N 114 
GLU CG  HG3  sing N N 115 
GLU CD  OE1  doub N N 116 
GLU CD  OE2  sing N N 117 
GLU OE2 HE2  sing N N 118 
GLU OXT HXT  sing N N 119 
GLY N   CA   sing N N 120 
GLY N   H    sing N N 121 
GLY N   H2   sing N N 122 
GLY CA  C    sing N N 123 
GLY CA  HA2  sing N N 124 
GLY CA  HA3  sing N N 125 
GLY C   O    doub N N 126 
GLY C   OXT  sing N N 127 
GLY OXT HXT  sing N N 128 
HOH O   H1   sing N N 129 
HOH O   H2   sing N N 130 
ILE N   CA   sing N N 131 
ILE N   H    sing N N 132 
ILE N   H2   sing N N 133 
ILE CA  C    sing N N 134 
ILE CA  CB   sing N N 135 
ILE CA  HA   sing N N 136 
ILE C   O    doub N N 137 
ILE C   OXT  sing N N 138 
ILE CB  CG1  sing N N 139 
ILE CB  CG2  sing N N 140 
ILE CB  HB   sing N N 141 
ILE CG1 CD1  sing N N 142 
ILE CG1 HG12 sing N N 143 
ILE CG1 HG13 sing N N 144 
ILE CG2 HG21 sing N N 145 
ILE CG2 HG22 sing N N 146 
ILE CG2 HG23 sing N N 147 
ILE CD1 HD11 sing N N 148 
ILE CD1 HD12 sing N N 149 
ILE CD1 HD13 sing N N 150 
ILE OXT HXT  sing N N 151 
LEU N   CA   sing N N 152 
LEU N   H    sing N N 153 
LEU N   H2   sing N N 154 
LEU CA  C    sing N N 155 
LEU CA  CB   sing N N 156 
LEU CA  HA   sing N N 157 
LEU C   O    doub N N 158 
LEU C   OXT  sing N N 159 
LEU CB  CG   sing N N 160 
LEU CB  HB2  sing N N 161 
LEU CB  HB3  sing N N 162 
LEU CG  CD1  sing N N 163 
LEU CG  CD2  sing N N 164 
LEU CG  HG   sing N N 165 
LEU CD1 HD11 sing N N 166 
LEU CD1 HD12 sing N N 167 
LEU CD1 HD13 sing N N 168 
LEU CD2 HD21 sing N N 169 
LEU CD2 HD22 sing N N 170 
LEU CD2 HD23 sing N N 171 
LEU OXT HXT  sing N N 172 
LYS N   CA   sing N N 173 
LYS N   H    sing N N 174 
LYS N   H2   sing N N 175 
LYS CA  C    sing N N 176 
LYS CA  CB   sing N N 177 
LYS CA  HA   sing N N 178 
LYS C   O    doub N N 179 
LYS C   OXT  sing N N 180 
LYS CB  CG   sing N N 181 
LYS CB  HB2  sing N N 182 
LYS CB  HB3  sing N N 183 
LYS CG  CD   sing N N 184 
LYS CG  HG2  sing N N 185 
LYS CG  HG3  sing N N 186 
LYS CD  CE   sing N N 187 
LYS CD  HD2  sing N N 188 
LYS CD  HD3  sing N N 189 
LYS CE  NZ   sing N N 190 
LYS CE  HE2  sing N N 191 
LYS CE  HE3  sing N N 192 
LYS NZ  HZ1  sing N N 193 
LYS NZ  HZ2  sing N N 194 
LYS NZ  HZ3  sing N N 195 
LYS OXT HXT  sing N N 196 
PHE N   CA   sing N N 197 
PHE N   H    sing N N 198 
PHE N   H2   sing N N 199 
PHE CA  C    sing N N 200 
PHE CA  CB   sing N N 201 
PHE CA  HA   sing N N 202 
PHE C   O    doub N N 203 
PHE C   OXT  sing N N 204 
PHE CB  CG   sing N N 205 
PHE CB  HB2  sing N N 206 
PHE CB  HB3  sing N N 207 
PHE CG  CD1  doub Y N 208 
PHE CG  CD2  sing Y N 209 
PHE CD1 CE1  sing Y N 210 
PHE CD1 HD1  sing N N 211 
PHE CD2 CE2  doub Y N 212 
PHE CD2 HD2  sing N N 213 
PHE CE1 CZ   doub Y N 214 
PHE CE1 HE1  sing N N 215 
PHE CE2 CZ   sing Y N 216 
PHE CE2 HE2  sing N N 217 
PHE CZ  HZ   sing N N 218 
PHE OXT HXT  sing N N 219 
PRO N   CA   sing N N 220 
PRO N   CD   sing N N 221 
PRO N   H    sing N N 222 
PRO CA  C    sing N N 223 
PRO CA  CB   sing N N 224 
PRO CA  HA   sing N N 225 
PRO C   O    doub N N 226 
PRO C   OXT  sing N N 227 
PRO CB  CG   sing N N 228 
PRO CB  HB2  sing N N 229 
PRO CB  HB3  sing N N 230 
PRO CG  CD   sing N N 231 
PRO CG  HG2  sing N N 232 
PRO CG  HG3  sing N N 233 
PRO CD  HD2  sing N N 234 
PRO CD  HD3  sing N N 235 
PRO OXT HXT  sing N N 236 
SER N   CA   sing N N 237 
SER N   H    sing N N 238 
SER N   H2   sing N N 239 
SER CA  C    sing N N 240 
SER CA  CB   sing N N 241 
SER CA  HA   sing N N 242 
SER C   O    doub N N 243 
SER C   OXT  sing N N 244 
SER CB  OG   sing N N 245 
SER CB  HB2  sing N N 246 
SER CB  HB3  sing N N 247 
SER OG  HG   sing N N 248 
SER OXT HXT  sing N N 249 
THR N   CA   sing N N 250 
THR N   H    sing N N 251 
THR N   H2   sing N N 252 
THR CA  C    sing N N 253 
THR CA  CB   sing N N 254 
THR CA  HA   sing N N 255 
THR C   O    doub N N 256 
THR C   OXT  sing N N 257 
THR CB  OG1  sing N N 258 
THR CB  CG2  sing N N 259 
THR CB  HB   sing N N 260 
THR OG1 HG1  sing N N 261 
THR CG2 HG21 sing N N 262 
THR CG2 HG22 sing N N 263 
THR CG2 HG23 sing N N 264 
THR OXT HXT  sing N N 265 
TRP N   CA   sing N N 266 
TRP N   H    sing N N 267 
TRP N   H2   sing N N 268 
TRP CA  C    sing N N 269 
TRP CA  CB   sing N N 270 
TRP CA  HA   sing N N 271 
TRP C   O    doub N N 272 
TRP C   OXT  sing N N 273 
TRP CB  CG   sing N N 274 
TRP CB  HB2  sing N N 275 
TRP CB  HB3  sing N N 276 
TRP CG  CD1  doub Y N 277 
TRP CG  CD2  sing Y N 278 
TRP CD1 NE1  sing Y N 279 
TRP CD1 HD1  sing N N 280 
TRP CD2 CE2  doub Y N 281 
TRP CD2 CE3  sing Y N 282 
TRP NE1 CE2  sing Y N 283 
TRP NE1 HE1  sing N N 284 
TRP CE2 CZ2  sing Y N 285 
TRP CE3 CZ3  doub Y N 286 
TRP CE3 HE3  sing N N 287 
TRP CZ2 CH2  doub Y N 288 
TRP CZ2 HZ2  sing N N 289 
TRP CZ3 CH2  sing Y N 290 
TRP CZ3 HZ3  sing N N 291 
TRP CH2 HH2  sing N N 292 
TRP OXT HXT  sing N N 293 
TYR N   CA   sing N N 294 
TYR N   H    sing N N 295 
TYR N   H2   sing N N 296 
TYR CA  C    sing N N 297 
TYR CA  CB   sing N N 298 
TYR CA  HA   sing N N 299 
TYR C   O    doub N N 300 
TYR C   OXT  sing N N 301 
TYR CB  CG   sing N N 302 
TYR CB  HB2  sing N N 303 
TYR CB  HB3  sing N N 304 
TYR CG  CD1  doub Y N 305 
TYR CG  CD2  sing Y N 306 
TYR CD1 CE1  sing Y N 307 
TYR CD1 HD1  sing N N 308 
TYR CD2 CE2  doub Y N 309 
TYR CD2 HD2  sing N N 310 
TYR CE1 CZ   doub Y N 311 
TYR CE1 HE1  sing N N 312 
TYR CE2 CZ   sing Y N 313 
TYR CE2 HE2  sing N N 314 
TYR CZ  OH   sing N N 315 
TYR OH  HH   sing N N 316 
TYR OXT HXT  sing N N 317 
VAL N   CA   sing N N 318 
VAL N   H    sing N N 319 
VAL N   H2   sing N N 320 
VAL CA  C    sing N N 321 
VAL CA  CB   sing N N 322 
VAL CA  HA   sing N N 323 
VAL C   O    doub N N 324 
VAL C   OXT  sing N N 325 
VAL CB  CG1  sing N N 326 
VAL CB  CG2  sing N N 327 
VAL CB  HB   sing N N 328 
VAL CG1 HG11 sing N N 329 
VAL CG1 HG12 sing N N 330 
VAL CG1 HG13 sing N N 331 
VAL CG2 HG21 sing N N 332 
VAL CG2 HG22 sing N N 333 
VAL CG2 HG23 sing N N 334 
VAL OXT HXT  sing N N 335 
# 
_atom_sites.entry_id                    6BBK 
_atom_sites.fract_transf_matrix[1][1]   0.02326639 
_atom_sites.fract_transf_matrix[1][2]   0.02307456 
_atom_sites.fract_transf_matrix[1][3]   0.00127303 
_atom_sites.fract_transf_matrix[2][1]   -0.00141489 
_atom_sites.fract_transf_matrix[2][2]   0.00012766 
_atom_sites.fract_transf_matrix[2][3]   0.02354518 
_atom_sites.fract_transf_matrix[3][1]   0.00851714 
_atom_sites.fract_transf_matrix[3][2]   -0.00861877 
_atom_sites.fract_transf_matrix[3][3]   0.00055855 
_atom_sites.fract_transf_vector[1]      -0.327968 
_atom_sites.fract_transf_vector[2]      -0.190229 
_atom_sites.fract_transf_vector[3]      0.126343 
# 
loop_
_atom_type.symbol 
C 
N 
O 
S 
# 
loop_
_atom_site.group_PDB 
_atom_site.id 
_atom_site.type_symbol 
_atom_site.label_atom_id 
_atom_site.label_alt_id 
_atom_site.label_comp_id 
_atom_site.label_asym_id 
_atom_site.label_entity_id 
_atom_site.label_seq_id 
_atom_site.pdbx_PDB_ins_code 
_atom_site.Cartn_x 
_atom_site.Cartn_y 
_atom_site.Cartn_z 
_atom_site.occupancy 
_atom_site.B_iso_or_equiv 
_atom_site.pdbx_formal_charge 
_atom_site.auth_seq_id 
_atom_site.auth_comp_id 
_atom_site.auth_asym_id 
_atom_site.auth_atom_id 
_atom_site.pdbx_PDB_model_num 
ATOM   1    N N   . ASP A 1 3   ? 6.395   12.164  18.912  1.00 40.24 ? 3   ASP A N   1 
ATOM   2    C CA  . ASP A 1 3   ? 5.163   12.637  19.533  1.00 35.05 ? 3   ASP A CA  1 
ATOM   3    C C   . ASP A 1 3   ? 3.944   12.199  18.703  1.00 35.13 ? 3   ASP A C   1 
ATOM   4    O O   . ASP A 1 3   ? 4.080   11.929  17.510  1.00 29.62 ? 3   ASP A O   1 
ATOM   5    C CB  . ASP A 1 3   ? 5.214   14.163  19.712  1.00 45.43 ? 3   ASP A CB  1 
ATOM   6    C CG  . ASP A 1 3   ? 4.729   14.929  18.491  1.00 44.38 ? 3   ASP A CG  1 
ATOM   7    O OD1 . ASP A 1 3   ? 5.067   14.552  17.351  1.00 44.88 ? 3   ASP A OD1 1 
ATOM   8    O OD2 . ASP A 1 3   ? 4.004   15.930  18.683  1.00 55.50 ? 3   ASP A OD2 1 
ATOM   9    N N   . PRO A 1 4   ? 2.769   12.112  19.341  1.00 30.87 ? 4   PRO A N   1 
ATOM   10   C CA  . PRO A 1 4   ? 1.593   11.540  18.655  1.00 31.16 ? 4   PRO A CA  1 
ATOM   11   C C   . PRO A 1 4   ? 1.259   12.177  17.318  1.00 25.88 ? 4   PRO A C   1 
ATOM   12   O O   . PRO A 1 4   ? 0.851   11.474  16.385  1.00 27.23 ? 4   PRO A O   1 
ATOM   13   C CB  . PRO A 1 4   ? 0.460   11.773  19.663  1.00 34.44 ? 4   PRO A CB  1 
ATOM   14   C CG  . PRO A 1 4   ? 1.124   11.847  20.979  1.00 36.21 ? 4   PRO A CG  1 
ATOM   15   C CD  . PRO A 1 4   ? 2.480   12.444  20.748  1.00 39.69 ? 4   PRO A CD  1 
ATOM   16   N N   . PHE A 1 5   ? 1.374   13.498  17.206  1.00 27.43 ? 5   PHE A N   1 
ATOM   17   C CA  . PHE A 1 5   ? 0.999   14.147  15.957  1.00 26.38 ? 5   PHE A CA  1 
ATOM   18   C C   . PHE A 1 5   ? 1.894   13.687  14.817  1.00 29.75 ? 5   PHE A C   1 
ATOM   19   O O   . PHE A 1 5   ? 1.425   13.485  13.690  1.00 23.43 ? 5   PHE A O   1 
ATOM   20   C CB  . PHE A 1 5   ? 1.060   15.662  16.113  1.00 24.17 ? 5   PHE A CB  1 
ATOM   21   C CG  . PHE A 1 5   ? 0.871   16.413  14.823  1.00 34.14 ? 5   PHE A CG  1 
ATOM   22   C CD1 . PHE A 1 5   ? -0.395  16.626  14.311  1.00 33.47 ? 5   PHE A CD1 1 
ATOM   23   C CD2 . PHE A 1 5   ? 1.966   16.911  14.127  1.00 34.91 ? 5   PHE A CD2 1 
ATOM   24   C CE1 . PHE A 1 5   ? -0.570  17.325  13.124  1.00 21.88 ? 5   PHE A CE1 1 
ATOM   25   C CE2 . PHE A 1 5   ? 1.793   17.603  12.940  1.00 45.34 ? 5   PHE A CE2 1 
ATOM   26   C CZ  . PHE A 1 5   ? 0.517   17.810  12.444  1.00 24.44 ? 5   PHE A CZ  1 
ATOM   27   N N   . THR A 1 6   ? 3.190   13.519  15.090  1.00 21.59 ? 6   THR A N   1 
ATOM   28   C CA  . THR A 1 6   ? 4.087   13.016  14.062  1.00 21.37 ? 6   THR A CA  1 
ATOM   29   C C   . THR A 1 6   ? 3.712   11.594  13.688  1.00 21.89 ? 6   THR A C   1 
ATOM   30   O O   . THR A 1 6   ? 3.647   11.249  12.501  1.00 20.61 ? 6   THR A O   1 
ATOM   31   C CB  . THR A 1 6   ? 5.533   13.097  14.544  1.00 28.56 ? 6   THR A CB  1 
ATOM   32   O OG1 . THR A 1 6   ? 5.840   14.460  14.864  1.00 30.65 ? 6   THR A OG1 1 
ATOM   33   C CG2 . THR A 1 6   ? 6.486   12.598  13.475  1.00 28.67 ? 6   THR A CG2 1 
ATOM   34   N N   . ALA A 1 7   ? 3.412   10.769  14.691  1.00 20.47 ? 7   ALA A N   1 
ATOM   35   C CA  . ALA A 1 7   ? 2.988   9.403   14.409  1.00 18.42 ? 7   ALA A CA  1 
ATOM   36   C C   . ALA A 1 7   ? 1.729   9.393   13.559  1.00 20.18 ? 7   ALA A C   1 
ATOM   37   O O   . ALA A 1 7   ? 1.648   8.669   12.562  1.00 17.52 ? 7   ALA A O   1 
ATOM   38   C CB  . ALA A 1 7   ? 2.765   8.637   15.712  1.00 24.32 ? 7   ALA A CB  1 
ATOM   39   N N   . ARG A 1 8   ? 0.738   10.214  13.922  1.00 19.07 ? 8   ARG A N   1 
ATOM   40   C CA  . ARG A 1 8   ? -0.507  10.237  13.160  1.00 18.71 ? 8   ARG A CA  1 
ATOM   41   C C   . ARG A 1 8   ? -0.267  10.728  11.742  1.00 17.59 ? 8   ARG A C   1 
ATOM   42   O O   . ARG A 1 8   ? -0.841  10.196  10.786  1.00 17.51 ? 8   ARG A O   1 
ATOM   43   C CB  . ARG A 1 8   ? -1.536  11.109  13.868  1.00 20.42 ? 8   ARG A CB  1 
ATOM   44   C CG  . ARG A 1 8   ? -2.038  10.511  15.172  1.00 18.06 ? 8   ARG A CG  1 
ATOM   45   C CD  . ARG A 1 8   ? -3.047  11.428  15.823  1.00 24.99 ? 8   ARG A CD  1 
ATOM   46   N NE  . ARG A 1 8   ? -4.313  11.406  15.098  1.00 20.67 ? 8   ARG A NE  1 
ATOM   47   C CZ  . ARG A 1 8   ? -5.182  12.408  15.088  1.00 24.44 ? 8   ARG A CZ  1 
ATOM   48   N NH1 . ARG A 1 8   ? -4.917  13.512  15.767  1.00 25.42 ? 8   ARG A NH1 1 
ATOM   49   N NH2 . ARG A 1 8   ? -6.308  12.303  14.392  1.00 27.79 ? 8   ARG A NH2 1 
ATOM   50   N N   . THR A 1 9   ? 0.589   11.744  11.590  1.00 14.88 ? 9   THR A N   1 
ATOM   51   C CA  . THR A 1 9   ? 0.940   12.227  10.266  1.00 16.18 ? 9   THR A CA  1 
ATOM   52   C C   . THR A 1 9   ? 1.599   11.133  9.445   1.00 18.22 ? 9   THR A C   1 
ATOM   53   O O   . THR A 1 9   ? 1.316   10.987  8.252   1.00 16.09 ? 9   THR A O   1 
ATOM   54   C CB  . THR A 1 9   ? 1.877   13.426  10.381  1.00 17.60 ? 9   THR A CB  1 
ATOM   55   O OG1 . THR A 1 9   ? 1.215   14.474  11.106  1.00 18.28 ? 9   THR A OG1 1 
ATOM   56   C CG2 . THR A 1 9   ? 2.262   13.922  8.993   1.00 20.04 ? 9   THR A CG2 1 
ATOM   57   N N   . GLN A 1 10  ? 2.493   10.361  10.069  1.00 14.61 ? 10  GLN A N   1 
ATOM   58   C CA  . GLN A 1 10  ? 3.222   9.347   9.322   1.00 14.72 ? 10  GLN A CA  1 
ATOM   59   C C   . GLN A 1 10  ? 2.293   8.240   8.857   1.00 16.70 ? 10  GLN A C   1 
ATOM   60   O O   . GLN A 1 10  ? 2.390   7.785   7.714   1.00 15.91 ? 10  GLN A O   1 
ATOM   61   C CB  . GLN A 1 10  ? 4.356   8.777   10.167  1.00 16.40 ? 10  GLN A CB  1 
ATOM   62   C CG  . GLN A 1 10  ? 5.497   9.745   10.387  1.00 18.19 ? 10  GLN A CG  1 
ATOM   63   C CD  . GLN A 1 10  ? 6.630   9.103   11.146  1.00 21.02 ? 10  GLN A CD  1 
ATOM   64   O OE1 . GLN A 1 10  ? 6.414   8.199   11.949  1.00 23.62 ? 10  GLN A OE1 1 
ATOM   65   N NE2 . GLN A 1 10  ? 7.852   9.570   10.903  1.00 28.49 ? 10  GLN A NE2 1 
ATOM   66   N N   . VAL A 1 11  ? 1.388   7.789   9.726   1.00 15.21 ? 11  VAL A N   1 
ATOM   67   C CA  . VAL A 1 11  ? 0.452   6.747   9.320   1.00 16.32 ? 11  VAL A CA  1 
ATOM   68   C C   . VAL A 1 11  ? -0.410  7.238   8.164   1.00 14.12 ? 11  VAL A C   1 
ATOM   69   O O   . VAL A 1 11  ? -0.605  6.532   7.169   1.00 13.75 ? 11  VAL A O   1 
ATOM   70   C CB  . VAL A 1 11  ? -0.404  6.288   10.512  1.00 13.48 ? 11  VAL A CB  1 
ATOM   71   C CG1 . VAL A 1 11  ? -1.440  5.269   10.053  1.00 17.52 ? 11  VAL A CG1 1 
ATOM   72   C CG2 . VAL A 1 11  ? 0.475   5.651   11.576  1.00 16.00 ? 11  VAL A CG2 1 
ATOM   73   N N   . THR A 1 12  ? -0.935  8.462   8.273   1.00 14.87 ? 12  THR A N   1 
ATOM   74   C CA  . THR A 1 12  ? -1.803  8.982   7.214   1.00 14.30 ? 12  THR A CA  1 
ATOM   75   C C   . THR A 1 12  ? -1.044  9.127   5.896   1.00 18.72 ? 12  THR A C   1 
ATOM   76   O O   . THR A 1 12  ? -1.569  8.787   4.829   1.00 15.39 ? 12  THR A O   1 
ATOM   77   C CB  . THR A 1 12  ? -2.423  10.306  7.659   1.00 12.34 ? 12  THR A CB  1 
ATOM   78   O OG1 . THR A 1 12  ? -3.411  10.037  8.660   1.00 17.20 ? 12  THR A OG1 1 
ATOM   79   C CG2 . THR A 1 12  ? -3.099  11.040  6.489   1.00 14.87 ? 12  THR A CG2 1 
ATOM   80   N N   . ARG A 1 13  ? 0.206   9.591   5.951   1.00 15.19 ? 13  ARG A N   1 
ATOM   81   C CA  . ARG A 1 13  ? 1.003   9.690   4.730   1.00 16.88 ? 13  ARG A CA  1 
ATOM   82   C C   . ARG A 1 13  ? 1.248   8.316   4.107   1.00 16.16 ? 13  ARG A C   1 
ATOM   83   O O   . ARG A 1 13  ? 1.116   8.141   2.889   1.00 17.25 ? 13  ARG A O   1 
ATOM   84   C CB  . ARG A 1 13  ? 2.323   10.397  5.035   1.00 16.76 ? 13  ARG A CB  1 
ATOM   85   C CG  . ARG A 1 13  ? 3.312   10.385  3.887   1.00 23.63 ? 13  ARG A CG  1 
ATOM   86   C CD  . ARG A 1 13  ? 4.436   11.391  4.140   1.00 33.08 ? 13  ARG A CD  1 
ATOM   87   N NE  . ARG A 1 13  ? 5.671   11.024  3.445   1.00 59.64 ? 13  ARG A NE  1 
ATOM   88   C CZ  . ARG A 1 13  ? 6.874   10.969  4.016   1.00 50.52 ? 13  ARG A CZ  1 
ATOM   89   N NH1 . ARG A 1 13  ? 7.029   11.262  5.302   1.00 41.10 ? 13  ARG A NH1 1 
ATOM   90   N NH2 . ARG A 1 13  ? 7.930   10.620  3.295   1.00 53.28 ? 13  ARG A NH2 1 
ATOM   91   N N   . ALA A 1 14  ? 1.625   7.326   4.920   1.00 13.21 ? 14  ALA A N   1 
ATOM   92   C CA  . ALA A 1 14  ? 1.880   5.991   4.372   1.00 13.75 ? 14  ALA A CA  1 
ATOM   93   C C   . ALA A 1 14  ? 0.620   5.391   3.753   1.00 20.40 ? 14  ALA A C   1 
ATOM   94   O O   . ALA A 1 14  ? 0.674   4.796   2.669   1.00 16.85 ? 14  ALA A O   1 
ATOM   95   C CB  . ALA A 1 14  ? 2.431   5.068   5.453   1.00 19.18 ? 14  ALA A CB  1 
ATOM   96   N N   . VAL A 1 15  ? -0.523  5.535   4.432   1.00 15.61 ? 15  VAL A N   1 
ATOM   97   C CA  . VAL A 1 15  ? -1.798  5.115   3.850   1.00 13.97 ? 15  VAL A CA  1 
ATOM   98   C C   . VAL A 1 15  ? -2.016  5.792   2.503   1.00 16.82 ? 15  VAL A C   1 
ATOM   99   O O   . VAL A 1 15  ? -2.445  5.154   1.530   1.00 15.04 ? 15  VAL A O   1 
ATOM   100  C CB  . VAL A 1 15  ? -2.946  5.411   4.835   1.00 16.76 ? 15  VAL A CB  1 
ATOM   101  C CG1 . VAL A 1 15  ? -4.313  5.348   4.135   1.00 16.43 ? 15  VAL A CG1 1 
ATOM   102  C CG2 . VAL A 1 15  ? -2.899  4.433   5.984   1.00 18.64 ? 15  VAL A CG2 1 
ATOM   103  N N   A SER A 1 16  ? -1.701  7.089   2.415   0.55 14.72 ? 16  SER A N   1 
ATOM   104  N N   B SER A 1 16  ? -1.703  7.086   2.412   0.45 14.75 ? 16  SER A N   1 
ATOM   105  C CA  A SER A 1 16  ? -1.881  7.820   1.160   0.55 16.74 ? 16  SER A CA  1 
ATOM   106  C CA  B SER A 1 16  ? -1.893  7.797   1.151   0.45 16.74 ? 16  SER A CA  1 
ATOM   107  C C   A SER A 1 16  ? -0.946  7.304   0.069   0.55 16.45 ? 16  SER A C   1 
ATOM   108  C C   B SER A 1 16  ? -0.956  7.273   0.067   0.45 16.46 ? 16  SER A C   1 
ATOM   109  O O   A SER A 1 16  ? -1.333  7.229   -1.103  0.55 18.15 ? 16  SER A O   1 
ATOM   110  O O   B SER A 1 16  ? -1.349  7.165   -1.100  0.45 18.12 ? 16  SER A O   1 
ATOM   111  C CB  A SER A 1 16  ? -1.660  9.315   1.397   0.55 19.99 ? 16  SER A CB  1 
ATOM   112  C CB  B SER A 1 16  ? -1.678  9.292   1.360   0.45 19.96 ? 16  SER A CB  1 
ATOM   113  O OG  A SER A 1 16  ? -1.850  10.079  0.214   0.55 17.56 ? 16  SER A OG  1 
ATOM   114  O OG  B SER A 1 16  ? -0.300  9.577   1.490   0.45 22.27 ? 16  SER A OG  1 
ATOM   115  N N   . GLU A 1 17  ? 0.290   6.950   0.430   1.00 16.21 ? 17  GLU A N   1 
ATOM   116  C CA  . GLU A 1 17  ? 1.243   6.461   -0.562  1.00 18.09 ? 17  GLU A CA  1 
ATOM   117  C C   . GLU A 1 17  ? 0.786   5.145   -1.182  1.00 20.42 ? 17  GLU A C   1 
ATOM   118  O O   . GLU A 1 17  ? 0.905   4.947   -2.397  1.00 19.39 ? 17  GLU A O   1 
ATOM   119  C CB  . GLU A 1 17  ? 2.628   6.322   0.078   1.00 21.13 ? 17  GLU A CB  1 
ATOM   120  C CG  . GLU A 1 17  ? 3.258   7.690   0.336   1.00 24.66 ? 17  GLU A CG  1 
ATOM   121  C CD  . GLU A 1 17  ? 4.418   7.676   1.321   1.00 31.13 ? 17  GLU A CD  1 
ATOM   122  O OE1 . GLU A 1 17  ? 4.632   6.650   2.002   1.00 23.40 ? 17  GLU A OE1 1 
ATOM   123  O OE2 . GLU A 1 17  ? 5.115   8.714   1.419   1.00 29.16 ? 17  GLU A OE2 1 
ATOM   124  N N   . VAL A 1 18  ? 0.233   4.242   -0.373  1.00 16.33 ? 18  VAL A N   1 
ATOM   125  C CA  . VAL A 1 18  ? -0.273  2.989   -0.925  1.00 13.30 ? 18  VAL A CA  1 
ATOM   126  C C   . VAL A 1 18  ? -1.575  3.232   -1.678  1.00 14.66 ? 18  VAL A C   1 
ATOM   127  O O   . VAL A 1 18  ? -1.769  2.741   -2.798  1.00 16.53 ? 18  VAL A O   1 
ATOM   128  C CB  . VAL A 1 18  ? -0.462  1.949   0.191   1.00 14.97 ? 18  VAL A CB  1 
ATOM   129  C CG1 . VAL A 1 18  ? -0.850  0.608   -0.408  1.00 14.97 ? 18  VAL A CG1 1 
ATOM   130  C CG2 . VAL A 1 18  ? 0.818   1.805   1.011   1.00 14.34 ? 18  VAL A CG2 1 
ATOM   131  N N   . SER A 1 19  ? -2.479  4.012   -1.080  1.00 15.40 ? 19  SER A N   1 
ATOM   132  C CA  . SER A 1 19  ? -3.796  4.207   -1.674  1.00 14.81 ? 19  SER A CA  1 
ATOM   133  C C   . SER A 1 19  ? -3.716  4.940   -3.006  1.00 12.76 ? 19  SER A C   1 
ATOM   134  O O   . SER A 1 19  ? -4.594  4.764   -3.857  1.00 16.27 ? 19  SER A O   1 
ATOM   135  C CB  . SER A 1 19  ? -4.698  4.968   -0.705  1.00 16.06 ? 19  SER A CB  1 
ATOM   136  O OG  . SER A 1 19  ? -4.884  4.242   0.499   1.00 14.88 ? 19  SER A OG  1 
ATOM   137  N N   . ALA A 1 20  ? -2.673  5.756   -3.205  1.00 13.85 ? 20  ALA A N   1 
ATOM   138  C CA  . ALA A 1 20  ? -2.517  6.490   -4.458  1.00 18.95 ? 20  ALA A CA  1 
ATOM   139  C C   . ALA A 1 20  ? -2.350  5.565   -5.651  1.00 14.56 ? 20  ALA A C   1 
ATOM   140  O O   . ALA A 1 20  ? -2.592  5.984   -6.791  1.00 17.87 ? 20  ALA A O   1 
ATOM   141  C CB  . ALA A 1 20  ? -1.309  7.423   -4.375  1.00 19.12 ? 20  ALA A CB  1 
ATOM   142  N N   . LEU A 1 21  ? -1.927  4.327   -5.413  1.00 14.51 ? 21  LEU A N   1 
ATOM   143  C CA  . LEU A 1 21  ? -1.676  3.377   -6.483  1.00 12.42 ? 21  LEU A CA  1 
ATOM   144  C C   . LEU A 1 21  ? -2.959  2.803   -7.080  1.00 15.93 ? 21  LEU A C   1 
ATOM   145  O O   . LEU A 1 21  ? -2.902  2.157   -8.137  1.00 17.35 ? 21  LEU A O   1 
ATOM   146  C CB  . LEU A 1 21  ? -0.797  2.249   -5.945  1.00 14.51 ? 21  LEU A CB  1 
ATOM   147  C CG  . LEU A 1 21  ? 0.485   2.744   -5.265  1.00 15.04 ? 21  LEU A CG  1 
ATOM   148  C CD1 . LEU A 1 21  ? 1.277   1.578   -4.653  1.00 16.84 ? 21  LEU A CD1 1 
ATOM   149  C CD2 . LEU A 1 21  ? 1.342   3.506   -6.263  1.00 16.08 ? 21  LEU A CD2 1 
ATOM   150  N N   . LYS A 1 22  ? -4.105  3.001   -6.426  1.00 15.54 ? 22  LYS A N   1 
ATOM   151  C CA  . LYS A 1 22  ? -5.349  2.436   -6.950  1.00 13.48 ? 22  LYS A CA  1 
ATOM   152  C C   . LYS A 1 22  ? -5.643  2.936   -8.356  1.00 15.81 ? 22  LYS A C   1 
ATOM   153  O O   . LYS A 1 22  ? -6.207  2.202   -9.181  1.00 15.86 ? 22  LYS A O   1 
ATOM   154  C CB  . LYS A 1 22  ? -6.512  2.774   -6.016  1.00 18.44 ? 22  LYS A CB  1 
ATOM   155  C CG  . LYS A 1 22  ? -6.389  2.163   -4.638  1.00 15.63 ? 22  LYS A CG  1 
ATOM   156  C CD  . LYS A 1 22  ? -7.641  2.429   -3.806  1.00 20.79 ? 22  LYS A CD  1 
ATOM   157  C CE  . LYS A 1 22  ? -7.826  3.889   -3.494  1.00 21.62 ? 22  LYS A CE  1 
ATOM   158  N NZ  . LYS A 1 22  ? -9.010  4.072   -2.607  1.00 21.89 ? 22  LYS A NZ  1 
ATOM   159  N N   . THR A 1 23  ? -5.279  4.181   -8.648  1.00 15.78 ? 23  THR A N   1 
ATOM   160  C CA  . THR A 1 23  ? -5.581  4.742   -9.956  1.00 16.51 ? 23  THR A CA  1 
ATOM   161  C C   . THR A 1 23  ? -4.833  4.007   -11.062 1.00 17.51 ? 23  THR A C   1 
ATOM   162  O O   . THR A 1 23  ? -5.419  3.667   -12.100 1.00 15.62 ? 23  THR A O   1 
ATOM   163  C CB  . THR A 1 23  ? -5.253  6.231   -9.953  1.00 20.07 ? 23  THR A CB  1 
ATOM   164  O OG1 . THR A 1 23  ? -6.057  6.869   -8.952  1.00 22.22 ? 23  THR A OG1 1 
ATOM   165  C CG2 . THR A 1 23  ? -5.581  6.844   -11.298 1.00 20.03 ? 23  THR A CG2 1 
ATOM   166  N N   . ALA A 1 24  ? -3.543  3.733   -10.852 1.00 17.36 ? 24  ALA A N   1 
ATOM   167  C CA  . ALA A 1 24  ? -2.795  2.952   -11.829 1.00 16.60 ? 24  ALA A CA  1 
ATOM   168  C C   . ALA A 1 24  ? -3.318  1.523   -11.910 1.00 14.85 ? 24  ALA A C   1 
ATOM   169  O O   . ALA A 1 24  ? -3.340  0.927   -12.994 1.00 16.83 ? 24  ALA A O   1 
ATOM   170  C CB  . ALA A 1 24  ? -1.303  2.965   -11.487 1.00 21.45 ? 24  ALA A CB  1 
ATOM   171  N N   . ALA A 1 25  ? -3.729  0.952   -10.773 1.00 13.90 ? 25  ALA A N   1 
ATOM   172  C CA  . ALA A 1 25  ? -4.310  -0.386  -10.790 1.00 11.65 ? 25  ALA A CA  1 
ATOM   173  C C   . ALA A 1 25  ? -5.576  -0.420  -11.643 1.00 17.03 ? 25  ALA A C   1 
ATOM   174  O O   . ALA A 1 25  ? -5.761  -1.331  -12.464 1.00 17.98 ? 25  ALA A O   1 
ATOM   175  C CB  . ALA A 1 25  ? -4.593  -0.851  -9.364  1.00 16.54 ? 25  ALA A CB  1 
ATOM   176  N N   . GLU A 1 26  ? -6.448  0.577   -11.489 1.00 13.68 ? 26  GLU A N   1 
ATOM   177  C CA  . GLU A 1 26  ? -7.654  0.619   -12.315 1.00 15.38 ? 26  GLU A CA  1 
ATOM   178  C C   . GLU A 1 26  ? -7.298  0.743   -13.793 1.00 21.37 ? 26  GLU A C   1 
ATOM   179  O O   . GLU A 1 26  ? -7.944  0.131   -14.650 1.00 16.67 ? 26  GLU A O   1 
ATOM   180  C CB  . GLU A 1 26  ? -8.565  1.766   -11.876 1.00 15.23 ? 26  GLU A CB  1 
ATOM   181  C CG  . GLU A 1 26  ? -9.178  1.588   -10.487 1.00 12.16 ? 26  GLU A CG  1 
ATOM   182  C CD  . GLU A 1 26  ? -10.148 0.410   -10.405 1.00 15.86 ? 26  GLU A CD  1 
ATOM   183  O OE1 . GLU A 1 26  ? -10.531 -0.138  -11.460 1.00 15.96 ? 26  GLU A OE1 1 
ATOM   184  O OE2 . GLU A 1 26  ? -10.534 0.033   -9.276  1.00 16.90 ? 26  GLU A OE2 1 
ATOM   185  N N   . SER A 1 27  ? -6.262  1.522   -14.112 1.00 16.12 ? 27  SER A N   1 
ATOM   186  C CA  A SER A 1 27  ? -5.844  1.647   -15.502 0.50 17.34 ? 27  SER A CA  1 
ATOM   187  C CA  B SER A 1 27  ? -5.840  1.648   -15.504 0.50 17.34 ? 27  SER A CA  1 
ATOM   188  C C   . SER A 1 27  ? -5.403  0.304   -16.067 1.00 21.59 ? 27  SER A C   1 
ATOM   189  O O   . SER A 1 27  ? -5.745  -0.043  -17.205 1.00 20.38 ? 27  SER A O   1 
ATOM   190  C CB  A SER A 1 27  ? -4.721  2.678   -15.613 0.50 20.00 ? 27  SER A CB  1 
ATOM   191  C CB  B SER A 1 27  ? -4.706  2.667   -15.626 0.50 19.99 ? 27  SER A CB  1 
ATOM   192  O OG  A SER A 1 27  ? -5.186  3.954   -15.210 0.50 20.10 ? 27  SER A OG  1 
ATOM   193  O OG  B SER A 1 27  ? -4.271  2.780   -16.974 0.50 18.86 ? 27  SER A OG  1 
ATOM   194  N N   . ALA A 1 28  ? -4.646  -0.471  -15.284 1.00 19.15 ? 28  ALA A N   1 
ATOM   195  C CA  . ALA A 1 28  ? -4.225  -1.787  -15.759 1.00 17.67 ? 28  ALA A CA  1 
ATOM   196  C C   . ALA A 1 28  ? -5.426  -2.686  -16.011 1.00 20.23 ? 28  ALA A C   1 
ATOM   197  O O   . ALA A 1 28  ? -5.450  -3.453  -16.982 1.00 20.38 ? 28  ALA A O   1 
ATOM   198  C CB  . ALA A 1 28  ? -3.282  -2.436  -14.751 1.00 17.31 ? 28  ALA A CB  1 
ATOM   199  N N   . ILE A 1 29  ? -6.434  -2.607  -15.142 1.00 14.91 ? 29  ILE A N   1 
ATOM   200  C CA  . ILE A 1 29  ? -7.634  -3.418  -15.320 1.00 17.99 ? 29  ILE A CA  1 
ATOM   201  C C   . ILE A 1 29  ? -8.352  -3.035  -16.609 1.00 21.00 ? 29  ILE A C   1 
ATOM   202  O O   . ILE A 1 29  ? -8.847  -3.904  -17.341 1.00 21.49 ? 29  ILE A O   1 
ATOM   203  C CB  . ILE A 1 29  ? -8.532  -3.295  -14.076 1.00 17.07 ? 29  ILE A CB  1 
ATOM   204  C CG1 . ILE A 1 29  ? -7.868  -4.019  -12.898 1.00 15.98 ? 29  ILE A CG1 1 
ATOM   205  C CG2 . ILE A 1 29  ? -9.941  -3.844  -14.347 1.00 20.47 ? 29  ILE A CG2 1 
ATOM   206  C CD1 . ILE A 1 29  ? -8.482  -3.736  -11.548 1.00 20.27 ? 29  ILE A CD1 1 
ATOM   207  N N   . LEU A 1 30  ? -8.396  -1.738  -16.928 1.00 17.85 ? 30  LEU A N   1 
ATOM   208  C CA  . LEU A 1 30  ? -9.009  -1.323  -18.188 1.00 18.67 ? 30  LEU A CA  1 
ATOM   209  C C   . LEU A 1 30  ? -8.241  -1.880  -19.378 1.00 25.63 ? 30  LEU A C   1 
ATOM   210  O O   . LEU A 1 30  ? -8.842  -2.294  -20.375 1.00 28.00 ? 30  LEU A O   1 
ATOM   211  C CB  . LEU A 1 30  ? -9.076  0.200   -18.273 1.00 17.18 ? 30  LEU A CB  1 
ATOM   212  C CG  . LEU A 1 30  ? -10.142 0.898   -17.430 1.00 15.99 ? 30  LEU A CG  1 
ATOM   213  C CD1 . LEU A 1 30  ? -10.289 2.348   -17.877 1.00 15.36 ? 30  LEU A CD1 1 
ATOM   214  C CD2 . LEU A 1 30  ? -11.480 0.183   -17.505 1.00 23.44 ? 30  LEU A CD2 1 
ATOM   215  N N   . GLU A 1 31  ? -6.911  -1.906  -19.282 1.00 24.75 ? 31  GLU A N   1 
ATOM   216  C CA  . GLU A 1 31  ? -6.036  -2.353  -20.359 1.00 26.60 ? 31  GLU A CA  1 
ATOM   217  C C   . GLU A 1 31  ? -5.882  -3.867  -20.414 1.00 26.52 ? 31  GLU A C   1 
ATOM   218  O O   . GLU A 1 31  ? -5.227  -4.369  -21.335 1.00 33.80 ? 31  GLU A O   1 
ATOM   219  C CB  . GLU A 1 31  ? -4.653  -1.708  -20.209 1.00 33.52 ? 31  GLU A CB  1 
ATOM   220  C CG  . GLU A 1 31  ? -4.568  -0.259  -20.682 1.00 31.96 ? 31  GLU A CG  1 
ATOM   221  C CD  . GLU A 1 31  ? -4.537  -0.121  -22.201 1.00 54.74 ? 31  GLU A CD  1 
ATOM   222  O OE1 . GLU A 1 31  ? -3.433  0.052   -22.770 1.00 52.24 ? 31  GLU A OE1 1 
ATOM   223  O OE2 . GLU A 1 31  ? -5.619  -0.168  -22.828 1.00 63.73 ? 31  GLU A OE2 1 
ATOM   224  N N   . GLY A 1 32  ? -6.464  -4.601  -19.467 1.00 23.63 ? 32  GLY A N   1 
ATOM   225  C CA  . GLY A 1 32  ? -6.323  -6.045  -19.443 1.00 23.07 ? 32  GLY A CA  1 
ATOM   226  C C   . GLY A 1 32  ? -4.927  -6.528  -19.112 1.00 35.22 ? 32  GLY A C   1 
ATOM   227  O O   . GLY A 1 32  ? -4.530  -7.609  -19.557 1.00 33.10 ? 32  GLY A O   1 
ATOM   228  N N   . LYS A 1 33  ? -4.165  -5.760  -18.339 1.00 20.51 ? 33  LYS A N   1 
ATOM   229  C CA  . LYS A 1 33  ? -2.783  -6.105  -18.032 1.00 21.71 ? 33  LYS A CA  1 
ATOM   230  C C   . LYS A 1 33  ? -2.631  -6.405  -16.545 1.00 22.74 ? 33  LYS A C   1 
ATOM   231  O O   . LYS A 1 33  ? -3.298  -5.799  -15.697 1.00 20.27 ? 33  LYS A O   1 
ATOM   232  C CB  . LYS A 1 33  ? -1.824  -4.985  -18.461 1.00 27.47 ? 33  LYS A CB  1 
ATOM   233  C CG  . LYS A 1 33  ? -1.766  -4.767  -19.984 1.00 28.29 ? 33  LYS A CG  1 
ATOM   234  C CD  . LYS A 1 33  ? -0.513  -4.012  -20.443 1.00 34.43 ? 33  LYS A CD  1 
ATOM   235  C CE  . LYS A 1 33  ? -0.362  -4.103  -21.970 1.00 45.93 ? 33  LYS A CE  1 
ATOM   236  N NZ  . LYS A 1 33  ? 0.895   -3.503  -22.539 1.00 31.62 ? 33  LYS A NZ  1 
ATOM   237  N N   . GLU A 1 34  ? -1.760  -7.372  -16.242 1.00 20.99 ? 34  GLU A N   1 
ATOM   238  C CA  . GLU A 1 34  ? -1.522  -7.789  -14.864 1.00 17.41 ? 34  GLU A CA  1 
ATOM   239  C C   . GLU A 1 34  ? -0.866  -6.671  -14.065 1.00 16.88 ? 34  GLU A C   1 
ATOM   240  O O   . GLU A 1 34  ? 0.102   -6.056  -14.519 1.00 20.04 ? 34  GLU A O   1 
ATOM   241  C CB  . GLU A 1 34  ? -0.629  -9.033  -14.832 1.00 19.11 ? 34  GLU A CB  1 
ATOM   242  C CG  . GLU A 1 34  ? -0.322  -9.521  -13.434 1.00 17.07 ? 34  GLU A CG  1 
ATOM   243  C CD  . GLU A 1 34  ? 0.850   -10.492 -13.387 1.00 24.11 ? 34  GLU A CD  1 
ATOM   244  O OE1 . GLU A 1 34  ? 1.370   -10.851 -14.466 1.00 24.68 ? 34  GLU A OE1 1 
ATOM   245  O OE2 . GLU A 1 34  ? 1.233   -10.904 -12.271 1.00 28.04 ? 34  GLU A OE2 1 
ATOM   246  N N   . ILE A 1 35  ? -1.365  -6.445  -12.851 1.00 17.68 ? 35  ILE A N   1 
ATOM   247  C CA  . ILE A 1 35  ? -0.874  -5.379  -11.985 1.00 12.65 ? 35  ILE A CA  1 
ATOM   248  C C   . ILE A 1 35  ? 0.385   -5.852  -11.273 1.00 13.10 ? 35  ILE A C   1 
ATOM   249  O O   . ILE A 1 35  ? 0.387   -6.911  -10.641 1.00 17.08 ? 35  ILE A O   1 
ATOM   250  C CB  . ILE A 1 35  ? -1.949  -4.992  -10.960 1.00 15.82 ? 35  ILE A CB  1 
ATOM   251  C CG1 . ILE A 1 35  ? -3.176  -4.426  -11.667 1.00 15.33 ? 35  ILE A CG1 1 
ATOM   252  C CG2 . ILE A 1 35  ? -1.377  -4.040  -9.917  1.00 17.60 ? 35  ILE A CG2 1 
ATOM   253  C CD1 . ILE A 1 35  ? -4.410  -4.377  -10.770 1.00 18.47 ? 35  ILE A CD1 1 
ATOM   254  N N   . VAL A 1 36  ? 1.455   -5.055  -11.337 1.00 18.29 ? 36  VAL A N   1 
ATOM   255  C CA  . VAL A 1 36  ? 2.677   -5.375  -10.609 1.00 17.45 ? 36  VAL A CA  1 
ATOM   256  C C   . VAL A 1 36  ? 3.267   -4.111  -9.998  1.00 14.24 ? 36  VAL A C   1 
ATOM   257  O O   . VAL A 1 36  ? 2.912   -2.986  -10.357 1.00 14.48 ? 36  VAL A O   1 
ATOM   258  C CB  . VAL A 1 36  ? 3.741   -6.063  -11.500 1.00 17.68 ? 36  VAL A CB  1 
ATOM   259  C CG1 . VAL A 1 36  ? 3.197   -7.335  -12.144 1.00 17.97 ? 36  VAL A CG1 1 
ATOM   260  C CG2 . VAL A 1 36  ? 4.249   -5.094  -12.547 1.00 14.25 ? 36  VAL A CG2 1 
ATOM   261  N N   . SER A 1 37  ? 4.188   -4.316  -9.053  1.00 16.34 ? 37  SER A N   1 
ATOM   262  C CA  . SER A 1 37  ? 5.067   -3.266  -8.538  1.00 15.45 ? 37  SER A CA  1 
ATOM   263  C C   . SER A 1 37  ? 6.491   -3.770  -8.767  1.00 16.42 ? 37  SER A C   1 
ATOM   264  O O   . SER A 1 37  ? 7.059   -4.484  -7.935  1.00 16.31 ? 37  SER A O   1 
ATOM   265  C CB  . SER A 1 37  ? 4.794   -2.964  -7.062  1.00 15.43 ? 37  SER A CB  1 
ATOM   266  O OG  . SER A 1 37  ? 5.495   -1.801  -6.657  1.00 14.34 ? 37  SER A OG  1 
ATOM   267  N N   . SER A 1 38  ? 7.057   -3.431  -9.923  1.00 16.00 ? 38  SER A N   1 
ATOM   268  C CA  . SER A 1 38  ? 8.271   -4.091  -10.379 1.00 18.38 ? 38  SER A CA  1 
ATOM   269  C C   . SER A 1 38  ? 9.098   -3.146  -11.237 1.00 16.33 ? 38  SER A C   1 
ATOM   270  O O   . SER A 1 38  ? 8.555   -2.366  -12.022 1.00 15.25 ? 38  SER A O   1 
ATOM   271  C CB  . SER A 1 38  ? 7.938   -5.357  -11.183 1.00 17.95 ? 38  SER A CB  1 
ATOM   272  O OG  . SER A 1 38  ? 9.125   -5.992  -11.639 1.00 19.34 ? 38  SER A OG  1 
ATOM   273  N N   . ALA A 1 39  ? 10.420  -3.242  -11.090 1.00 15.49 ? 39  ALA A N   1 
ATOM   274  C CA  . ALA A 1 39  ? 11.343  -2.545  -11.972 1.00 18.69 ? 39  ALA A CA  1 
ATOM   275  C C   . ALA A 1 39  ? 11.522  -3.249  -13.308 1.00 21.04 ? 39  ALA A C   1 
ATOM   276  O O   . ALA A 1 39  ? 12.136  -2.672  -14.213 1.00 25.56 ? 39  ALA A O   1 
ATOM   277  C CB  . ALA A 1 39  ? 12.706  -2.390  -11.283 1.00 18.67 ? 39  ALA A CB  1 
ATOM   278  N N   . THR A 1 40  ? 11.013  -4.476  -13.460 1.00 16.02 ? 40  THR A N   1 
ATOM   279  C CA  . THR A 1 40  ? 11.157  -5.240  -14.701 1.00 21.11 ? 40  THR A CA  1 
ATOM   280  C C   . THR A 1 40  ? 9.826   -5.849  -15.141 1.00 18.52 ? 40  THR A C   1 
ATOM   281  O O   . THR A 1 40  ? 9.724   -7.065  -15.343 1.00 19.63 ? 40  THR A O   1 
ATOM   282  C CB  . THR A 1 40  ? 12.209  -6.334  -14.529 1.00 21.10 ? 40  THR A CB  1 
ATOM   283  O OG1 . THR A 1 40  ? 11.825  -7.179  -13.440 1.00 19.75 ? 40  THR A OG1 1 
ATOM   284  C CG2 . THR A 1 40  ? 13.561  -5.725  -14.223 1.00 25.47 ? 40  THR A CG2 1 
ATOM   285  N N   . PRO A 1 41  ? 8.786   -5.033  -15.312 1.00 16.84 ? 41  PRO A N   1 
ATOM   286  C CA  . PRO A 1 41  ? 7.504   -5.581  -15.759 1.00 16.85 ? 41  PRO A CA  1 
ATOM   287  C C   . PRO A 1 41  ? 7.607   -6.094  -17.184 1.00 21.65 ? 41  PRO A C   1 
ATOM   288  O O   . PRO A 1 41  ? 8.330   -5.543  -18.018 1.00 22.68 ? 41  PRO A O   1 
ATOM   289  C CB  . PRO A 1 41  ? 6.548   -4.381  -15.669 1.00 16.94 ? 41  PRO A CB  1 
ATOM   290  C CG  . PRO A 1 41  ? 7.428   -3.203  -15.845 1.00 18.14 ? 41  PRO A CG  1 
ATOM   291  C CD  . PRO A 1 41  ? 8.758   -3.559  -15.242 1.00 20.36 ? 41  PRO A CD  1 
ATOM   292  N N   A LYS A 1 42  ? 6.887   -7.176  -17.453 0.47 18.17 ? 42  LYS A N   1 
ATOM   293  N N   B LYS A 1 42  ? 6.879   -7.169  -17.454 0.53 18.14 ? 42  LYS A N   1 
ATOM   294  C CA  A LYS A 1 42  ? 6.787   -7.681  -18.809 0.47 21.70 ? 42  LYS A CA  1 
ATOM   295  C CA  B LYS A 1 42  ? 6.773   -7.671  -18.808 0.53 21.70 ? 42  LYS A CA  1 
ATOM   296  C C   A LYS A 1 42  ? 5.777   -6.844  -19.588 0.47 20.54 ? 42  LYS A C   1 
ATOM   297  C C   B LYS A 1 42  ? 5.758   -6.843  -19.588 0.53 20.53 ? 42  LYS A C   1 
ATOM   298  O O   A LYS A 1 42  ? 5.040   -6.031  -19.025 0.47 21.60 ? 42  LYS A O   1 
ATOM   299  O O   B LYS A 1 42  ? 5.007   -6.040  -19.030 0.53 21.60 ? 42  LYS A O   1 
ATOM   300  C CB  A LYS A 1 42  ? 6.392   -9.159  -18.811 0.47 22.37 ? 42  LYS A CB  1 
ATOM   301  C CB  B LYS A 1 42  ? 6.387   -9.149  -18.799 0.53 22.36 ? 42  LYS A CB  1 
ATOM   302  C CG  A LYS A 1 42  ? 7.579   -10.129 -18.742 0.47 25.91 ? 42  LYS A CG  1 
ATOM   303  C CG  B LYS A 1 42  ? 7.445   -10.027 -18.150 0.53 24.46 ? 42  LYS A CG  1 
ATOM   304  C CD  A LYS A 1 42  ? 8.392   -9.953  -17.466 0.47 25.71 ? 42  LYS A CD  1 
ATOM   305  C CD  B LYS A 1 42  ? 6.900   -11.394 -17.795 0.53 23.20 ? 42  LYS A CD  1 
ATOM   306  C CE  A LYS A 1 42  ? 9.773   -10.572 -17.589 0.47 32.44 ? 42  LYS A CE  1 
ATOM   307  C CE  B LYS A 1 42  ? 7.978   -12.249 -17.150 0.53 26.21 ? 42  LYS A CE  1 
ATOM   308  N NZ  A LYS A 1 42  ? 10.781  -9.833  -16.776 0.47 20.41 ? 42  LYS A NZ  1 
ATOM   309  N NZ  B LYS A 1 42  ? 8.001   -12.155 -15.657 0.53 26.01 ? 42  LYS A NZ  1 
ATOM   310  N N   . ASP A 1 43  ? 5.745   -7.039  -20.908 1.00 20.03 ? 43  ASP A N   1 
ATOM   311  C CA  A ASP A 1 43  ? 4.866   -6.198  -21.711 0.45 21.98 ? 43  ASP A CA  1 
ATOM   312  C CA  B ASP A 1 43  ? 4.864   -6.234  -21.745 0.55 21.97 ? 43  ASP A CA  1 
ATOM   313  C C   . ASP A 1 43  ? 3.389   -6.475  -21.444 1.00 21.82 ? 43  ASP A C   1 
ATOM   314  O O   . ASP A 1 43  ? 2.557   -5.602  -21.720 1.00 26.54 ? 43  ASP A O   1 
ATOM   315  C CB  A ASP A 1 43  ? 5.199   -6.339  -23.203 0.45 26.28 ? 43  ASP A CB  1 
ATOM   316  C CB  B ASP A 1 43  ? 5.168   -6.510  -23.212 0.55 26.27 ? 43  ASP A CB  1 
ATOM   317  C CG  A ASP A 1 43  ? 5.044   -7.753  -23.721 0.45 22.65 ? 43  ASP A CG  1 
ATOM   318  C CG  B ASP A 1 43  ? 6.522   -5.977  -23.625 0.55 23.89 ? 43  ASP A CG  1 
ATOM   319  O OD1 A ASP A 1 43  ? 5.325   -7.968  -24.923 0.45 20.29 ? 43  ASP A OD1 1 
ATOM   320  O OD1 B ASP A 1 43  ? 7.109   -5.169  -22.860 0.55 23.61 ? 43  ASP A OD1 1 
ATOM   321  O OD2 A ASP A 1 43  ? 4.640   -8.645  -22.950 0.45 28.25 ? 43  ASP A OD2 1 
ATOM   322  O OD2 B ASP A 1 43  ? 6.997   -6.370  -24.711 0.55 26.54 ? 43  ASP A OD2 1 
ATOM   323  N N   . THR A 1 44  ? 3.046   -7.632  -20.881 1.00 21.55 ? 44  THR A N   1 
ATOM   324  C CA  . THR A 1 44  ? 1.681   -7.941  -20.478 1.00 21.55 ? 44  THR A CA  1 
ATOM   325  C C   . THR A 1 44  ? 1.389   -7.521  -19.044 1.00 23.53 ? 44  THR A C   1 
ATOM   326  O O   . THR A 1 44  ? 0.309   -7.832  -18.527 1.00 29.21 ? 44  THR A O   1 
ATOM   327  C CB  . THR A 1 44  ? 1.404   -9.436  -20.613 1.00 29.04 ? 44  THR A CB  1 
ATOM   328  O OG1 . THR A 1 44  ? 2.421   -10.163 -19.920 1.00 30.02 ? 44  THR A OG1 1 
ATOM   329  C CG2 . THR A 1 44  ? 1.392   -9.849  -22.082 1.00 36.34 ? 44  THR A CG2 1 
ATOM   330  N N   . GLN A 1 45  ? 2.320   -6.828  -18.397 1.00 17.11 ? 45  GLN A N   1 
ATOM   331  C CA  . GLN A 1 45  ? 2.155   -6.358  -17.032 1.00 15.78 ? 45  GLN A CA  1 
ATOM   332  C C   . GLN A 1 45  ? 2.177   -4.831  -17.004 1.00 16.02 ? 45  GLN A C   1 
ATOM   333  O O   . GLN A 1 45  ? 2.703   -4.179  -17.906 1.00 18.94 ? 45  GLN A O   1 
ATOM   334  C CB  . GLN A 1 45  ? 3.255   -6.921  -16.118 1.00 18.09 ? 45  GLN A CB  1 
ATOM   335  C CG  . GLN A 1 45  ? 3.268   -8.444  -16.066 1.00 18.26 ? 45  GLN A CG  1 
ATOM   336  C CD  . GLN A 1 45  ? 4.437   -9.012  -15.266 1.00 17.95 ? 45  GLN A CD  1 
ATOM   337  O OE1 . GLN A 1 45  ? 5.542   -8.457  -15.258 1.00 19.69 ? 45  GLN A OE1 1 
ATOM   338  N NE2 . GLN A 1 45  ? 4.192   -10.127 -14.582 1.00 20.79 ? 45  GLN A NE2 1 
ATOM   339  N N   . TYR A 1 46  ? 1.623   -4.267  -15.936 1.00 15.20 ? 46  TYR A N   1 
ATOM   340  C CA  . TYR A 1 46  ? 1.509   -2.821  -15.772 1.00 19.85 ? 46  TYR A CA  1 
ATOM   341  C C   . TYR A 1 46  ? 2.062   -2.455  -14.397 1.00 15.43 ? 46  TYR A C   1 
ATOM   342  O O   . TYR A 1 46  ? 1.457   -2.794  -13.376 1.00 15.32 ? 46  TYR A O   1 
ATOM   343  C CB  . TYR A 1 46  ? 0.044   -2.402  -15.915 1.00 20.90 ? 46  TYR A CB  1 
ATOM   344  C CG  . TYR A 1 46  ? -0.216  -0.917  -16.068 1.00 24.38 ? 46  TYR A CG  1 
ATOM   345  C CD1 . TYR A 1 46  ? -0.404  -0.113  -14.959 1.00 24.29 ? 46  TYR A CD1 1 
ATOM   346  C CD2 . TYR A 1 46  ? -0.309  -0.332  -17.326 1.00 33.39 ? 46  TYR A CD2 1 
ATOM   347  C CE1 . TYR A 1 46  ? -0.651  1.241   -15.091 1.00 24.55 ? 46  TYR A CE1 1 
ATOM   348  C CE2 . TYR A 1 46  ? -0.560  1.023   -17.468 1.00 40.73 ? 46  TYR A CE2 1 
ATOM   349  C CZ  . TYR A 1 46  ? -0.731  1.804   -16.342 1.00 37.09 ? 46  TYR A CZ  1 
ATOM   350  O OH  . TYR A 1 46  ? -0.981  3.153   -16.459 1.00 40.32 ? 46  TYR A OH  1 
ATOM   351  N N   . ASP A 1 47  ? 3.226   -1.813  -14.354 1.00 18.46 ? 47  ASP A N   1 
ATOM   352  C CA  . ASP A 1 47  ? 3.746   -1.345  -13.073 1.00 16.97 ? 47  ASP A CA  1 
ATOM   353  C C   . ASP A 1 47  ? 2.907   -0.180  -12.575 1.00 16.80 ? 47  ASP A C   1 
ATOM   354  O O   . ASP A 1 47  ? 2.505   0.684   -13.357 1.00 16.44 ? 47  ASP A O   1 
ATOM   355  C CB  . ASP A 1 47  ? 5.197   -0.893  -13.193 1.00 16.53 ? 47  ASP A CB  1 
ATOM   356  C CG  . ASP A 1 47  ? 5.693   -0.245  -11.914 1.00 14.70 ? 47  ASP A CG  1 
ATOM   357  O OD1 . ASP A 1 47  ? 5.764   -0.979  -10.898 1.00 16.71 ? 47  ASP A OD1 1 
ATOM   358  O OD2 . ASP A 1 47  ? 5.942   0.982   -11.894 1.00 14.87 ? 47  ASP A OD2 1 
ATOM   359  N N   . ILE A 1 48  ? 2.650   -0.146  -11.266 1.00 15.27 ? 48  ILE A N   1 
ATOM   360  C CA  . ILE A 1 48  ? 1.720   0.845   -10.726 1.00 15.82 ? 48  ILE A CA  1 
ATOM   361  C C   . ILE A 1 48  ? 2.390   2.146   -10.299 1.00 15.01 ? 48  ILE A C   1 
ATOM   362  O O   . ILE A 1 48  ? 1.741   3.005   -9.691  1.00 18.65 ? 48  ILE A O   1 
ATOM   363  C CB  . ILE A 1 48  ? 0.905   0.259   -9.563  1.00 19.67 ? 48  ILE A CB  1 
ATOM   364  C CG1 . ILE A 1 48  ? 1.825   -0.312  -8.483  1.00 17.01 ? 48  ILE A CG1 1 
ATOM   365  C CG2 . ILE A 1 48  ? -0.110  -0.743  -10.108 1.00 18.84 ? 48  ILE A CG2 1 
ATOM   366  C CD1 . ILE A 1 48  ? 1.087   -1.129  -7.442  1.00 22.52 ? 48  ILE A CD1 1 
ATOM   367  N N   . GLY A 1 49  ? 3.669   2.322   -10.635 1.00 12.75 ? 49  GLY A N   1 
ATOM   368  C CA  . GLY A 1 49  ? 4.276   3.639   -10.563 1.00 13.84 ? 49  GLY A CA  1 
ATOM   369  C C   . GLY A 1 49  ? 4.689   4.082   -9.183  1.00 16.14 ? 49  GLY A C   1 
ATOM   370  O O   . GLY A 1 49  ? 4.804   5.289   -8.936  1.00 19.37 ? 49  GLY A O   1 
ATOM   371  N N   . PHE A 1 50  ? 4.926   3.138   -8.276  1.00 13.66 ? 50  PHE A N   1 
ATOM   372  C CA  . PHE A 1 50  ? 5.280   3.483   -6.911  1.00 17.09 ? 50  PHE A CA  1 
ATOM   373  C C   . PHE A 1 50  ? 6.721   3.977   -6.826  1.00 19.60 ? 50  PHE A C   1 
ATOM   374  O O   . PHE A 1 50  ? 7.617   3.451   -7.494  1.00 17.42 ? 50  PHE A O   1 
ATOM   375  C CB  . PHE A 1 50  ? 5.098   2.261   -6.009  1.00 13.01 ? 50  PHE A CB  1 
ATOM   376  C CG  . PHE A 1 50  ? 5.496   2.509   -4.585  1.00 16.15 ? 50  PHE A CG  1 
ATOM   377  C CD1 . PHE A 1 50  ? 4.699   3.293   -3.757  1.00 17.76 ? 50  PHE A CD1 1 
ATOM   378  C CD2 . PHE A 1 50  ? 6.668   1.967   -4.081  1.00 15.87 ? 50  PHE A CD2 1 
ATOM   379  C CE1 . PHE A 1 50  ? 5.069   3.522   -2.446  1.00 25.35 ? 50  PHE A CE1 1 
ATOM   380  C CE2 . PHE A 1 50  ? 7.043   2.197   -2.772  1.00 17.88 ? 50  PHE A CE2 1 
ATOM   381  C CZ  . PHE A 1 50  ? 6.241   2.971   -1.956  1.00 21.20 ? 50  PHE A CZ  1 
ATOM   382  N N   . THR A 1 51  ? 6.938   5.013   -6.019  1.00 16.43 ? 51  THR A N   1 
ATOM   383  C CA  A THR A 1 51  ? 8.267   5.509   -5.676  0.66 18.66 ? 51  THR A CA  1 
ATOM   384  C CA  B THR A 1 51  ? 8.285   5.444   -5.692  0.34 18.73 ? 51  THR A CA  1 
ATOM   385  C C   . THR A 1 51  ? 8.557   5.158   -4.221  1.00 22.66 ? 51  THR A C   1 
ATOM   386  O O   . THR A 1 51  ? 7.691   5.342   -3.361  1.00 22.72 ? 51  THR A O   1 
ATOM   387  C CB  A THR A 1 51  ? 8.351   7.030   -5.860  0.66 20.16 ? 51  THR A CB  1 
ATOM   388  C CB  B THR A 1 51  ? 8.507   6.927   -6.019  0.34 20.59 ? 51  THR A CB  1 
ATOM   389  O OG1 A THR A 1 51  ? 8.100   7.368   -7.230  0.66 19.63 ? 51  THR A OG1 1 
ATOM   390  O OG1 B THR A 1 51  ? 9.900   7.245   -5.885  0.34 25.82 ? 51  THR A OG1 1 
ATOM   391  C CG2 A THR A 1 51  ? 9.722   7.558   -5.453  0.66 28.05 ? 51  THR A CG2 1 
ATOM   392  C CG2 B THR A 1 51  ? 7.697   7.819   -5.109  0.34 20.23 ? 51  THR A CG2 1 
ATOM   393  N N   . GLU A 1 52  ? 9.765   4.668   -3.950  1.00 19.27 ? 52  GLU A N   1 
ATOM   394  C CA  . GLU A 1 52  ? 10.148  4.252   -2.602  1.00 20.87 ? 52  GLU A CA  1 
ATOM   395  C C   . GLU A 1 52  ? 9.786   5.303   -1.557  1.00 19.04 ? 52  GLU A C   1 
ATOM   396  O O   . GLU A 1 52  ? 10.020  6.498   -1.750  1.00 25.13 ? 52  GLU A O   1 
ATOM   397  C CB  . GLU A 1 52  ? 11.651  3.978   -2.565  1.00 21.37 ? 52  GLU A CB  1 
ATOM   398  C CG  . GLU A 1 52  ? 12.115  3.281   -1.310  1.00 24.96 ? 52  GLU A CG  1 
ATOM   399  C CD  . GLU A 1 52  ? 13.611  3.147   -1.250  1.00 24.05 ? 52  GLU A CD  1 
ATOM   400  O OE1 . GLU A 1 52  ? 14.266  4.079   -0.740  1.00 35.82 ? 52  GLU A OE1 1 
ATOM   401  O OE2 . GLU A 1 52  ? 14.132  2.118   -1.728  1.00 22.63 ? 52  GLU A OE2 1 
ATOM   402  N N   . SER A 1 53  ? 9.219   4.847   -0.441  1.00 19.28 ? 53  SER A N   1 
ATOM   403  C CA  . SER A 1 53  ? 8.807   5.706   0.661   1.00 20.94 ? 53  SER A CA  1 
ATOM   404  C C   . SER A 1 53  ? 9.757   5.532   1.839   1.00 21.11 ? 53  SER A C   1 
ATOM   405  O O   . SER A 1 53  ? 10.166  4.412   2.161   1.00 19.99 ? 53  SER A O   1 
ATOM   406  C CB  . SER A 1 53  ? 7.378   5.383   1.112   1.00 22.07 ? 53  SER A CB  1 
ATOM   407  O OG  . SER A 1 53  ? 7.104   5.910   2.412   1.00 18.39 ? 53  SER A OG  1 
ATOM   408  N N   . THR A 1 54  ? 10.092  6.636   2.496   1.00 19.73 ? 54  THR A N   1 
ATOM   409  C CA  . THR A 1 54  ? 10.921  6.525   3.691   1.00 27.16 ? 54  THR A CA  1 
ATOM   410  C C   . THR A 1 54  ? 10.143  6.061   4.915   1.00 24.89 ? 54  THR A C   1 
ATOM   411  O O   . THR A 1 54  ? 10.732  5.948   5.995   1.00 23.01 ? 54  THR A O   1 
ATOM   412  C CB  . THR A 1 54  ? 11.602  7.855   4.006   1.00 28.08 ? 54  THR A CB  1 
ATOM   413  O OG1 . THR A 1 54  ? 12.653  7.626   4.957   1.00 29.27 ? 54  THR A OG1 1 
ATOM   414  C CG2 . THR A 1 54  ? 10.600  8.845   4.574   1.00 26.45 ? 54  THR A CG2 1 
ATOM   415  N N   . LEU A 1 55  ? 8.844   5.799   4.784   1.00 17.85 ? 55  LEU A N   1 
ATOM   416  C CA  . LEU A 1 55  ? 8.046   5.310   5.896   1.00 14.06 ? 55  LEU A CA  1 
ATOM   417  C C   . LEU A 1 55  ? 7.797   3.813   5.851   1.00 18.94 ? 55  LEU A C   1 
ATOM   418  O O   . LEU A 1 55  ? 7.191   3.287   6.786   1.00 17.73 ? 55  LEU A O   1 
ATOM   419  C CB  . LEU A 1 55  ? 6.694   6.026   5.937   1.00 16.62 ? 55  LEU A CB  1 
ATOM   420  C CG  . LEU A 1 55  ? 6.758   7.536   6.115   1.00 19.88 ? 55  LEU A CG  1 
ATOM   421  C CD1 . LEU A 1 55  ? 5.341   8.092   6.151   1.00 21.60 ? 55  LEU A CD1 1 
ATOM   422  C CD2 . LEU A 1 55  ? 7.497   7.838   7.387   1.00 22.79 ? 55  LEU A CD2 1 
ATOM   423  N N   . LEU A 1 56  ? 8.233   3.116   4.800   1.00 15.69 ? 56  LEU A N   1 
ATOM   424  C CA  . LEU A 1 56  ? 7.893   1.714   4.590   1.00 15.33 ? 56  LEU A CA  1 
ATOM   425  C C   . LEU A 1 56  ? 9.130   0.826   4.669   1.00 16.77 ? 56  LEU A C   1 
ATOM   426  O O   . LEU A 1 56  ? 10.232  1.225   4.288   1.00 19.84 ? 56  LEU A O   1 
ATOM   427  C CB  . LEU A 1 56  ? 7.219   1.506   3.231   1.00 16.93 ? 56  LEU A CB  1 
ATOM   428  C CG  . LEU A 1 56  ? 5.923   2.296   3.025   1.00 14.64 ? 56  LEU A CG  1 
ATOM   429  C CD1 . LEU A 1 56  ? 5.336   2.009   1.645   1.00 14.19 ? 56  LEU A CD1 1 
ATOM   430  C CD2 . LEU A 1 56  ? 4.930   1.976   4.125   1.00 15.40 ? 56  LEU A CD2 1 
ATOM   431  N N   . ASP A 1 57  ? 8.917   -0.398  5.133   1.00 18.77 ? 57  ASP A N   1 
ATOM   432  C CA  . ASP A 1 57  ? 9.965   -1.408  5.127   1.00 15.04 ? 57  ASP A CA  1 
ATOM   433  C C   . ASP A 1 57  ? 10.238  -1.871  3.698   1.00 22.86 ? 57  ASP A C   1 
ATOM   434  O O   . ASP A 1 57  ? 9.331   -1.954  2.867   1.00 20.57 ? 57  ASP A O   1 
ATOM   435  C CB  . ASP A 1 57  ? 9.530   -2.597  5.981   1.00 17.83 ? 57  ASP A CB  1 
ATOM   436  C CG  . ASP A 1 57  ? 10.634  -3.618  6.155   1.00 29.66 ? 57  ASP A CG  1 
ATOM   437  O OD1 . ASP A 1 57  ? 11.717  -3.227  6.638   1.00 30.42 ? 57  ASP A OD1 1 
ATOM   438  O OD2 . ASP A 1 57  ? 10.410  -4.797  5.817   1.00 29.98 ? 57  ASP A OD2 1 
ATOM   439  N N   . GLY A 1 58  ? 11.500  -2.189  3.411   1.00 23.36 ? 58  GLY A N   1 
ATOM   440  C CA  . GLY A 1 58  ? 11.867  -2.705  2.103   1.00 20.11 ? 58  GLY A CA  1 
ATOM   441  C C   . GLY A 1 58  ? 12.443  -1.622  1.212   1.00 18.41 ? 58  GLY A C   1 
ATOM   442  O O   . GLY A 1 58  ? 12.558  -0.451  1.586   1.00 21.88 ? 58  GLY A O   1 
ATOM   443  N N   . SER A 1 59  ? 12.784  -2.020  -0.013  1.00 23.10 ? 59  SER A N   1 
ATOM   444  C CA  A SER A 1 59  ? 13.480  -1.138  -0.938  0.51 24.28 ? 59  SER A CA  1 
ATOM   445  C CA  B SER A 1 59  ? 13.486  -1.143  -0.938  0.49 24.28 ? 59  SER A CA  1 
ATOM   446  C C   . SER A 1 59  ? 12.760  -1.063  -2.274  1.00 24.19 ? 59  SER A C   1 
ATOM   447  O O   . SER A 1 59  ? 12.312  -2.082  -2.816  1.00 23.56 ? 59  SER A O   1 
ATOM   448  C CB  A SER A 1 59  ? 14.921  -1.592  -1.181  0.51 28.61 ? 59  SER A CB  1 
ATOM   449  C CB  B SER A 1 59  ? 14.926  -1.626  -1.153  0.49 28.60 ? 59  SER A CB  1 
ATOM   450  O OG  A SER A 1 59  ? 15.551  -0.722  -2.106  0.51 29.87 ? 59  SER A OG  1 
ATOM   451  O OG  B SER A 1 59  ? 15.599  -1.766  0.089   0.49 29.06 ? 59  SER A OG  1 
ATOM   452  N N   . GLY A 1 60  ? 12.671  0.155   -2.796  1.00 21.99 ? 60  GLY A N   1 
ATOM   453  C CA  . GLY A 1 60  ? 12.134  0.410   -4.122  1.00 20.92 ? 60  GLY A CA  1 
ATOM   454  C C   . GLY A 1 60  ? 10.707  -0.068  -4.253  1.00 18.54 ? 60  GLY A C   1 
ATOM   455  O O   . GLY A 1 60  ? 9.910   -0.026  -3.307  1.00 20.54 ? 60  GLY A O   1 
ATOM   456  N N   . LYS A 1 61  ? 10.380  -0.538  -5.453  1.00 21.48 ? 61  LYS A N   1 
ATOM   457  C CA  . LYS A 1 61  ? 9.030   -0.990  -5.750  1.00 18.89 ? 61  LYS A CA  1 
ATOM   458  C C   . LYS A 1 61  ? 8.652   -2.255  -4.994  1.00 21.65 ? 61  LYS A C   1 
ATOM   459  O O   . LYS A 1 61  ? 7.464   -2.586  -4.936  1.00 19.08 ? 61  LYS A O   1 
ATOM   460  C CB  . LYS A 1 61  ? 8.905   -1.181  -7.258  1.00 18.29 ? 61  LYS A CB  1 
ATOM   461  C CG  . LYS A 1 61  ? 8.985   0.149   -7.988  1.00 12.45 ? 61  LYS A CG  1 
ATOM   462  C CD  . LYS A 1 61  ? 8.888   -0.024  -9.505  1.00 19.84 ? 61  LYS A CD  1 
ATOM   463  C CE  . LYS A 1 61  ? 8.997   1.317   -10.235 1.00 21.09 ? 61  LYS A CE  1 
ATOM   464  N NZ  . LYS A 1 61  ? 7.819   2.241   -10.052 1.00 16.09 ? 61  LYS A NZ  1 
ATOM   465  N N   . SER A 1 62  ? 9.610   -2.964  -4.397  1.00 18.64 ? 62  SER A N   1 
ATOM   466  C CA  A SER A 1 62  ? 9.271   -4.129  -3.592  0.69 19.31 ? 62  SER A CA  1 
ATOM   467  C CA  B SER A 1 62  ? 9.249   -4.129  -3.603  0.31 19.37 ? 62  SER A CA  1 
ATOM   468  C C   . SER A 1 62  ? 8.642   -3.756  -2.257  1.00 20.71 ? 62  SER A C   1 
ATOM   469  O O   . SER A 1 62  ? 8.171   -4.649  -1.543  1.00 21.52 ? 62  SER A O   1 
ATOM   470  C CB  A SER A 1 62  ? 10.518  -4.984  -3.373  0.69 22.14 ? 62  SER A CB  1 
ATOM   471  C CB  B SER A 1 62  ? 10.463  -5.044  -3.398  0.31 22.12 ? 62  SER A CB  1 
ATOM   472  O OG  A SER A 1 62  ? 11.071  -5.348  -4.624  0.69 24.15 ? 62  SER A OG  1 
ATOM   473  O OG  B SER A 1 62  ? 11.619  -4.315  -3.040  0.31 21.72 ? 62  SER A OG  1 
ATOM   474  N N   . GLN A 1 63  ? 8.626   -2.467  -1.906  1.00 17.03 ? 63  GLN A N   1 
ATOM   475  C CA  . GLN A 1 63  ? 7.940   -2.027  -0.692  1.00 17.01 ? 63  GLN A CA  1 
ATOM   476  C C   . GLN A 1 63  ? 6.450   -2.332  -0.753  1.00 17.72 ? 63  GLN A C   1 
ATOM   477  O O   . GLN A 1 63  ? 5.795   -2.450  0.289   1.00 18.12 ? 63  GLN A O   1 
ATOM   478  C CB  . GLN A 1 63  ? 8.144   -0.533  -0.476  1.00 21.69 ? 63  GLN A CB  1 
ATOM   479  C CG  . GLN A 1 63  ? 9.535   -0.142  0.031   1.00 16.34 ? 63  GLN A CG  1 
ATOM   480  C CD  . GLN A 1 63  ? 9.627   1.332   0.381   1.00 16.45 ? 63  GLN A CD  1 
ATOM   481  O OE1 . GLN A 1 63  ? 8.891   2.169   -0.156  1.00 19.18 ? 63  GLN A OE1 1 
ATOM   482  N NE2 . GLN A 1 63  ? 10.545  1.667   1.291   1.00 20.10 ? 63  GLN A NE2 1 
ATOM   483  N N   . ILE A 1 64  ? 5.894   -2.422  -1.955  1.00 15.91 ? 64  ILE A N   1 
ATOM   484  C CA  . ILE A 1 64  ? 4.495   -2.784  -2.164  1.00 13.36 ? 64  ILE A CA  1 
ATOM   485  C C   . ILE A 1 64  ? 4.450   -4.210  -2.684  1.00 14.99 ? 64  ILE A C   1 
ATOM   486  O O   . ILE A 1 64  ? 4.991   -4.498  -3.757  1.00 16.88 ? 64  ILE A O   1 
ATOM   487  C CB  . ILE A 1 64  ? 3.810   -1.842  -3.164  1.00 13.14 ? 64  ILE A CB  1 
ATOM   488  C CG1 . ILE A 1 64  ? 4.085   -0.381  -2.813  1.00 15.40 ? 64  ILE A CG1 1 
ATOM   489  C CG2 . ILE A 1 64  ? 2.318   -2.171  -3.235  1.00 15.61 ? 64  ILE A CG2 1 
ATOM   490  C CD1 . ILE A 1 64  ? 3.438   0.065   -1.541  1.00 16.38 ? 64  ILE A CD1 1 
ATOM   491  N N   . GLN A 1 65  ? 3.770   -5.094  -1.955  1.00 17.30 ? 65  GLN A N   1 
ATOM   492  C CA  . GLN A 1 65  ? 3.579   -6.478  -2.375  1.00 15.28 ? 65  GLN A CA  1 
ATOM   493  C C   . GLN A 1 65  ? 2.202   -6.606  -3.012  1.00 18.71 ? 65  GLN A C   1 
ATOM   494  O O   . GLN A 1 65  ? 1.190   -6.293  -2.374  1.00 18.28 ? 65  GLN A O   1 
ATOM   495  C CB  . GLN A 1 65  ? 3.717   -7.442  -1.197  1.00 21.49 ? 65  GLN A CB  1 
ATOM   496  C CG  . GLN A 1 65  ? 5.152   -7.657  -0.750  1.00 26.05 ? 65  GLN A CG  1 
ATOM   497  C CD  . GLN A 1 65  ? 6.041   -8.184  -1.867  1.00 32.56 ? 65  GLN A CD  1 
ATOM   498  O OE1 . GLN A 1 65  ? 5.719   -9.180  -2.526  1.00 31.18 ? 65  GLN A OE1 1 
ATOM   499  N NE2 . GLN A 1 65  ? 7.174   -7.516  -2.084  1.00 30.18 ? 65  GLN A NE2 1 
ATOM   500  N N   . VAL A 1 66  ? 2.166   -7.080  -4.255  1.00 17.03 ? 66  VAL A N   1 
ATOM   501  C CA  . VAL A 1 66  ? 0.966   -7.041  -5.084  1.00 14.20 ? 66  VAL A CA  1 
ATOM   502  C C   . VAL A 1 66  ? 0.451   -8.458  -5.296  1.00 20.89 ? 66  VAL A C   1 
ATOM   503  O O   . VAL A 1 66  ? 1.221   -9.371  -5.622  1.00 21.84 ? 66  VAL A O   1 
ATOM   504  C CB  . VAL A 1 66  ? 1.252   -6.358  -6.433  1.00 16.85 ? 66  VAL A CB  1 
ATOM   505  C CG1 . VAL A 1 66  ? 0.042   -6.464  -7.365  1.00 18.73 ? 66  VAL A CG1 1 
ATOM   506  C CG2 . VAL A 1 66  ? 1.653   -4.909  -6.218  1.00 13.89 ? 66  VAL A CG2 1 
ATOM   507  N N   . THR A 1 67  ? -0.854  -8.637  -5.117  1.00 20.64 ? 67  THR A N   1 
ATOM   508  C CA  . THR A 1 67  ? -1.560  -9.814  -5.592  1.00 15.91 ? 67  THR A CA  1 
ATOM   509  C C   . THR A 1 67  ? -2.657  -9.349  -6.537  1.00 25.77 ? 67  THR A C   1 
ATOM   510  O O   . THR A 1 67  ? -3.410  -8.428  -6.210  1.00 22.82 ? 67  THR A O   1 
ATOM   511  C CB  . THR A 1 67  ? -2.146  -10.618 -4.430  1.00 22.79 ? 67  THR A CB  1 
ATOM   512  O OG1 . THR A 1 67  ? -1.099  -10.920 -3.499  1.00 25.43 ? 67  THR A OG1 1 
ATOM   513  C CG2 . THR A 1 67  ? -2.739  -11.925 -4.936  1.00 29.40 ? 67  THR A CG2 1 
ATOM   514  N N   . ASP A 1 68  ? -2.718  -9.962  -7.718  1.00 20.45 ? 68  ASP A N   1 
ATOM   515  C CA  . ASP A 1 68  ? -3.699  -9.611  -8.738  1.00 17.57 ? 68  ASP A CA  1 
ATOM   516  C C   . ASP A 1 68  ? -4.133  -10.904 -9.415  1.00 26.47 ? 68  ASP A C   1 
ATOM   517  O O   . ASP A 1 68  ? -3.318  -11.551 -10.082 1.00 23.43 ? 68  ASP A O   1 
ATOM   518  C CB  . ASP A 1 68  ? -3.115  -8.622  -9.753  1.00 18.58 ? 68  ASP A CB  1 
ATOM   519  C CG  . ASP A 1 68  ? -4.080  -8.294  -10.870 1.00 21.81 ? 68  ASP A CG  1 
ATOM   520  O OD1 . ASP A 1 68  ? -5.297  -8.528  -10.689 1.00 19.11 ? 68  ASP A OD1 1 
ATOM   521  O OD2 . ASP A 1 68  ? -3.630  -7.818  -11.935 1.00 22.41 ? 68  ASP A OD2 1 
ATOM   522  N N   . ASN A 1 69  ? -5.403  -11.289 -9.239  1.00 27.46 ? 69  ASN A N   1 
ATOM   523  C CA  . ASN A 1 69  ? -5.924  -12.476 -9.913  1.00 23.67 ? 69  ASN A CA  1 
ATOM   524  C C   . ASN A 1 69  ? -6.309  -12.203 -11.360 1.00 30.03 ? 69  ASN A C   1 
ATOM   525  O O   . ASN A 1 69  ? -6.796  -13.116 -12.041 1.00 26.39 ? 69  ASN A O   1 
ATOM   526  C CB  . ASN A 1 69  ? -7.121  -13.063 -9.141  1.00 21.61 ? 69  ASN A CB  1 
ATOM   527  C CG  . ASN A 1 69  ? -8.435  -12.307 -9.374  1.00 26.82 ? 69  ASN A CG  1 
ATOM   528  O OD1 . ASN A 1 69  ? -8.448  -11.146 -9.767  1.00 25.40 ? 69  ASN A OD1 1 
ATOM   529  N ND2 . ASN A 1 69  ? -9.550  -12.976 -9.107  1.00 28.50 ? 69  ASN A ND2 1 
ATOM   530  N N   . GLN A 1 70  ? -6.107  -10.972 -11.834 1.00 19.80 ? 70  GLN A N   1 
ATOM   531  C CA  . GLN A 1 70  ? -6.395  -10.558 -13.204 1.00 22.42 ? 70  GLN A CA  1 
ATOM   532  C C   . GLN A 1 70  ? -7.872  -10.680 -13.523 1.00 26.61 ? 70  GLN A C   1 
ATOM   533  O O   . GLN A 1 70  ? -8.257  -10.751 -14.694 1.00 28.78 ? 70  GLN A O   1 
ATOM   534  C CB  . GLN A 1 70  ? -5.543  -11.339 -14.218 1.00 19.20 ? 70  GLN A CB  1 
ATOM   535  C CG  . GLN A 1 70  ? -4.040  -11.126 -14.010 1.00 28.18 ? 70  GLN A CG  1 
ATOM   536  C CD  . GLN A 1 70  ? -3.177  -11.903 -14.993 1.00 26.84 ? 70  GLN A CD  1 
ATOM   537  O OE1 . GLN A 1 70  ? -3.383  -11.835 -16.205 1.00 38.93 ? 70  GLN A OE1 1 
ATOM   538  N NE2 . GLN A 1 70  ? -2.205  -12.641 -14.473 1.00 32.66 ? 70  GLN A NE2 1 
ATOM   539  N N   . ASP A 1 71  ? -8.700  -10.693 -12.476 1.00 21.21 ? 71  ASP A N   1 
ATOM   540  C CA  . ASP A 1 71  ? -10.150 -10.665 -12.602 1.00 24.87 ? 71  ASP A CA  1 
ATOM   541  C C   . ASP A 1 71  ? -10.768 -9.661  -11.628 1.00 21.54 ? 71  ASP A C   1 
ATOM   542  O O   . ASP A 1 71  ? -11.892 -9.852  -11.156 1.00 25.83 ? 71  ASP A O   1 
ATOM   543  C CB  . ASP A 1 71  ? -10.737 -12.058 -12.391 1.00 25.88 ? 71  ASP A CB  1 
ATOM   544  C CG  . ASP A 1 71  ? -12.204 -12.132 -12.772 1.00 41.75 ? 71  ASP A CG  1 
ATOM   545  O OD1 . ASP A 1 71  ? -12.570 -11.507 -13.791 1.00 35.96 ? 71  ASP A OD1 1 
ATOM   546  O OD2 . ASP A 1 71  ? -12.983 -12.796 -12.049 1.00 35.83 ? 71  ASP A OD2 1 
ATOM   547  N N   . GLY A 1 72  ? -10.042 -8.589  -11.307 1.00 21.39 ? 72  GLY A N   1 
ATOM   548  C CA  . GLY A 1 72  ? -10.596 -7.520  -10.500 1.00 20.83 ? 72  GLY A CA  1 
ATOM   549  C C   . GLY A 1 72  ? -10.387 -7.634  -9.006  1.00 22.19 ? 72  GLY A C   1 
ATOM   550  O O   . GLY A 1 72  ? -10.809 -6.736  -8.272  1.00 19.58 ? 72  GLY A O   1 
ATOM   551  N N   . THR A 1 73  ? -9.752  -8.694  -8.525  1.00 17.21 ? 73  THR A N   1 
ATOM   552  C CA  . THR A 1 73  ? -9.458  -8.833  -7.109  1.00 17.32 ? 73  THR A CA  1 
ATOM   553  C C   . THR A 1 73  ? -7.971  -8.576  -6.901  1.00 20.78 ? 73  THR A C   1 
ATOM   554  O O   . THR A 1 73  ? -7.133  -9.297  -7.446  1.00 22.04 ? 73  THR A O   1 
ATOM   555  C CB  . THR A 1 73  ? -9.851  -10.218 -6.603  1.00 25.02 ? 73  THR A CB  1 
ATOM   556  O OG1 . THR A 1 73  ? -11.268 -10.394 -6.768  1.00 21.38 ? 73  THR A OG1 1 
ATOM   557  C CG2 . THR A 1 73  ? -9.498  -10.351 -5.141  1.00 25.47 ? 73  THR A CG2 1 
ATOM   558  N N   . VAL A 1 74  ? -7.652  -7.534  -6.138  1.00 17.77 ? 74  VAL A N   1 
ATOM   559  C CA  . VAL A 1 74  ? -6.293  -7.013  -6.033  1.00 17.85 ? 74  VAL A CA  1 
ATOM   560  C C   . VAL A 1 74  ? -5.992  -6.726  -4.572  1.00 18.72 ? 74  VAL A C   1 
ATOM   561  O O   . VAL A 1 74  ? -6.867  -6.288  -3.819  1.00 16.99 ? 74  VAL A O   1 
ATOM   562  C CB  . VAL A 1 74  ? -6.115  -5.730  -6.870  1.00 14.31 ? 74  VAL A CB  1 
ATOM   563  C CG1 . VAL A 1 74  ? -4.653  -5.292  -6.879  1.00 15.32 ? 74  VAL A CG1 1 
ATOM   564  C CG2 . VAL A 1 74  ? -6.614  -5.921  -8.292  1.00 19.65 ? 74  VAL A CG2 1 
ATOM   565  N N   . GLU A 1 75  ? -4.748  -6.970  -4.169  1.00 15.16 ? 75  GLU A N   1 
ATOM   566  C CA  . GLU A 1 75  ? -4.288  -6.646  -2.826  1.00 13.97 ? 75  GLU A CA  1 
ATOM   567  C C   . GLU A 1 75  ? -2.951  -5.929  -2.944  1.00 17.95 ? 75  GLU A C   1 
ATOM   568  O O   . GLU A 1 75  ? -2.065  -6.398  -3.665  1.00 19.99 ? 75  GLU A O   1 
ATOM   569  C CB  . GLU A 1 75  ? -4.145  -7.915  -1.980  1.00 25.72 ? 75  GLU A CB  1 
ATOM   570  C CG  . GLU A 1 75  ? -3.860  -7.670  -0.525  1.00 30.66 ? 75  GLU A CG  1 
ATOM   571  C CD  . GLU A 1 75  ? -3.502  -8.946  0.216   1.00 40.94 ? 75  GLU A CD  1 
ATOM   572  O OE1 . GLU A 1 75  ? -2.488  -9.597  -0.145  1.00 36.38 ? 75  GLU A OE1 1 
ATOM   573  O OE2 . GLU A 1 75  ? -4.246  -9.298  1.156   1.00 37.30 ? 75  GLU A OE2 1 
ATOM   574  N N   . LEU A 1 76  ? -2.837  -4.779  -2.278  1.00 14.88 ? 76  LEU A N   1 
ATOM   575  C CA  . LEU A 1 76  ? -1.598  -4.009  -2.174  1.00 15.13 ? 76  LEU A CA  1 
ATOM   576  C C   . LEU A 1 76  ? -1.226  -3.935  -0.702  1.00 15.82 ? 76  LEU A C   1 
ATOM   577  O O   . LEU A 1 76  ? -1.993  -3.402  0.106   1.00 18.27 ? 76  LEU A O   1 
ATOM   578  C CB  . LEU A 1 76  ? -1.760  -2.599  -2.754  1.00 16.28 ? 76  LEU A CB  1 
ATOM   579  C CG  . LEU A 1 76  ? -2.448  -2.449  -4.115  1.00 13.67 ? 76  LEU A CG  1 
ATOM   580  C CD1 . LEU A 1 76  ? -2.672  -0.986  -4.452  1.00 16.73 ? 76  LEU A CD1 1 
ATOM   581  C CD2 . LEU A 1 76  ? -1.619  -3.118  -5.199  1.00 15.57 ? 76  LEU A CD2 1 
ATOM   582  N N   . VAL A 1 77  ? -0.049  -4.443  -0.351  1.00 12.58 ? 77  VAL A N   1 
ATOM   583  C CA  . VAL A 1 77  ? 0.334   -4.605  1.056   1.00 13.60 ? 77  VAL A CA  1 
ATOM   584  C C   . VAL A 1 77  ? 1.677   -3.928  1.290   1.00 20.20 ? 77  VAL A C   1 
ATOM   585  O O   . VAL A 1 77  ? 2.618   -4.126  0.516   1.00 18.50 ? 77  VAL A O   1 
ATOM   586  C CB  . VAL A 1 77  ? 0.405   -6.087  1.464   1.00 20.92 ? 77  VAL A CB  1 
ATOM   587  C CG1 . VAL A 1 77  ? 0.847   -6.206  2.910   1.00 24.16 ? 77  VAL A CG1 1 
ATOM   588  C CG2 . VAL A 1 77  ? -0.951  -6.747  1.282   1.00 21.79 ? 77  VAL A CG2 1 
ATOM   589  N N   . ALA A 1 78  ? 1.767   -3.145  2.363   1.00 16.00 ? 78  ALA A N   1 
ATOM   590  C CA  . ALA A 1 78  ? 3.012   -2.497  2.759   1.00 18.54 ? 78  ALA A CA  1 
ATOM   591  C C   . ALA A 1 78  ? 3.138   -2.537  4.277   1.00 21.70 ? 78  ALA A C   1 
ATOM   592  O O   . ALA A 1 78  ? 2.144   -2.655  4.996   1.00 17.71 ? 78  ALA A O   1 
ATOM   593  C CB  . ALA A 1 78  ? 3.070   -1.051  2.262   1.00 18.48 ? 78  ALA A CB  1 
ATOM   594  N N   . THR A 1 79  ? 4.369   -2.429  4.773   1.00 16.42 ? 79  THR A N   1 
ATOM   595  C CA  . THR A 1 79  ? 4.632   -2.484  6.211   1.00 15.80 ? 79  THR A CA  1 
ATOM   596  C C   . THR A 1 79  ? 5.384   -1.227  6.637   1.00 16.49 ? 79  THR A C   1 
ATOM   597  O O   . THR A 1 79  ? 6.329   -0.810  5.961   1.00 17.60 ? 79  THR A O   1 
ATOM   598  C CB  . THR A 1 79  ? 5.427   -3.747  6.581   1.00 18.63 ? 79  THR A CB  1 
ATOM   599  O OG1 . THR A 1 79  ? 4.765   -4.908  6.062   1.00 20.66 ? 79  THR A OG1 1 
ATOM   600  C CG2 . THR A 1 79  ? 5.522   -3.889  8.085   1.00 18.51 ? 79  THR A CG2 1 
ATOM   601  N N   . LEU A 1 80  ? 4.951   -0.607  7.740   1.00 17.87 ? 80  LEU A N   1 
ATOM   602  C CA  . LEU A 1 80  ? 5.636   0.585   8.224   1.00 14.18 ? 80  LEU A CA  1 
ATOM   603  C C   . LEU A 1 80  ? 7.036   0.220   8.698   1.00 16.45 ? 80  LEU A C   1 
ATOM   604  O O   . LEU A 1 80  ? 7.235   -0.824  9.330   1.00 20.44 ? 80  LEU A O   1 
ATOM   605  C CB  . LEU A 1 80  ? 4.854   1.249   9.357   1.00 15.48 ? 80  LEU A CB  1 
ATOM   606  C CG  . LEU A 1 80  ? 3.495   1.833   8.962   1.00 21.50 ? 80  LEU A CG  1 
ATOM   607  C CD1 . LEU A 1 80  ? 2.830   2.466   10.169  1.00 24.32 ? 80  LEU A CD1 1 
ATOM   608  C CD2 . LEU A 1 80  ? 3.663   2.854   7.865   1.00 28.27 ? 80  LEU A CD2 1 
ATOM   609  N N   . GLY A 1 81  ? 7.992   1.093   8.397   1.00 18.21 ? 81  GLY A N   1 
ATOM   610  C CA  . GLY A 1 81  ? 9.382   0.850   8.740   1.00 20.34 ? 81  GLY A CA  1 
ATOM   611  C C   . GLY A 1 81  ? 10.244  2.032   8.348   1.00 18.72 ? 81  GLY A C   1 
ATOM   612  O O   . GLY A 1 81  ? 9.751   3.154   8.208   1.00 22.04 ? 81  GLY A O   1 
ATOM   613  N N   . LYS A 1 82  ? 11.546  1.767   8.159   1.00 20.96 ? 82  LYS A N   1 
ATOM   614  C CA  . LYS A 1 82  ? 12.542  2.807   7.899   1.00 27.36 ? 82  LYS A CA  1 
ATOM   615  C C   . LYS A 1 82  ? 12.418  3.965   8.888   1.00 22.23 ? 82  LYS A C   1 
ATOM   616  O O   . LYS A 1 82  ? 12.717  3.797   10.075  1.00 27.26 ? 82  LYS A O   1 
ATOM   617  C CB  . LYS A 1 82  ? 12.443  3.313   6.452   1.00 24.53 ? 82  LYS A CB  1 
ATOM   618  C CG  . LYS A 1 82  ? 13.362  2.574   5.468   1.00 29.35 ? 82  LYS A CG  1 
ATOM   619  C CD  . LYS A 1 82  ? 12.986  2.872   4.017   1.00 30.27 ? 82  LYS A CD  1 
ATOM   620  C CE  . LYS A 1 82  ? 14.055  2.437   3.028   1.00 30.69 ? 82  LYS A CE  1 
ATOM   621  N NZ  . LYS A 1 82  ? 14.570  1.073   3.296   1.00 26.90 ? 82  LYS A NZ  1 
ATOM   622  N N   . SER A 1 83  ? 11.978  5.137   8.426   1.00 22.05 ? 83  SER A N   1 
ATOM   623  C CA  . SER A 1 83  ? 11.897  6.319   9.283   1.00 22.17 ? 83  SER A CA  1 
ATOM   624  C C   . SER A 1 83  ? 10.682  6.332   10.205  1.00 30.56 ? 83  SER A C   1 
ATOM   625  O O   . SER A 1 83  ? 10.595  7.225   11.054  1.00 27.74 ? 83  SER A O   1 
ATOM   626  C CB  . SER A 1 83  ? 11.867  7.594   8.440   1.00 26.20 ? 83  SER A CB  1 
ATOM   627  O OG  . SER A 1 83  ? 13.079  7.759   7.735   1.00 43.85 ? 83  SER A OG  1 
ATOM   628  N N   . SER A 1 84  ? 9.735   5.407   10.046  1.00 25.80 ? 84  SER A N   1 
ATOM   629  C CA  A SER A 1 84  ? 8.557   5.423   10.902  0.27 24.55 ? 84  SER A CA  1 
ATOM   630  C CA  B SER A 1 84  ? 8.551   5.381   10.899  0.73 24.62 ? 84  SER A CA  1 
ATOM   631  C C   . SER A 1 84  ? 8.955   5.197   12.359  1.00 26.31 ? 84  SER A C   1 
ATOM   632  O O   . SER A 1 84  ? 9.904   4.475   12.665  1.00 24.36 ? 84  SER A O   1 
ATOM   633  C CB  A SER A 1 84  ? 7.552   4.362   10.454  0.27 18.87 ? 84  SER A CB  1 
ATOM   634  C CB  B SER A 1 84  ? 7.610   4.248   10.471  0.73 18.61 ? 84  SER A CB  1 
ATOM   635  O OG  A SER A 1 84  ? 8.100   3.063   10.562  0.27 21.95 ? 84  SER A OG  1 
ATOM   636  O OG  B SER A 1 84  ? 6.903   4.556   9.276   0.73 17.89 ? 84  SER A OG  1 
ATOM   637  N N   . GLY A 1 85  ? 8.219   5.840   13.267  1.00 23.26 ? 85  GLY A N   1 
ATOM   638  C CA  . GLY A 1 85  ? 8.554   5.759   14.679  1.00 31.55 ? 85  GLY A CA  1 
ATOM   639  C C   . GLY A 1 85  ? 8.242   4.404   15.290  1.00 31.57 ? 85  GLY A C   1 
ATOM   640  O O   . GLY A 1 85  ? 7.496   3.597   14.739  1.00 24.90 ? 85  GLY A O   1 
ATOM   641  N N   . SER A 1 86  ? 8.815   4.159   16.478  1.00 27.43 ? 86  SER A N   1 
ATOM   642  C CA  . SER A 1 86  ? 8.641   2.869   17.147  1.00 22.51 ? 86  SER A CA  1 
ATOM   643  C C   . SER A 1 86  ? 7.189   2.581   17.516  1.00 22.43 ? 86  SER A C   1 
ATOM   644  O O   . SER A 1 86  ? 6.819   1.410   17.683  1.00 23.62 ? 86  SER A O   1 
ATOM   645  C CB  . SER A 1 86  ? 9.500   2.806   18.411  1.00 26.33 ? 86  SER A CB  1 
ATOM   646  O OG  . SER A 1 86  ? 8.929   3.590   19.445  1.00 31.21 ? 86  SER A OG  1 
ATOM   647  N N   . ALA A 1 87  ? 6.363   3.610   17.658  1.00 24.77 ? 87  ALA A N   1 
ATOM   648  C CA  . ALA A 1 87  ? 4.966   3.404   18.019  1.00 26.37 ? 87  ALA A CA  1 
ATOM   649  C C   . ALA A 1 87  ? 4.106   2.984   16.839  1.00 29.50 ? 87  ALA A C   1 
ATOM   650  O O   . ALA A 1 87  ? 2.939   2.632   17.043  1.00 24.86 ? 87  ALA A O   1 
ATOM   651  C CB  . ALA A 1 87  ? 4.396   4.674   18.646  1.00 24.21 ? 87  ALA A CB  1 
ATOM   652  N N   . ILE A 1 88  ? 4.638   3.032   15.618  1.00 24.88 ? 88  ILE A N   1 
ATOM   653  C CA  . ILE A 1 88  ? 3.903   2.570   14.444  1.00 21.15 ? 88  ILE A CA  1 
ATOM   654  C C   . ILE A 1 88  ? 4.662   1.533   13.632  1.00 19.24 ? 88  ILE A C   1 
ATOM   655  O O   . ILE A 1 88  ? 4.038   0.800   12.842  1.00 18.61 ? 88  ILE A O   1 
ATOM   656  C CB  . ILE A 1 88  ? 3.512   3.768   13.548  1.00 20.09 ? 88  ILE A CB  1 
ATOM   657  C CG1 . ILE A 1 88  ? 4.758   4.376   12.908  1.00 19.00 ? 88  ILE A CG1 1 
ATOM   658  C CG2 . ILE A 1 88  ? 2.749   4.830   14.347  1.00 19.50 ? 88  ILE A CG2 1 
ATOM   659  C CD1 . ILE A 1 88  ? 4.453   5.560   11.974  1.00 20.79 ? 88  ILE A CD1 1 
ATOM   660  N N   . LYS A 1 89  ? 5.984   1.420   13.775  1.00 18.52 ? 89  LYS A N   1 
ATOM   661  C CA  . LYS A 1 89  ? 6.763   0.453   13.011  1.00 19.33 ? 89  LYS A CA  1 
ATOM   662  C C   . LYS A 1 89  ? 6.191   -0.954  13.131  1.00 20.30 ? 89  LYS A C   1 
ATOM   663  O O   . LYS A 1 89  ? 5.901   -1.436  14.232  1.00 20.17 ? 89  LYS A O   1 
ATOM   664  C CB  . LYS A 1 89  ? 8.211   0.468   13.502  1.00 22.01 ? 89  LYS A CB  1 
ATOM   665  C CG  . LYS A 1 89  ? 9.237   0.574   12.400  1.00 33.27 ? 89  LYS A CG  1 
ATOM   666  C CD  . LYS A 1 89  ? 10.628  0.833   12.969  1.00 36.92 ? 89  LYS A CD  1 
ATOM   667  C CE  . LYS A 1 89  ? 11.474  1.660   12.006  1.00 34.34 ? 89  LYS A CE  1 
ATOM   668  N NZ  . LYS A 1 89  ? 12.741  2.125   12.639  1.00 46.33 ? 89  LYS A NZ  1 
ATOM   669  N N   . GLY A 1 90  ? 6.046   -1.621  11.990  1.00 18.10 ? 90  GLY A N   1 
ATOM   670  C CA  . GLY A 1 90  ? 5.563   -2.981  11.945  1.00 17.31 ? 90  GLY A CA  1 
ATOM   671  C C   . GLY A 1 90  ? 4.110   -3.115  11.555  1.00 19.48 ? 90  GLY A C   1 
ATOM   672  O O   . GLY A 1 90  ? 3.697   -4.195  11.113  1.00 16.98 ? 90  GLY A O   1 
ATOM   673  N N   . ALA A 1 91  ? 3.328   -2.046  11.689  1.00 15.32 ? 91  ALA A N   1 
ATOM   674  C CA  . ALA A 1 91  ? 1.939   -2.101  11.253  1.00 19.16 ? 91  ALA A CA  1 
ATOM   675  C C   . ALA A 1 91  ? 1.877   -2.381  9.754   1.00 14.52 ? 91  ALA A C   1 
ATOM   676  O O   . ALA A 1 91  ? 2.724   -1.919  8.984   1.00 17.15 ? 91  ALA A O   1 
ATOM   677  C CB  . ALA A 1 91  ? 1.225   -0.792  11.584  1.00 14.73 ? 91  ALA A CB  1 
ATOM   678  N N   . VAL A 1 92  ? 0.878   -3.157  9.342   1.00 15.20 ? 92  VAL A N   1 
ATOM   679  C CA  . VAL A 1 92  ? 0.689   -3.542  7.946   1.00 12.94 ? 92  VAL A CA  1 
ATOM   680  C C   . VAL A 1 92  ? -0.509  -2.787  7.392   1.00 18.98 ? 92  VAL A C   1 
ATOM   681  O O   . VAL A 1 92  ? -1.585  -2.790  8.001   1.00 18.61 ? 92  VAL A O   1 
ATOM   682  C CB  . VAL A 1 92  ? 0.492   -5.060  7.811   1.00 16.40 ? 92  VAL A CB  1 
ATOM   683  C CG1 . VAL A 1 92  ? 0.174   -5.441  6.372   1.00 15.23 ? 92  VAL A CG1 1 
ATOM   684  C CG2 . VAL A 1 92  ? 1.746   -5.777  8.303   1.00 20.88 ? 92  VAL A CG2 1 
ATOM   685  N N   . ILE A 1 93  ? -0.323  -2.154  6.235   1.00 14.38 ? 93  ILE A N   1 
ATOM   686  C CA  . ILE A 1 93  ? -1.375  -1.438  5.517   1.00 13.16 ? 93  ILE A CA  1 
ATOM   687  C C   . ILE A 1 93  ? -1.790  -2.308  4.340   1.00 18.49 ? 93  ILE A C   1 
ATOM   688  O O   . ILE A 1 93  ? -0.948  -2.666  3.509   1.00 17.55 ? 93  ILE A O   1 
ATOM   689  C CB  . ILE A 1 93  ? -0.889  -0.066  5.025   1.00 16.79 ? 93  ILE A CB  1 
ATOM   690  C CG1 . ILE A 1 93  ? -0.634  0.888   6.191   1.00 15.85 ? 93  ILE A CG1 1 
ATOM   691  C CG2 . ILE A 1 93  ? -1.907  0.538   4.079   1.00 18.68 ? 93  ILE A CG2 1 
ATOM   692  C CD1 . ILE A 1 93  ? 0.256   2.078   5.805   1.00 19.10 ? 93  ILE A CD1 1 
ATOM   693  N N   . THR A 1 94  ? -3.070  -2.672  4.265   1.00 14.52 ? 94  THR A N   1 
ATOM   694  C CA  . THR A 1 94  ? -3.578  -3.518  3.188   1.00 15.43 ? 94  THR A CA  1 
ATOM   695  C C   . THR A 1 94  ? -4.692  -2.783  2.454   1.00 17.35 ? 94  THR A C   1 
ATOM   696  O O   . THR A 1 94  ? -5.745  -2.512  3.034   1.00 16.35 ? 94  THR A O   1 
ATOM   697  C CB  . THR A 1 94  ? -4.092  -4.852  3.730   1.00 19.42 ? 94  THR A CB  1 
ATOM   698  O OG1 . THR A 1 94  ? -3.010  -5.550  4.358   1.00 16.42 ? 94  THR A OG1 1 
ATOM   699  C CG2 . THR A 1 94  ? -4.639  -5.704  2.607   1.00 19.02 ? 94  THR A CG2 1 
ATOM   700  N N   . VAL A 1 95  ? -4.453  -2.465  1.187   1.00 16.03 ? 95  VAL A N   1 
ATOM   701  C CA  . VAL A 1 95  ? -5.416  -1.790  0.317   1.00 15.26 ? 95  VAL A CA  1 
ATOM   702  C C   . VAL A 1 95  ? -5.887  -2.837  -0.687  1.00 15.24 ? 95  VAL A C   1 
ATOM   703  O O   . VAL A 1 95  ? -5.098  -3.294  -1.524  1.00 20.22 ? 95  VAL A O   1 
ATOM   704  C CB  . VAL A 1 95  ? -4.774  -0.580  -0.379  1.00 13.46 ? 95  VAL A CB  1 
ATOM   705  C CG1 . VAL A 1 95  ? -5.757  0.103   -1.340  1.00 15.89 ? 95  VAL A CG1 1 
ATOM   706  C CG2 . VAL A 1 95  ? -4.276  0.417   0.650   1.00 17.54 ? 95  VAL A CG2 1 
ATOM   707  N N   . SER A 1 96  ? -7.156  -3.252  -0.606  1.00 16.82 ? 96  SER A N   1 
ATOM   708  C CA  A SER A 1 96  ? -7.635  -4.374  -1.399  0.44 14.45 ? 96  SER A CA  1 
ATOM   709  C CA  B SER A 1 96  ? -7.654  -4.384  -1.377  0.56 14.41 ? 96  SER A CA  1 
ATOM   710  C C   . SER A 1 96  ? -8.836  -3.967  -2.241  1.00 14.08 ? 96  SER A C   1 
ATOM   711  O O   . SER A 1 96  ? -9.647  -3.145  -1.834  1.00 17.30 ? 96  SER A O   1 
ATOM   712  C CB  A SER A 1 96  ? -8.015  -5.563  -0.510  0.44 20.26 ? 96  SER A CB  1 
ATOM   713  C CB  B SER A 1 96  ? -8.100  -5.537  -0.465  0.56 20.23 ? 96  SER A CB  1 
ATOM   714  O OG  A SER A 1 96  ? -8.974  -5.191  0.460   0.44 19.45 ? 96  SER A OG  1 
ATOM   715  O OG  B SER A 1 96  ? -7.186  -5.753  0.596   0.56 18.16 ? 96  SER A OG  1 
ATOM   716  N N   . ARG A 1 97  ? -8.927  -4.569  -3.428  1.00 16.92 ? 97  ARG A N   1 
ATOM   717  C CA  . ARG A 1 97  ? -10.034 -4.368  -4.357  1.00 13.78 ? 97  ARG A CA  1 
ATOM   718  C C   . ARG A 1 97  ? -10.829 -5.663  -4.483  1.00 17.51 ? 97  ARG A C   1 
ATOM   719  O O   . ARG A 1 97  ? -10.241 -6.730  -4.647  1.00 15.22 ? 97  ARG A O   1 
ATOM   720  C CB  . ARG A 1 97  ? -9.494  -3.943  -5.724  1.00 11.54 ? 97  ARG A CB  1 
ATOM   721  C CG  . ARG A 1 97  ? -10.555 -3.457  -6.713  1.00 18.77 ? 97  ARG A CG  1 
ATOM   722  C CD  . ARG A 1 97  ? -9.943  -3.386  -8.111  1.00 15.72 ? 97  ARG A CD  1 
ATOM   723  N NE  . ARG A 1 97  ? -10.762 -2.666  -9.089  1.00 16.32 ? 97  ARG A NE  1 
ATOM   724  C CZ  . ARG A 1 97  ? -11.664 -3.244  -9.876  1.00 18.81 ? 97  ARG A CZ  1 
ATOM   725  N NH1 . ARG A 1 97  ? -11.894 -4.551  -9.781  1.00 16.99 ? 97  ARG A NH1 1 
ATOM   726  N NH2 . ARG A 1 97  ? -12.339 -2.513  -10.758 1.00 24.30 ? 97  ARG A NH2 1 
ATOM   727  N N   . LYS A 1 98  ? -12.157 -5.575  -4.399  1.00 20.03 ? 98  LYS A N   1 
ATOM   728  C CA  . LYS A 1 98  ? -13.018 -6.714  -4.707  1.00 21.58 ? 98  LYS A CA  1 
ATOM   729  C C   . LYS A 1 98  ? -13.520 -6.614  -6.143  1.00 21.00 ? 98  LYS A C   1 
ATOM   730  O O   . LYS A 1 98  ? -13.489 -5.547  -6.758  1.00 20.04 ? 98  LYS A O   1 
ATOM   731  C CB  . LYS A 1 98  ? -14.201 -6.794  -3.738  1.00 19.46 ? 98  LYS A CB  1 
ATOM   732  C CG  . LYS A 1 98  ? -13.794 -6.911  -2.273  1.00 37.31 ? 98  LYS A CG  1 
ATOM   733  C CD  . LYS A 1 98  ? -15.000 -7.157  -1.364  1.00 41.83 ? 98  LYS A CD  1 
ATOM   734  C CE  . LYS A 1 98  ? -15.304 -8.642  -1.230  1.00 51.01 ? 98  LYS A CE  1 
ATOM   735  N NZ  . LYS A 1 98  ? -14.177 -9.385  -0.597  1.00 43.57 ? 98  LYS A NZ  1 
ATOM   736  N N   . ASN A 1 99  ? -13.992 -7.744  -6.685  1.00 21.54 ? 99  ASN A N   1 
ATOM   737  C CA  . ASN A 1 99  ? -14.323 -7.707  -8.110  1.00 23.68 ? 99  ASN A CA  1 
ATOM   738  C C   . ASN A 1 99  ? -15.597 -6.934  -8.408  1.00 25.56 ? 99  ASN A C   1 
ATOM   739  O O   . ASN A 1 99  ? -15.937 -6.777  -9.587  1.00 27.62 ? 99  ASN A O   1 
ATOM   740  C CB  . ASN A 1 99  ? -14.403 -9.124  -8.700  1.00 25.73 ? 99  ASN A CB  1 
ATOM   741  C CG  . ASN A 1 99  ? -15.514 -9.963  -8.103  1.00 37.96 ? 99  ASN A CG  1 
ATOM   742  O OD1 . ASN A 1 99  ? -16.141 -9.586  -7.113  1.00 36.80 ? 99  ASN A OD1 1 
ATOM   743  N ND2 . ASN A 1 99  ? -15.763 -11.120 -8.711  1.00 42.41 ? 99  ASN A ND2 1 
ATOM   744  N N   . ASP A 1 100 ? -16.296 -6.432  -7.389  1.00 24.60 ? 100 ASP A N   1 
ATOM   745  C CA  . ASP A 1 100 ? -17.367 -5.473  -7.610  1.00 26.54 ? 100 ASP A CA  1 
ATOM   746  C C   . ASP A 1 100 ? -16.839 -4.062  -7.823  1.00 23.62 ? 100 ASP A C   1 
ATOM   747  O O   . ASP A 1 100 ? -17.633 -3.151  -8.065  1.00 23.75 ? 100 ASP A O   1 
ATOM   748  C CB  . ASP A 1 100 ? -18.369 -5.498  -6.441  1.00 19.68 ? 100 ASP A CB  1 
ATOM   749  C CG  . ASP A 1 100 ? -17.750 -5.095  -5.100  1.00 31.72 ? 100 ASP A CG  1 
ATOM   750  O OD1 . ASP A 1 100 ? -16.558 -4.732  -5.056  1.00 21.76 ? 100 ASP A OD1 1 
ATOM   751  O OD2 . ASP A 1 100 ? -18.463 -5.154  -4.070  1.00 26.03 ? 100 ASP A OD2 1 
ATOM   752  N N   . GLY A 1 101 ? -15.522 -3.866  -7.743  1.00 20.59 ? 101 GLY A N   1 
ATOM   753  C CA  . GLY A 1 101 ? -14.916 -2.573  -7.948  1.00 15.92 ? 101 GLY A CA  1 
ATOM   754  C C   . GLY A 1 101 ? -14.650 -1.762  -6.699  1.00 15.34 ? 101 GLY A C   1 
ATOM   755  O O   . GLY A 1 101 ? -14.129 -0.651  -6.812  1.00 21.06 ? 101 GLY A O   1 
ATOM   756  N N   . VAL A 1 102 ? -14.973 -2.274  -5.523  1.00 15.90 ? 102 VAL A N   1 
ATOM   757  C CA  . VAL A 1 102 ? -14.874 -1.503  -4.289  1.00 17.68 ? 102 VAL A CA  1 
ATOM   758  C C   . VAL A 1 102 ? -13.523 -1.752  -3.636  1.00 16.57 ? 102 VAL A C   1 
ATOM   759  O O   . VAL A 1 102 ? -13.098 -2.902  -3.497  1.00 17.18 ? 102 VAL A O   1 
ATOM   760  C CB  . VAL A 1 102 ? -16.014 -1.872  -3.333  1.00 18.83 ? 102 VAL A CB  1 
ATOM   761  C CG1 . VAL A 1 102 ? -15.846 -1.173  -2.003  1.00 20.62 ? 102 VAL A CG1 1 
ATOM   762  C CG2 . VAL A 1 102 ? -17.340 -1.512  -3.980  1.00 15.88 ? 102 VAL A CG2 1 
ATOM   763  N N   . TRP A 1 103 ? -12.855 -0.677  -3.216  1.00 18.61 ? 103 TRP A N   1 
ATOM   764  C CA  . TRP A 1 103 ? -11.603 -0.786  -2.480  1.00 17.42 ? 103 TRP A CA  1 
ATOM   765  C C   . TRP A 1 103 ? -11.831 -0.537  -0.995  1.00 21.76 ? 103 TRP A C   1 
ATOM   766  O O   . TRP A 1 103 ? -12.732 0.213   -0.602  1.00 20.15 ? 103 TRP A O   1 
ATOM   767  C CB  . TRP A 1 103 ? -10.567 0.226   -2.973  1.00 15.93 ? 103 TRP A CB  1 
ATOM   768  C CG  . TRP A 1 103 ? -10.033 0.039   -4.371  1.00 14.93 ? 103 TRP A CG  1 
ATOM   769  C CD1 . TRP A 1 103 ? -10.599 0.488   -5.538  1.00 13.48 ? 103 TRP A CD1 1 
ATOM   770  C CD2 . TRP A 1 103 ? -8.789  -0.570  -4.740  1.00 15.36 ? 103 TRP A CD2 1 
ATOM   771  N NE1 . TRP A 1 103 ? -9.793  0.175   -6.603  1.00 15.89 ? 103 TRP A NE1 1 
ATOM   772  C CE2 . TRP A 1 103 ? -8.682  -0.486  -6.143  1.00 11.80 ? 103 TRP A CE2 1 
ATOM   773  C CE3 . TRP A 1 103 ? -7.761  -1.196  -4.020  1.00 14.04 ? 103 TRP A CE3 1 
ATOM   774  C CZ2 . TRP A 1 103 ? -7.580  -0.991  -6.845  1.00 13.91 ? 103 TRP A CZ2 1 
ATOM   775  C CZ3 . TRP A 1 103 ? -6.671  -1.701  -4.721  1.00 16.26 ? 103 TRP A CZ3 1 
ATOM   776  C CH2 . TRP A 1 103 ? -6.588  -1.594  -6.115  1.00 15.11 ? 103 TRP A CH2 1 
ATOM   777  N N   . ASN A 1 104 ? -10.970 -1.127  -0.171  1.00 17.95 ? 104 ASN A N   1 
ATOM   778  C CA  . ASN A 1 104 ? -10.951 -0.798  1.244   1.00 19.73 ? 104 ASN A CA  1 
ATOM   779  C C   . ASN A 1 104 ? -9.521  -0.855  1.761   1.00 18.81 ? 104 ASN A C   1 
ATOM   780  O O   . ASN A 1 104 ? -8.650  -1.522  1.192   1.00 22.79 ? 104 ASN A O   1 
ATOM   781  C CB  . ASN A 1 104 ? -11.858 -1.726  2.063   1.00 25.17 ? 104 ASN A CB  1 
ATOM   782  C CG  . ASN A 1 104 ? -11.251 -3.083  2.289   1.00 35.05 ? 104 ASN A CG  1 
ATOM   783  O OD1 . ASN A 1 104 ? -10.749 -3.378  3.373   1.00 49.85 ? 104 ASN A OD1 1 
ATOM   784  N ND2 . ASN A 1 104 ? -11.291 -3.927  1.265   1.00 41.01 ? 104 ASN A ND2 1 
ATOM   785  N N   . CYS A 1 105 ? -9.294  -0.128  2.852   1.00 16.88 ? 105 CYS A N   1 
ATOM   786  C CA  . CYS A 1 105 ? -7.990  -0.031  3.499   1.00 18.83 ? 105 CYS A CA  1 
ATOM   787  C C   . CYS A 1 105 ? -8.123  -0.483  4.949   1.00 19.38 ? 105 CYS A C   1 
ATOM   788  O O   . CYS A 1 105 ? -9.031  -0.033  5.658   1.00 19.47 ? 105 CYS A O   1 
ATOM   789  C CB  . CYS A 1 105 ? -7.470  1.410   3.436   1.00 21.54 ? 105 CYS A CB  1 
ATOM   790  S SG  . CYS A 1 105 ? -5.755  1.645   3.965   1.00 18.63 ? 105 CYS A SG  1 
ATOM   791  N N   . LYS A 1 106 ? -7.222  -1.362  5.388   1.00 16.39 ? 106 LYS A N   1 
ATOM   792  C CA  . LYS A 1 106 ? -7.197  -1.839  6.764   1.00 16.53 ? 106 LYS A CA  1 
ATOM   793  C C   . LYS A 1 106 ? -5.760  -1.859  7.267   1.00 18.58 ? 106 LYS A C   1 
ATOM   794  O O   . LYS A 1 106 ? -4.826  -2.107  6.503   1.00 17.42 ? 106 LYS A O   1 
ATOM   795  C CB  . LYS A 1 106 ? -7.791  -3.249  6.885   1.00 19.73 ? 106 LYS A CB  1 
ATOM   796  C CG  . LYS A 1 106 ? -9.179  -3.413  6.288   1.00 30.56 ? 106 LYS A CG  1 
ATOM   797  C CD  . LYS A 1 106 ? -9.920  -4.589  6.925   1.00 43.70 ? 106 LYS A CD  1 
ATOM   798  C CE  . LYS A 1 106 ? -11.188 -4.947  6.154   1.00 48.18 ? 106 LYS A CE  1 
ATOM   799  N NZ  . LYS A 1 106 ? -11.946 -3.731  5.737   1.00 53.25 ? 106 LYS A NZ  1 
ATOM   800  N N   . ILE A 1 107 ? -5.595  -1.620  8.567   1.00 16.67 ? 107 ILE A N   1 
ATOM   801  C CA  . ILE A 1 107 ? -4.294  -1.682  9.231   1.00 18.44 ? 107 ILE A CA  1 
ATOM   802  C C   . ILE A 1 107 ? -4.307  -2.841  10.218  1.00 18.45 ? 107 ILE A C   1 
ATOM   803  O O   . ILE A 1 107 ? -5.255  -2.988  10.996  1.00 15.40 ? 107 ILE A O   1 
ATOM   804  C CB  . ILE A 1 107 ? -3.975  -0.359  9.944   1.00 16.57 ? 107 ILE A CB  1 
ATOM   805  C CG1 . ILE A 1 107 ? -3.842  0.768   8.916   1.00 19.11 ? 107 ILE A CG1 1 
ATOM   806  C CG2 . ILE A 1 107 ? -2.740  -0.497  10.839  1.00 20.97 ? 107 ILE A CG2 1 
ATOM   807  C CD1 . ILE A 1 107 ? -3.540  2.130   9.540   1.00 17.19 ? 107 ILE A CD1 1 
ATOM   808  N N   . THR A 1 108 ? -3.266  -3.667  10.185  1.00 15.48 ? 108 THR A N   1 
ATOM   809  C CA  . THR A 1 108 ? -3.165  -4.810  11.083  1.00 17.05 ? 108 THR A CA  1 
ATOM   810  C C   . THR A 1 108 ? -1.790  -4.824  11.732  1.00 20.48 ? 108 THR A C   1 
ATOM   811  O O   . THR A 1 108 ? -0.904  -4.041  11.383  1.00 17.98 ? 108 THR A O   1 
ATOM   812  C CB  . THR A 1 108 ? -3.422  -6.138  10.350  1.00 18.43 ? 108 THR A CB  1 
ATOM   813  O OG1 . THR A 1 108 ? -2.618  -6.203  9.166   1.00 17.57 ? 108 THR A OG1 1 
ATOM   814  C CG2 . THR A 1 108 ? -4.894  -6.265  9.971   1.00 21.51 ? 108 THR A CG2 1 
ATOM   815  N N   . LYS A 1 109 ? -1.626  -5.731  12.697  1.00 22.34 ? 109 LYS A N   1 
ATOM   816  C CA  . LYS A 1 109 ? -0.330  -5.980  13.333  1.00 19.19 ? 109 LYS A CA  1 
ATOM   817  C C   . LYS A 1 109 ? 0.260   -4.707  13.945  1.00 17.45 ? 109 LYS A C   1 
ATOM   818  O O   . LYS A 1 109 ? 1.458   -4.435  13.833  1.00 21.04 ? 109 LYS A O   1 
ATOM   819  C CB  . LYS A 1 109 ? 0.642   -6.616  12.338  1.00 19.88 ? 109 LYS A CB  1 
ATOM   820  C CG  . LYS A 1 109 ? 0.271   -8.057  11.986  1.00 26.05 ? 109 LYS A CG  1 
ATOM   821  C CD  . LYS A 1 109 ? 1.219   -8.630  10.938  1.00 34.37 ? 109 LYS A CD  1 
ATOM   822  C CE  . LYS A 1 109 ? 1.206   -10.159 10.927  1.00 43.29 ? 109 LYS A CE  1 
ATOM   823  N NZ  . LYS A 1 109 ? 1.941   -10.725 9.747   1.00 34.80 ? 109 LYS A NZ  1 
ATOM   824  N N   . THR A 1 110 ? -0.588  -3.923  14.609  1.00 19.78 ? 110 THR A N   1 
ATOM   825  C CA  . THR A 1 110 ? -0.118  -2.684  15.211  1.00 17.19 ? 110 THR A CA  1 
ATOM   826  C C   . THR A 1 110 ? 0.784   -2.980  16.409  1.00 20.80 ? 110 THR A C   1 
ATOM   827  O O   . THR A 1 110 ? 0.527   -3.924  17.166  1.00 25.19 ? 110 THR A O   1 
ATOM   828  C CB  . THR A 1 110 ? -1.293  -1.808  15.658  1.00 19.80 ? 110 THR A CB  1 
ATOM   829  O OG1 . THR A 1 110 ? -2.102  -2.519  16.614  1.00 21.24 ? 110 THR A OG1 1 
ATOM   830  C CG2 . THR A 1 110 ? -2.143  -1.389  14.456  1.00 16.15 ? 110 THR A CG2 1 
ATOM   831  N N   . PRO A 1 111 ? 1.839   -2.200  16.605  1.00 17.44 ? 111 PRO A N   1 
ATOM   832  C CA  . PRO A 1 111 ? 2.736   -2.443  17.743  1.00 18.04 ? 111 PRO A CA  1 
ATOM   833  C C   . PRO A 1 111 ? 2.123   -2.013  19.067  1.00 20.78 ? 111 PRO A C   1 
ATOM   834  O O   . PRO A 1 111 ? 1.023   -1.443  19.103  1.00 20.40 ? 111 PRO A O   1 
ATOM   835  C CB  . PRO A 1 111 ? 3.979   -1.609  17.402  1.00 18.77 ? 111 PRO A CB  1 
ATOM   836  C CG  . PRO A 1 111 ? 3.506   -0.574  16.477  1.00 24.27 ? 111 PRO A CG  1 
ATOM   837  C CD  . PRO A 1 111 ? 2.366   -1.170  15.692  1.00 19.85 ? 111 PRO A CD  1 
ATOM   838  N N   . THR A 1 112 ? 2.851   -2.263  20.159  1.00 17.48 ? 112 THR A N   1 
ATOM   839  C CA  . THR A 1 112 ? 2.258   -2.120  21.489  1.00 16.81 ? 112 THR A CA  1 
ATOM   840  C C   . THR A 1 112 ? 1.894   -0.676  21.816  1.00 23.47 ? 112 THR A C   1 
ATOM   841  O O   . THR A 1 112 ? 0.881   -0.443  22.486  1.00 21.93 ? 112 THR A O   1 
ATOM   842  C CB  . THR A 1 112 ? 3.195   -2.694  22.556  1.00 16.84 ? 112 THR A CB  1 
ATOM   843  O OG1 . THR A 1 112 ? 2.551   -2.665  23.842  1.00 17.92 ? 112 THR A OG1 1 
ATOM   844  C CG2 . THR A 1 112 ? 4.519   -1.919  22.626  1.00 22.49 ? 112 THR A CG2 1 
ATOM   845  N N   . ALA A 1 113 ? 2.676   0.304   21.368  1.00 18.50 ? 113 ALA A N   1 
ATOM   846  C CA  . ALA A 1 113 ? 2.386   1.695   21.708  1.00 21.86 ? 113 ALA A CA  1 
ATOM   847  C C   . ALA A 1 113 ? 1.429   2.367   20.727  1.00 18.67 ? 113 ALA A C   1 
ATOM   848  O O   . ALA A 1 113 ? 1.278   3.594   20.774  1.00 21.28 ? 113 ALA A O   1 
ATOM   849  C CB  . ALA A 1 113 ? 3.679   2.508   21.802  1.00 23.88 ? 113 ALA A CB  1 
ATOM   850  N N   . TRP A 1 114 ? 0.786   1.601   19.848  1.00 21.30 ? 114 TRP A N   1 
ATOM   851  C CA  . TRP A 1 114 ? -0.188  2.173   18.928  1.00 19.37 ? 114 TRP A CA  1 
ATOM   852  C C   . TRP A 1 114 ? -1.330  2.802   19.708  1.00 18.13 ? 114 TRP A C   1 
ATOM   853  O O   . TRP A 1 114 ? -1.848  2.216   20.666  1.00 20.16 ? 114 TRP A O   1 
ATOM   854  C CB  . TRP A 1 114 ? -0.734  1.083   18.006  1.00 21.68 ? 114 TRP A CB  1 
ATOM   855  C CG  . TRP A 1 114 ? -1.605  1.540   16.855  1.00 18.80 ? 114 TRP A CG  1 
ATOM   856  C CD1 . TRP A 1 114 ? -2.964  1.688   16.856  1.00 23.93 ? 114 TRP A CD1 1 
ATOM   857  C CD2 . TRP A 1 114 ? -1.174  1.813   15.514  1.00 15.95 ? 114 TRP A CD2 1 
ATOM   858  N NE1 . TRP A 1 114 ? -3.401  2.069   15.600  1.00 20.12 ? 114 TRP A NE1 1 
ATOM   859  C CE2 . TRP A 1 114 ? -2.319  2.154   14.764  1.00 17.54 ? 114 TRP A CE2 1 
ATOM   860  C CE3 . TRP A 1 114 ? 0.074   1.824   14.880  1.00 16.25 ? 114 TRP A CE3 1 
ATOM   861  C CZ2 . TRP A 1 114 ? -2.253  2.479   13.415  1.00 16.45 ? 114 TRP A CZ2 1 
ATOM   862  C CZ3 . TRP A 1 114 ? 0.142   2.162   13.546  1.00 19.88 ? 114 TRP A CZ3 1 
ATOM   863  C CH2 . TRP A 1 114 ? -1.021  2.494   12.824  1.00 17.00 ? 114 TRP A CH2 1 
ATOM   864  N N   . LYS A 1 115 ? -1.716  4.001   19.312  1.00 20.51 ? 115 LYS A N   1 
ATOM   865  C CA  . LYS A 1 115 ? -2.846  4.654   19.957  1.00 22.16 ? 115 LYS A CA  1 
ATOM   866  C C   . LYS A 1 115 ? -4.079  4.600   19.066  1.00 20.40 ? 115 LYS A C   1 
ATOM   867  O O   . LYS A 1 115 ? -3.972  4.504   17.839  1.00 20.82 ? 115 LYS A O   1 
ATOM   868  C CB  . LYS A 1 115 ? -2.510  6.112   20.305  1.00 26.22 ? 115 LYS A CB  1 
ATOM   869  C CG  . LYS A 1 115 ? -1.306  6.252   21.225  1.00 26.51 ? 115 LYS A CG  1 
ATOM   870  C CD  . LYS A 1 115 ? -1.441  5.345   22.436  1.00 28.72 ? 115 LYS A CD  1 
ATOM   871  C CE  . LYS A 1 115 ? -0.634  5.862   23.610  1.00 40.87 ? 115 LYS A CE  1 
ATOM   872  N NZ  . LYS A 1 115 ? -0.904  5.087   24.855  1.00 53.62 ? 115 LYS A NZ  1 
ATOM   873  N N   . PRO A 1 116 ? -5.277  4.672   19.656  1.00 24.66 ? 116 PRO A N   1 
ATOM   874  C CA  . PRO A 1 116 ? -6.510  4.500   18.868  1.00 27.20 ? 116 PRO A CA  1 
ATOM   875  C C   . PRO A 1 116 ? -6.661  5.436   17.680  1.00 35.46 ? 116 PRO A C   1 
ATOM   876  O O   . PRO A 1 116 ? -7.238  5.026   16.665  1.00 38.44 ? 116 PRO A O   1 
ATOM   877  C CB  . PRO A 1 116 ? -7.609  4.742   19.911  1.00 31.05 ? 116 PRO A CB  1 
ATOM   878  C CG  . PRO A 1 116 ? -6.998  4.261   21.174  1.00 32.90 ? 116 PRO A CG  1 
ATOM   879  C CD  . PRO A 1 116 ? -5.552  4.667   21.106  1.00 28.90 ? 116 PRO A CD  1 
ATOM   880  N N   . ASN A 1 117 ? -6.184  6.674   17.755  1.00 24.84 ? 117 ASN A N   1 
ATOM   881  C CA  . ASN A 1 117 ? -6.376  7.596   16.643  1.00 24.91 ? 117 ASN A CA  1 
ATOM   882  C C   . ASN A 1 117 ? -5.195  7.615   15.681  1.00 24.70 ? 117 ASN A C   1 
ATOM   883  O O   . ASN A 1 117 ? -5.126  8.489   14.813  1.00 20.38 ? 117 ASN A O   1 
ATOM   884  C CB  . ASN A 1 117 ? -6.682  9.008   17.163  1.00 24.80 ? 117 ASN A CB  1 
ATOM   885  C CG  . ASN A 1 117 ? -5.515  9.646   17.900  1.00 23.31 ? 117 ASN A CG  1 
ATOM   886  O OD1 . ASN A 1 117 ? -4.439  9.068   18.033  1.00 26.40 ? 117 ASN A OD1 1 
ATOM   887  N ND2 . ASN A 1 117 ? -5.733  10.870  18.377  1.00 29.57 ? 117 ASN A ND2 1 
ATOM   888  N N   . TYR A 1 118 ? -4.271  6.659   15.799  1.00 19.96 ? 118 TYR A N   1 
ATOM   889  C CA  . TYR A 1 118 ? -3.186  6.600   14.827  1.00 15.77 ? 118 TYR A CA  1 
ATOM   890  C C   . TYR A 1 118 ? -3.698  6.147   13.473  1.00 19.49 ? 118 TYR A C   1 
ATOM   891  O O   . TYR A 1 118 ? -3.156  6.552   12.441  1.00 20.60 ? 118 TYR A O   1 
ATOM   892  C CB  . TYR A 1 118 ? -2.085  5.649   15.307  1.00 15.86 ? 118 TYR A CB  1 
ATOM   893  C CG  . TYR A 1 118 ? -1.143  6.217   16.349  1.00 16.73 ? 118 TYR A CG  1 
ATOM   894  C CD1 . TYR A 1 118 ? -1.374  7.459   16.936  1.00 20.47 ? 118 TYR A CD1 1 
ATOM   895  C CD2 . TYR A 1 118 ? -0.017  5.497   16.756  1.00 17.75 ? 118 TYR A CD2 1 
ATOM   896  C CE1 . TYR A 1 118 ? -0.507  7.967   17.895  1.00 19.40 ? 118 TYR A CE1 1 
ATOM   897  C CE2 . TYR A 1 118 ? 0.848   5.998   17.712  1.00 21.41 ? 118 TYR A CE2 1 
ATOM   898  C CZ  . TYR A 1 118 ? 0.592   7.233   18.281  1.00 22.41 ? 118 TYR A CZ  1 
ATOM   899  O OH  . TYR A 1 118 ? 1.462   7.732   19.230  1.00 28.21 ? 118 TYR A OH  1 
ATOM   900  N N   . ALA A 1 119 ? -4.718  5.297   13.452  1.00 16.79 ? 119 ALA A N   1 
ATOM   901  C CA  . ALA A 1 119 ? -5.288  4.879   12.182  1.00 18.49 ? 119 ALA A CA  1 
ATOM   902  C C   . ALA A 1 119 ? -6.296  5.923   11.722  1.00 20.65 ? 119 ALA A C   1 
ATOM   903  O O   . ALA A 1 119 ? -7.154  6.333   12.513  1.00 22.25 ? 119 ALA A O   1 
ATOM   904  C CB  . ALA A 1 119 ? -5.974  3.527   12.306  1.00 20.35 ? 119 ALA A CB  1 
ATOM   905  N N   . PRO A 1 120 ? -6.227  6.377   10.480  1.00 17.68 ? 120 PRO A N   1 
ATOM   906  C CA  . PRO A 1 120 ? -7.210  7.354   10.006  1.00 18.02 ? 120 PRO A CA  1 
ATOM   907  C C   . PRO A 1 120 ? -8.551  6.681   9.732   1.00 22.69 ? 120 PRO A C   1 
ATOM   908  O O   . PRO A 1 120 ? -8.646  5.463   9.590   1.00 21.49 ? 120 PRO A O   1 
ATOM   909  C CB  . PRO A 1 120 ? -6.577  7.895   8.721   1.00 27.19 ? 120 PRO A CB  1 
ATOM   910  C CG  . PRO A 1 120 ? -5.745  6.754   8.203   1.00 25.59 ? 120 PRO A CG  1 
ATOM   911  C CD  . PRO A 1 120 ? -5.288  5.958   9.417   1.00 20.59 ? 120 PRO A CD  1 
ATOM   912  N N   . ALA A 1 121 ? -9.607  7.502   9.665   1.00 21.91 ? 121 ALA A N   1 
ATOM   913  C CA  . ALA A 1 121 ? -10.941 6.933   9.479   1.00 21.23 ? 121 ALA A CA  1 
ATOM   914  C C   . ALA A 1 121 ? -11.043 6.150   8.178   1.00 18.86 ? 121 ALA A C   1 
ATOM   915  O O   . ALA A 1 121 ? -11.822 5.192   8.084   1.00 27.43 ? 121 ALA A O   1 
ATOM   916  C CB  . ALA A 1 121 ? -12.000 8.036   9.517   1.00 25.47 ? 121 ALA A CB  1 
ATOM   917  N N   . ASN A 1 122 ? -10.253 6.525   7.176   1.00 21.25 ? 122 ASN A N   1 
ATOM   918  C CA  . ASN A 1 122 ? -10.306 5.868   5.878   1.00 27.57 ? 122 ASN A CA  1 
ATOM   919  C C   . ASN A 1 122 ? -9.519  4.569   5.842   1.00 26.53 ? 122 ASN A C   1 
ATOM   920  O O   . ASN A 1 122 ? -9.553  3.876   4.819   1.00 22.12 ? 122 ASN A O   1 
ATOM   921  C CB  . ASN A 1 122 ? -9.783  6.809   4.790   1.00 29.75 ? 122 ASN A CB  1 
ATOM   922  C CG  . ASN A 1 122 ? -8.386  7.313   5.083   1.00 29.96 ? 122 ASN A CG  1 
ATOM   923  O OD1 . ASN A 1 122 ? -8.160  8.014   6.070   1.00 35.68 ? 122 ASN A OD1 1 
ATOM   924  N ND2 . ASN A 1 122 ? -7.434  6.952   4.230   1.00 42.38 ? 122 ASN A ND2 1 
ATOM   925  N N   . CYS A 1 123 ? -8.814  4.215   6.918   1.00 19.37 ? 123 CYS A N   1 
ATOM   926  C CA  . CYS A 1 123 ? -8.032  2.978   6.961   1.00 18.08 ? 123 CYS A CA  1 
ATOM   927  C C   . CYS A 1 123 ? -7.957  2.500   8.401   1.00 16.52 ? 123 CYS A C   1 
ATOM   928  O O   . CYS A 1 123 ? -6.902  2.556   9.044   1.00 19.55 ? 123 CYS A O   1 
ATOM   929  C CB  . CYS A 1 123 ? -6.638  3.194   6.379   1.00 19.15 ? 123 CYS A CB  1 
ATOM   930  S SG  . CYS A 1 123 ? -5.796  1.662   5.987   1.00 17.10 ? 123 CYS A SG  1 
ATOM   931  N N   . PRO A 1 124 ? -9.069  2.006   8.937   1.00 19.36 ? 124 PRO A N   1 
ATOM   932  C CA  . PRO A 1 124 ? -9.113  1.630   10.353  1.00 21.73 ? 124 PRO A CA  1 
ATOM   933  C C   . PRO A 1 124 ? -8.278  0.399   10.679  1.00 19.85 ? 124 PRO A C   1 
ATOM   934  O O   . PRO A 1 124 ? -8.001  -0.465  9.842   1.00 19.55 ? 124 PRO A O   1 
ATOM   935  C CB  . PRO A 1 124 ? -10.601 1.348   10.593  1.00 20.58 ? 124 PRO A CB  1 
ATOM   936  C CG  . PRO A 1 124 ? -11.121 0.929   9.242   1.00 28.90 ? 124 PRO A CG  1 
ATOM   937  C CD  . PRO A 1 124 ? -10.363 1.789   8.261   1.00 24.24 ? 124 PRO A CD  1 
ATOM   938  N N   . LYS A 1 125 ? -7.892  0.334   11.948  1.00 20.30 ? 125 LYS A N   1 
ATOM   939  C CA  . LYS A 1 125 ? -7.291  -0.868  12.503  1.00 18.05 ? 125 LYS A CA  1 
ATOM   940  C C   . LYS A 1 125 ? -8.356  -1.947  12.623  1.00 32.04 ? 125 LYS A C   1 
ATOM   941  O O   . LYS A 1 125 ? -9.429  -1.712  13.191  1.00 31.40 ? 125 LYS A O   1 
ATOM   942  C CB  . LYS A 1 125 ? -6.668  -0.543  13.865  1.00 23.13 ? 125 LYS A CB  1 
ATOM   943  C CG  . LYS A 1 125 ? -6.482  -1.707  14.819  1.00 34.90 ? 125 LYS A CG  1 
ATOM   944  C CD  . LYS A 1 125 ? -5.691  -1.236  16.045  1.00 36.01 ? 125 LYS A CD  1 
ATOM   945  C CE  . LYS A 1 125 ? -5.628  -2.294  17.144  1.00 44.14 ? 125 LYS A CE  1 
ATOM   946  N NZ  . LYS A 1 125 ? -6.879  -2.356  17.961  1.00 44.47 ? 125 LYS A NZ  1 
ATOM   947  N N   . SER A 1 126 ? -8.084  -3.113  12.044  1.00 28.29 ? 126 SER A N   1 
ATOM   948  C CA  . SER A 1 126 ? -9.007  -4.244  12.121  1.00 30.11 ? 126 SER A CA  1 
ATOM   949  C C   . SER A 1 126 ? -9.166  -4.724  13.561  1.00 37.34 ? 126 SER A C   1 
ATOM   950  O O   . SER A 1 126 ? -8.200  -4.734  14.327  1.00 39.61 ? 126 SER A O   1 
ATOM   951  C CB  . SER A 1 126 ? -8.520  -5.392  11.239  1.00 29.62 ? 126 SER A CB  1 
ATOM   952  O OG  . SER A 1 126 ? -8.781  -5.127  9.877   1.00 36.13 ? 126 SER A OG  1 
HETATM 953  O O   . HOH B 2 .   ? 1.857   15.800  19.245  1.00 33.92 ? 201 HOH A O   1 
HETATM 954  O O   . HOH B 2 .   ? 8.951   6.631   -9.326  1.00 32.81 ? 202 HOH A O   1 
HETATM 955  O O   . HOH B 2 .   ? -1.366  -0.743  21.511  1.00 32.62 ? 203 HOH A O   1 
HETATM 956  O O   . HOH B 2 .   ? -18.031 -4.512  -1.685  1.00 22.68 ? 204 HOH A O   1 
HETATM 957  O O   . HOH B 2 .   ? 6.263   2.598   -13.819 1.00 32.68 ? 205 HOH A O   1 
HETATM 958  O O   . HOH B 2 .   ? -10.730 -0.191  -13.991 1.00 17.57 ? 206 HOH A O   1 
HETATM 959  O O   . HOH B 2 .   ? -13.220 0.463   -8.953  1.00 21.58 ? 207 HOH A O   1 
HETATM 960  O O   . HOH B 2 .   ? -7.458  -7.577  -11.741 1.00 24.62 ? 208 HOH A O   1 
HETATM 961  O O   . HOH B 2 .   ? -14.732 1.668   0.163   1.00 31.38 ? 209 HOH A O   1 
HETATM 962  O O   . HOH B 2 .   ? 0.812   -9.539  -10.089 1.00 22.42 ? 210 HOH A O   1 
HETATM 963  O O   . HOH B 2 .   ? 9.021   8.936   1.628   1.00 33.27 ? 211 HOH A O   1 
HETATM 964  O O   . HOH B 2 .   ? 5.491   0.387   -8.672  1.00 17.54 ? 212 HOH A O   1 
HETATM 965  O O   . HOH B 2 .   ? -13.377 -10.139 -5.219  1.00 27.55 ? 213 HOH A O   1 
HETATM 966  O O   . HOH B 2 .   ? 8.025   4.626   -11.141 1.00 31.35 ? 214 HOH A O   1 
HETATM 967  O O   . HOH B 2 .   ? 6.658   -5.781  -5.363  1.00 19.90 ? 215 HOH A O   1 
HETATM 968  O O   . HOH B 2 .   ? -6.168  2.926   15.460  1.00 31.17 ? 216 HOH A O   1 
HETATM 969  O O   . HOH B 2 .   ? 6.146   -5.853  -27.171 1.00 31.85 ? 217 HOH A O   1 
HETATM 970  O O   . HOH B 2 .   ? -0.719  4.902   -14.469 1.00 31.40 ? 218 HOH A O   1 
HETATM 971  O O   . HOH B 2 .   ? 0.976   5.534   -9.320  1.00 22.82 ? 219 HOH A O   1 
HETATM 972  O O   . HOH B 2 .   ? 2.047   -0.633  25.498  1.00 19.56 ? 220 HOH A O   1 
HETATM 973  O O   . HOH B 2 .   ? 9.221   -2.524  9.887   1.00 25.40 ? 221 HOH A O   1 
HETATM 974  O O   . HOH B 2 .   ? -1.819  5.580   -9.320  1.00 17.98 ? 222 HOH A O   1 
HETATM 975  O O   . HOH B 2 .   ? -1.727  -8.619  8.427   1.00 38.57 ? 223 HOH A O   1 
HETATM 976  O O   . HOH B 2 .   ? -5.615  -4.699  13.622  1.00 31.75 ? 224 HOH A O   1 
HETATM 977  O O   . HOH B 2 .   ? 5.334   12.489  6.992   1.00 36.12 ? 225 HOH A O   1 
HETATM 978  O O   . HOH B 2 .   ? -8.794  -6.579  -17.043 1.00 31.07 ? 226 HOH A O   1 
HETATM 979  O O   . HOH B 2 .   ? -1.213  -12.671 -11.336 1.00 28.22 ? 227 HOH A O   1 
HETATM 980  O O   . HOH B 2 .   ? -5.241  -6.862  -13.878 1.00 26.35 ? 228 HOH A O   1 
HETATM 981  O O   . HOH B 2 .   ? 6.664   -2.380  2.924   1.00 17.74 ? 229 HOH A O   1 
HETATM 982  O O   . HOH B 2 .   ? -6.990  -8.387  1.183   1.00 37.03 ? 230 HOH A O   1 
HETATM 983  O O   . HOH B 2 .   ? -7.555  3.861   0.793   1.00 37.06 ? 231 HOH A O   1 
HETATM 984  O O   . HOH B 2 .   ? -2.778  -8.253  4.536   1.00 25.75 ? 232 HOH A O   1 
HETATM 985  O O   . HOH B 2 .   ? -3.698  -4.949  6.930   1.00 18.00 ? 233 HOH A O   1 
HETATM 986  O O   . HOH B 2 .   ? -3.359  8.972   11.176  1.00 20.25 ? 234 HOH A O   1 
HETATM 987  O O   . HOH B 2 .   ? -11.651 -1.032  6.095   1.00 35.21 ? 235 HOH A O   1 
HETATM 988  O O   . HOH B 2 .   ? 10.583  -3.987  -17.984 1.00 35.78 ? 236 HOH A O   1 
HETATM 989  O O   . HOH B 2 .   ? 1.044   -11.165 -17.167 1.00 28.17 ? 237 HOH A O   1 
HETATM 990  O O   . HOH B 2 .   ? -1.437  -9.945  -18.418 1.00 34.83 ? 238 HOH A O   1 
HETATM 991  O O   . HOH B 2 .   ? -5.767  9.795   12.482  1.00 19.73 ? 239 HOH A O   1 
HETATM 992  O O   . HOH B 2 .   ? 8.819   -5.742  0.894   1.00 33.03 ? 240 HOH A O   1 
HETATM 993  O O   . HOH B 2 .   ? -3.400  -4.587  15.348  1.00 31.44 ? 241 HOH A O   1 
HETATM 994  O O   . HOH B 2 .   ? -7.964  -4.321  2.869   1.00 21.16 ? 242 HOH A O   1 
HETATM 995  O O   . HOH B 2 .   ? 2.576   5.996   21.133  1.00 29.35 ? 243 HOH A O   1 
HETATM 996  O O   . HOH B 2 .   ? -13.104 -3.926  -0.933  1.00 23.35 ? 244 HOH A O   1 
HETATM 997  O O   . HOH B 2 .   ? 2.219   6.444   -4.312  1.00 21.42 ? 245 HOH A O   1 
HETATM 998  O O   . HOH B 2 .   ? -5.934  9.536   -8.219  1.00 30.50 ? 246 HOH A O   1 
HETATM 999  O O   . HOH B 2 .   ? 9.274   9.785   -7.902  1.00 29.70 ? 247 HOH A O   1 
HETATM 1000 O O   . HOH B 2 .   ? -10.134 -8.065  -2.220  1.00 26.83 ? 248 HOH A O   1 
HETATM 1001 O O   . HOH B 2 .   ? -5.691  6.210   -5.956  1.00 19.82 ? 249 HOH A O   1 
HETATM 1002 O O   . HOH B 2 .   ? 5.759   6.805   -2.001  1.00 32.19 ? 250 HOH A O   1 
HETATM 1003 O O   . HOH B 2 .   ? 12.564  -0.819  8.085   1.00 27.47 ? 251 HOH A O   1 
HETATM 1004 O O   . HOH B 2 .   ? -0.255  -8.796  -1.601  1.00 25.90 ? 252 HOH A O   1 
HETATM 1005 O O   . HOH B 2 .   ? 9.045   -0.173  -13.672 1.00 20.55 ? 253 HOH A O   1 
HETATM 1006 O O   . HOH B 2 .   ? -7.522  5.149   -13.188 1.00 20.56 ? 254 HOH A O   1 
HETATM 1007 O O   . HOH B 2 .   ? -4.216  9.047   3.958   1.00 25.13 ? 255 HOH A O   1 
HETATM 1008 O O   . HOH B 2 .   ? 13.547  -0.251  -14.131 1.00 29.62 ? 256 HOH A O   1 
HETATM 1009 O O   . HOH B 2 .   ? -5.733  11.618  8.673   1.00 17.54 ? 257 HOH A O   1 
HETATM 1010 O O   . HOH B 2 .   ? 2.119   3.473   -13.334 1.00 26.06 ? 258 HOH A O   1 
HETATM 1011 O O   . HOH B 2 .   ? 4.772   6.421   -4.809  1.00 27.21 ? 259 HOH A O   1 
HETATM 1012 O O   . HOH B 2 .   ? 4.780   -6.824  10.860  1.00 26.83 ? 260 HOH A O   1 
HETATM 1013 O O   . HOH B 2 .   ? 9.049   -5.526  -20.782 1.00 25.56 ? 261 HOH A O   1 
HETATM 1014 O O   . HOH B 2 .   ? -9.688  4.382   2.010   1.00 39.12 ? 262 HOH A O   1 
HETATM 1015 O O   . HOH B 2 .   ? -0.658  15.982  9.551   1.00 18.28 ? 263 HOH A O   1 
HETATM 1016 O O   . HOH B 2 .   ? -10.009 -2.449  9.357   1.00 34.91 ? 264 HOH A O   1 
HETATM 1017 O O   . HOH B 2 .   ? -9.631  10.272  10.476  1.00 30.69 ? 265 HOH A O   1 
HETATM 1018 O O   . HOH B 2 .   ? 15.733  -4.545  0.889   1.00 48.18 ? 266 HOH A O   1 
HETATM 1019 O O   . HOH B 2 .   ? 3.012   -13.186 -12.375 1.00 37.05 ? 267 HOH A O   1 
HETATM 1020 O O   . HOH B 2 .   ? -3.142  8.664   -7.754  1.00 30.10 ? 268 HOH A O   1 
HETATM 1021 O O   . HOH B 2 .   ? -5.998  -11.561 -6.009  1.00 29.87 ? 269 HOH A O   1 
HETATM 1022 O O   . HOH B 2 .   ? -0.352  -11.517 -8.429  1.00 21.98 ? 270 HOH A O   1 
HETATM 1023 O O   . HOH B 2 .   ? -3.267  -8.003  13.550  1.00 28.11 ? 271 HOH A O   1 
HETATM 1024 O O   . HOH B 2 .   ? -7.487  10.794  6.709   1.00 23.19 ? 272 HOH A O   1 
HETATM 1025 O O   . HOH B 2 .   ? -11.337 1.858   3.641   1.00 25.50 ? 273 HOH A O   1 
HETATM 1026 O O   . HOH B 2 .   ? 11.764  -4.390  -8.740  1.00 27.43 ? 274 HOH A O   1 
HETATM 1027 O O   . HOH B 2 .   ? 4.729   -7.749  -5.548  1.00 19.25 ? 275 HOH A O   1 
HETATM 1028 O O   . HOH B 2 .   ? -11.388 -4.099  -18.831 1.00 30.73 ? 276 HOH A O   1 
HETATM 1029 O O   . HOH B 2 .   ? -8.943  2.332   13.851  1.00 25.33 ? 277 HOH A O   1 
HETATM 1030 O O   . HOH B 2 .   ? 7.643   -8.980  -22.088 1.00 26.58 ? 278 HOH A O   1 
HETATM 1031 O O   . HOH B 2 .   ? 5.341   0.274   19.994  1.00 23.24 ? 279 HOH A O   1 
HETATM 1032 O O   . HOH B 2 .   ? -13.722 2.134   -3.647  1.00 25.49 ? 280 HOH A O   1 
HETATM 1033 O O   . HOH B 2 .   ? 14.209  -1.207  5.201   1.00 36.28 ? 281 HOH A O   1 
HETATM 1034 O O   . HOH B 2 .   ? 4.665   -7.177  -8.273  1.00 17.38 ? 282 HOH A O   1 
HETATM 1035 O O   . HOH B 2 .   ? -13.173 -5.848  -12.191 1.00 29.68 ? 283 HOH A O   1 
HETATM 1036 O O   . HOH B 2 .   ? 12.554  -0.719  -7.600  1.00 33.29 ? 284 HOH A O   1 
HETATM 1037 O O   . HOH B 2 .   ? -8.915  5.680   -8.827  1.00 31.35 ? 285 HOH A O   1 
HETATM 1038 O O   . HOH B 2 .   ? 10.726  6.408   17.505  1.00 42.01 ? 286 HOH A O   1 
HETATM 1039 O O   . HOH B 2 .   ? -11.421 3.823   -4.622  1.00 28.01 ? 287 HOH A O   1 
HETATM 1040 O O   . HOH B 2 .   ? -0.103  13.105  6.368   1.00 19.24 ? 288 HOH A O   1 
HETATM 1041 O O   . HOH B 2 .   ? 12.906  -6.030  7.677   1.00 39.75 ? 289 HOH A O   1 
HETATM 1042 O O   . HOH B 2 .   ? -15.642 -11.630 -4.673  1.00 38.23 ? 290 HOH A O   1 
HETATM 1043 O O   . HOH B 2 .   ? 15.488  -2.489  -4.828  1.00 42.37 ? 291 HOH A O   1 
HETATM 1044 O O   . HOH B 2 .   ? 11.670  3.615   -6.365  1.00 28.76 ? 292 HOH A O   1 
HETATM 1045 O O   . HOH B 2 .   ? 13.263  -9.265  -18.848 1.00 49.90 ? 293 HOH A O   1 
HETATM 1046 O O   . HOH B 2 .   ? 8.622   -7.821  -5.045  1.00 29.21 ? 294 HOH A O   1 
HETATM 1047 O O   . HOH B 2 .   ? 6.758   -4.989  3.329   1.00 27.54 ? 295 HOH A O   1 
HETATM 1048 O O   . HOH B 2 .   ? -11.334 2.980   0.790   1.00 31.84 ? 296 HOH A O   1 
HETATM 1049 O O   . HOH B 2 .   ? -6.769  -7.861  -15.741 1.00 30.82 ? 297 HOH A O   1 
HETATM 1050 O O   . HOH B 2 .   ? -11.581 -7.532  -14.271 1.00 33.38 ? 298 HOH A O   1 
HETATM 1051 O O   . HOH B 2 .   ? -4.825  -14.019 -7.105  1.00 37.21 ? 299 HOH A O   1 
HETATM 1052 O O   . HOH B 2 .   ? -10.024 3.610   -7.371  1.00 35.81 ? 300 HOH A O   1 
HETATM 1053 O O   . HOH B 2 .   ? 3.602   -12.387 12.393  1.00 34.19 ? 301 HOH A O   1 
HETATM 1054 O O   . HOH B 2 .   ? -2.591  5.906   -13.639 1.00 31.74 ? 302 HOH A O   1 
HETATM 1055 O O   . HOH B 2 .   ? 6.518   -11.533 -21.856 1.00 33.64 ? 303 HOH A O   1 
HETATM 1056 O O   . HOH B 2 .   ? -0.765  12.414  3.823   1.00 23.44 ? 304 HOH A O   1 
HETATM 1057 O O   . HOH B 2 .   ? -7.813  -9.376  -1.794  1.00 35.05 ? 305 HOH A O   1 
HETATM 1058 O O   . HOH B 2 .   ? 3.025   11.855  0.712   1.00 42.10 ? 306 HOH A O   1 
HETATM 1059 O O   . HOH B 2 .   ? -10.925 2.577   -14.415 1.00 15.47 ? 307 HOH A O   1 
HETATM 1060 O O   . HOH B 2 .   ? -6.828  7.557   -14.332 1.00 27.42 ? 308 HOH A O   1 
HETATM 1061 O O   . HOH B 2 .   ? 11.605  1.050   -12.527 1.00 30.70 ? 309 HOH A O   1 
HETATM 1062 O O   . HOH B 2 .   ? -7.445  11.013  10.503  1.00 27.25 ? 310 HOH A O   1 
HETATM 1063 O O   . HOH B 2 .   ? 4.276   4.553   -14.164 1.00 38.26 ? 311 HOH A O   1 
HETATM 1064 O O   . HOH B 2 .   ? 1.481   7.066   -7.019  1.00 27.26 ? 312 HOH A O   1 
HETATM 1065 O O   . HOH B 2 .   ? 4.063   14.388  5.766   1.00 30.32 ? 313 HOH A O   1 
HETATM 1066 O O   . HOH B 2 .   ? -6.222  -11.162 -3.605  1.00 33.14 ? 314 HOH A O   1 
HETATM 1067 O O   . HOH B 2 .   ? -7.923  9.955   -6.403  1.00 25.95 ? 315 HOH A O   1 
HETATM 1068 O O   . HOH B 2 .   ? 4.462   0.677   26.018  1.00 37.02 ? 316 HOH A O   1 
HETATM 1069 O O   . HOH B 2 .   ? 2.045   9.122   -3.351  1.00 21.89 ? 317 HOH A O   1 
HETATM 1070 O O   . HOH B 2 .   ? -9.579  5.480   -11.428 1.00 19.35 ? 318 HOH A O   1 
HETATM 1071 O O   . HOH B 2 .   ? 15.767  -1.449  12.077  1.00 36.78 ? 319 HOH A O   1 
# 
